data_4JVE
# 
_entry.id   4JVE 
# 
_audit_conform.dict_name       mmcif_pdbx.dic 
_audit_conform.dict_version    5.398 
_audit_conform.dict_location   http://mmcif.pdb.org/dictionaries/ascii/mmcif_pdbx.dic 
# 
loop_
_database_2.database_id 
_database_2.database_code 
_database_2.pdbx_database_accession 
_database_2.pdbx_DOI 
PDB   4JVE         pdb_00004jve 10.2210/pdb4jve/pdb 
RCSB  RCSB078552   ?            ?                   
WWPDB D_1000078552 ?            ?                   
# 
loop_
_pdbx_audit_revision_history.ordinal 
_pdbx_audit_revision_history.data_content_type 
_pdbx_audit_revision_history.major_revision 
_pdbx_audit_revision_history.minor_revision 
_pdbx_audit_revision_history.revision_date 
1 'Structure model' 1 0 2013-05-01 
2 'Structure model' 1 1 2013-06-05 
3 'Structure model' 1 2 2024-11-06 
# 
_pdbx_audit_revision_details.ordinal             1 
_pdbx_audit_revision_details.revision_ordinal    1 
_pdbx_audit_revision_details.data_content_type   'Structure model' 
_pdbx_audit_revision_details.provider            repository 
_pdbx_audit_revision_details.type                'Initial release' 
_pdbx_audit_revision_details.description         ? 
_pdbx_audit_revision_details.details             ? 
# 
loop_
_pdbx_audit_revision_group.ordinal 
_pdbx_audit_revision_group.revision_ordinal 
_pdbx_audit_revision_group.data_content_type 
_pdbx_audit_revision_group.group 
1 2 'Structure model' 'Database references'  
2 3 'Structure model' 'Data collection'      
3 3 'Structure model' 'Database references'  
4 3 'Structure model' 'Derived calculations' 
5 3 'Structure model' 'Structure summary'    
# 
loop_
_pdbx_audit_revision_category.ordinal 
_pdbx_audit_revision_category.revision_ordinal 
_pdbx_audit_revision_category.data_content_type 
_pdbx_audit_revision_category.category 
1 3 'Structure model' chem_comp_atom            
2 3 'Structure model' chem_comp_bond            
3 3 'Structure model' database_2                
4 3 'Structure model' pdbx_entry_details        
5 3 'Structure model' pdbx_modification_feature 
6 3 'Structure model' struct_ref_seq_dif        
7 3 'Structure model' struct_site               
# 
loop_
_pdbx_audit_revision_item.ordinal 
_pdbx_audit_revision_item.revision_ordinal 
_pdbx_audit_revision_item.data_content_type 
_pdbx_audit_revision_item.item 
1 3 'Structure model' '_database_2.pdbx_DOI'                
2 3 'Structure model' '_database_2.pdbx_database_accession' 
3 3 'Structure model' '_struct_ref_seq_dif.details'         
4 3 'Structure model' '_struct_site.pdbx_auth_asym_id'      
5 3 'Structure model' '_struct_site.pdbx_auth_comp_id'      
6 3 'Structure model' '_struct_site.pdbx_auth_seq_id'       
# 
_pdbx_database_status.status_code                     REL 
_pdbx_database_status.entry_id                        4JVE 
_pdbx_database_status.recvd_initial_deposition_date   2013-03-25 
_pdbx_database_status.deposit_site                    RCSB 
_pdbx_database_status.process_site                    RCSB 
_pdbx_database_status.status_code_sf                  REL 
_pdbx_database_status.status_code_mr                  ? 
_pdbx_database_status.SG_entry                        ? 
_pdbx_database_status.status_code_cs                  ? 
_pdbx_database_status.methods_development_category    ? 
_pdbx_database_status.pdb_format_compatible           Y 
_pdbx_database_status.status_code_nmr_data            ? 
# 
loop_
_pdbx_database_related.db_name 
_pdbx_database_related.db_id 
_pdbx_database_related.details 
_pdbx_database_related.content_type 
PDB 4JV7 . unspecified 
PDB 4JV9 . unspecified 
PDB 4JVR . unspecified 
PDB 4JWR . unspecified 
# 
loop_
_audit_author.name 
_audit_author.pdbx_ordinal 
'Huang, X.'                    1  
'Gonzalez-Lopez de Turiso, F.' 2  
'Sun, D.'                      3  
'Yosup, R.'                    4  
'Bartberger, M.D.'             5  
'Beck, H.P.'                   6  
'Cannon, J.'                   7  
'Shaffer, P.'                  8  
'Oliner, J.D.'                 9  
'Olson, S.H.'                  10 
'Medina, J.C.'                 11 
# 
_citation.id                        primary 
_citation.title                     'Rational Design and Binding Mode Duality of MDM2-p53 Inhibitors.' 
_citation.journal_abbrev            J.Med.Chem. 
_citation.journal_volume            56 
_citation.page_first                4053 
_citation.page_last                 4070 
_citation.year                      2013 
_citation.journal_id_ASTM           JMCMAR 
_citation.country                   US 
_citation.journal_id_ISSN           0022-2623 
_citation.journal_id_CSD            0151 
_citation.book_publisher            ? 
_citation.pdbx_database_id_PubMed   23597064 
_citation.pdbx_database_id_DOI      10.1021/jm400293z 
# 
loop_
_citation_author.citation_id 
_citation_author.name 
_citation_author.ordinal 
_citation_author.identifier_ORCID 
primary 'Gonzalez-Lopez de Turiso, F.' 1  ? 
primary 'Sun, D.'                      2  ? 
primary 'Rew, Y.'                      3  ? 
primary 'Bartberger, M.D.'             4  ? 
primary 'Beck, H.P.'                   5  ? 
primary 'Canon, J.'                    6  ? 
primary 'Chen, A.'                     7  ? 
primary 'Chow, D.'                     8  ? 
primary 'Correll, T.L.'                9  ? 
primary 'Huang, X.'                    10 ? 
primary 'Julian, L.D.'                 11 ? 
primary 'Kayser, F.'                   12 ? 
primary 'Lo, M.C.'                     13 ? 
primary 'Long, A.M.'                   14 ? 
primary 'McMinn, D.'                   15 ? 
primary 'Oliner, J.D.'                 16 ? 
primary 'Osgood, T.'                   17 ? 
primary 'Powers, J.P.'                 18 ? 
primary 'Saiki, A.Y.'                  19 ? 
primary 'Schneider, S.'                20 ? 
primary 'Shaffer, P.'                  21 ? 
primary 'Xiao, S.H.'                   22 ? 
primary 'Yakowec, P.'                  23 ? 
primary 'Yan, X.'                      24 ? 
primary 'Ye, Q.'                       25 ? 
primary 'Yu, D.'                       26 ? 
primary 'Zhao, X.'                     27 ? 
primary 'Zhou, J.'                     28 ? 
primary 'Medina, J.C.'                 29 ? 
primary 'Olson, S.H.'                  30 ? 
# 
loop_
_entity.id 
_entity.type 
_entity.src_method 
_entity.pdbx_description 
_entity.formula_weight 
_entity.pdbx_number_of_molecules 
_entity.pdbx_ec 
_entity.pdbx_mutation 
_entity.pdbx_fragment 
_entity.details 
1 polymer     man 'E3 ubiquitin-protein ligase Mdm2'                                                                       
11156.052 1  6.3.2.- ? 'UNP residues 18-111' ? 
2 non-polymer syn '(2R,3E)-2-[(2S,3R,6S)-2,3-bis(4-chlorophenyl)-6-(4-fluorobenzyl)-5-oxomorpholin-4-yl]pent-3-enoic acid' 528.399 
1  ?       ? ?                     ? 
3 water       nat water                                                                                                    18.015 
40 ?       ? ?                     ? 
# 
_entity_name_com.entity_id   1 
_entity_name_com.name        'Double minute 2 protein, Hdm2, Oncoprotein Mdm2, p53-binding protein Mdm2' 
# 
_entity_poly.entity_id                      1 
_entity_poly.type                           'polypeptide(L)' 
_entity_poly.nstd_linkage                   no 
_entity_poly.nstd_monomer                   no 
_entity_poly.pdbx_seq_one_letter_code       
;QIPASEQETLVRPKPLLLKLLKSVGAQKDTYTMKEVLFYLGQYIMTKRLYDEKQQHIVYCSNDLLGDLFGVPSFSVKEHR
KIYTMIYRNLVVVNGS
;
_entity_poly.pdbx_seq_one_letter_code_can   
;QIPASEQETLVRPKPLLLKLLKSVGAQKDTYTMKEVLFYLGQYIMTKRLYDEKQQHIVYCSNDLLGDLFGVPSFSVKEHR
KIYTMIYRNLVVVNGS
;
_entity_poly.pdbx_strand_id                 A 
_entity_poly.pdbx_target_identifier         ? 
# 
loop_
_pdbx_entity_nonpoly.entity_id 
_pdbx_entity_nonpoly.name 
_pdbx_entity_nonpoly.comp_id 
2 '(2R,3E)-2-[(2S,3R,6S)-2,3-bis(4-chlorophenyl)-6-(4-fluorobenzyl)-5-oxomorpholin-4-yl]pent-3-enoic acid' 1MQ 
3 water                                                                                                    HOH 
# 
loop_
_entity_poly_seq.entity_id 
_entity_poly_seq.num 
_entity_poly_seq.mon_id 
_entity_poly_seq.hetero 
1 1  GLN n 
1 2  ILE n 
1 3  PRO n 
1 4  ALA n 
1 5  SER n 
1 6  GLU n 
1 7  GLN n 
1 8  GLU n 
1 9  THR n 
1 10 LEU n 
1 11 VAL n 
1 12 ARG n 
1 13 PRO n 
1 14 LYS n 
1 15 PRO n 
1 16 LEU n 
1 17 LEU n 
1 18 LEU n 
1 19 LYS n 
1 20 LEU n 
1 21 LEU n 
1 22 LYS n 
1 23 SER n 
1 24 VAL n 
1 25 GLY n 
1 26 ALA n 
1 27 GLN n 
1 28 LYS n 
1 29 ASP n 
1 30 THR n 
1 31 TYR n 
1 32 THR n 
1 33 MET n 
1 34 LYS n 
1 35 GLU n 
1 36 VAL n 
1 37 LEU n 
1 38 PHE n 
1 39 TYR n 
1 40 LEU n 
1 41 GLY n 
1 42 GLN n 
1 43 TYR n 
1 44 ILE n 
1 45 MET n 
1 46 THR n 
1 47 LYS n 
1 48 ARG n 
1 49 LEU n 
1 50 TYR n 
1 51 ASP n 
1 52 GLU n 
1 53 LYS n 
1 54 GLN n 
1 55 GLN n 
1 56 HIS n 
1 57 ILE n 
1 58 VAL n 
1 59 TYR n 
1 60 CYS n 
1 61 SER n 
1 62 ASN n 
1 63 ASP n 
1 64 LEU n 
1 65 LEU n 
1 66 GLY n 
1 67 ASP n 
1 68 LEU n 
1 69 PHE n 
1 70 GLY n 
1 71 VAL n 
1 72 PRO n 
1 73 SER n 
1 74 PHE n 
1 75 SER n 
1 76 VAL n 
1 77 LYS n 
1 78 GLU n 
1 79 HIS n 
1 80 ARG n 
1 81 LYS n 
1 82 ILE n 
1 83 TYR n 
1 84 THR n 
1 85 MET n 
1 86 ILE n 
1 87 TYR n 
1 88 ARG n 
1 89 ASN n 
1 90 LEU n 
1 91 VAL n 
1 92 VAL n 
1 93 VAL n 
1 94 ASN n 
1 95 GLY n 
1 96 SER n 
# 
_entity_src_gen.entity_id                          1 
_entity_src_gen.pdbx_src_id                        1 
_entity_src_gen.pdbx_alt_source_flag               sample 
_entity_src_gen.pdbx_seq_type                      ? 
_entity_src_gen.pdbx_beg_seq_num                   ? 
_entity_src_gen.pdbx_end_seq_num                   ? 
_entity_src_gen.gene_src_common_name               human 
_entity_src_gen.gene_src_genus                     ? 
_entity_src_gen.pdbx_gene_src_gene                 MDM2 
_entity_src_gen.gene_src_species                   ? 
_entity_src_gen.gene_src_strain                    ? 
_entity_src_gen.gene_src_tissue                    ? 
_entity_src_gen.gene_src_tissue_fraction           ? 
_entity_src_gen.gene_src_details                   ? 
_entity_src_gen.pdbx_gene_src_fragment             ? 
_entity_src_gen.pdbx_gene_src_scientific_name      'Homo sapiens' 
_entity_src_gen.pdbx_gene_src_ncbi_taxonomy_id     9606 
_entity_src_gen.pdbx_gene_src_variant              ? 
_entity_src_gen.pdbx_gene_src_cell_line            ? 
_entity_src_gen.pdbx_gene_src_atcc                 ? 
_entity_src_gen.pdbx_gene_src_organ                ? 
_entity_src_gen.pdbx_gene_src_organelle            ? 
_entity_src_gen.pdbx_gene_src_cell                 ? 
_entity_src_gen.pdbx_gene_src_cellular_location    ? 
_entity_src_gen.host_org_common_name               ? 
_entity_src_gen.pdbx_host_org_scientific_name      'Escherichia coli' 
_entity_src_gen.pdbx_host_org_ncbi_taxonomy_id     562 
_entity_src_gen.host_org_genus                     ? 
_entity_src_gen.pdbx_host_org_gene                 ? 
_entity_src_gen.pdbx_host_org_organ                ? 
_entity_src_gen.host_org_species                   ? 
_entity_src_gen.pdbx_host_org_tissue               ? 
_entity_src_gen.pdbx_host_org_tissue_fraction      ? 
_entity_src_gen.pdbx_host_org_strain               ? 
_entity_src_gen.pdbx_host_org_variant              ? 
_entity_src_gen.pdbx_host_org_cell_line            ? 
_entity_src_gen.pdbx_host_org_atcc                 ? 
_entity_src_gen.pdbx_host_org_culture_collection   ? 
_entity_src_gen.pdbx_host_org_cell                 ? 
_entity_src_gen.pdbx_host_org_organelle            ? 
_entity_src_gen.pdbx_host_org_cellular_location    ? 
_entity_src_gen.pdbx_host_org_vector_type          ? 
_entity_src_gen.pdbx_host_org_vector               ? 
_entity_src_gen.host_org_details                   ? 
_entity_src_gen.expression_system_id               ? 
_entity_src_gen.plasmid_name                       ? 
_entity_src_gen.plasmid_details                    ? 
_entity_src_gen.pdbx_description                   ? 
# 
loop_
_chem_comp.id 
_chem_comp.type 
_chem_comp.mon_nstd_flag 
_chem_comp.name 
_chem_comp.pdbx_synonyms 
_chem_comp.formula 
_chem_comp.formula_weight 
1MQ non-polymer         . '(2R,3E)-2-[(2S,3R,6S)-2,3-bis(4-chlorophenyl)-6-(4-fluorobenzyl)-5-oxomorpholin-4-yl]pent-3-enoic acid' 
? 'C28 H24 Cl2 F N O4' 528.399 
ALA 'L-peptide linking' y ALANINE                                                                                                  
? 'C3 H7 N O2'         89.093  
ARG 'L-peptide linking' y ARGININE                                                                                                 
? 'C6 H15 N4 O2 1'     175.209 
ASN 'L-peptide linking' y ASPARAGINE                                                                                               
? 'C4 H8 N2 O3'        132.118 
ASP 'L-peptide linking' y 'ASPARTIC ACID'                                                                                          
? 'C4 H7 N O4'         133.103 
CYS 'L-peptide linking' y CYSTEINE                                                                                                 
? 'C3 H7 N O2 S'       121.158 
GLN 'L-peptide linking' y GLUTAMINE                                                                                                
? 'C5 H10 N2 O3'       146.144 
GLU 'L-peptide linking' y 'GLUTAMIC ACID'                                                                                          
? 'C5 H9 N O4'         147.129 
GLY 'peptide linking'   y GLYCINE                                                                                                  
? 'C2 H5 N O2'         75.067  
HIS 'L-peptide linking' y HISTIDINE                                                                                                
? 'C6 H10 N3 O2 1'     156.162 
HOH non-polymer         . WATER                                                                                                    
? 'H2 O'               18.015  
ILE 'L-peptide linking' y ISOLEUCINE                                                                                               
? 'C6 H13 N O2'        131.173 
LEU 'L-peptide linking' y LEUCINE                                                                                                  
? 'C6 H13 N O2'        131.173 
LYS 'L-peptide linking' y LYSINE                                                                                                   
? 'C6 H15 N2 O2 1'     147.195 
MET 'L-peptide linking' y METHIONINE                                                                                               
? 'C5 H11 N O2 S'      149.211 
PHE 'L-peptide linking' y PHENYLALANINE                                                                                            
? 'C9 H11 N O2'        165.189 
PRO 'L-peptide linking' y PROLINE                                                                                                  
? 'C5 H9 N O2'         115.130 
SER 'L-peptide linking' y SERINE                                                                                                   
? 'C3 H7 N O3'         105.093 
THR 'L-peptide linking' y THREONINE                                                                                                
? 'C4 H9 N O3'         119.119 
TYR 'L-peptide linking' y TYROSINE                                                                                                 
? 'C9 H11 N O3'        181.189 
VAL 'L-peptide linking' y VALINE                                                                                                   
? 'C5 H11 N O2'        117.146 
# 
loop_
_pdbx_poly_seq_scheme.asym_id 
_pdbx_poly_seq_scheme.entity_id 
_pdbx_poly_seq_scheme.seq_id 
_pdbx_poly_seq_scheme.mon_id 
_pdbx_poly_seq_scheme.ndb_seq_num 
_pdbx_poly_seq_scheme.pdb_seq_num 
_pdbx_poly_seq_scheme.auth_seq_num 
_pdbx_poly_seq_scheme.pdb_mon_id 
_pdbx_poly_seq_scheme.auth_mon_id 
_pdbx_poly_seq_scheme.pdb_strand_id 
_pdbx_poly_seq_scheme.pdb_ins_code 
_pdbx_poly_seq_scheme.hetero 
A 1 1  GLN 1  18  18  GLN GLN A . n 
A 1 2  ILE 2  19  19  ILE ILE A . n 
A 1 3  PRO 3  20  20  PRO PRO A . n 
A 1 4  ALA 4  21  21  ALA ALA A . n 
A 1 5  SER 5  22  22  SER SER A . n 
A 1 6  GLU 6  23  23  GLU GLU A . n 
A 1 7  GLN 7  24  24  GLN GLN A . n 
A 1 8  GLU 8  25  25  GLU GLU A . n 
A 1 9  THR 9  26  26  THR THR A . n 
A 1 10 LEU 10 27  27  LEU LEU A . n 
A 1 11 VAL 11 28  28  VAL VAL A . n 
A 1 12 ARG 12 29  29  ARG ARG A . n 
A 1 13 PRO 13 30  30  PRO PRO A . n 
A 1 14 LYS 14 31  31  LYS LYS A . n 
A 1 15 PRO 15 32  32  PRO PRO A . n 
A 1 16 LEU 16 33  33  LEU LEU A . n 
A 1 17 LEU 17 34  34  LEU LEU A . n 
A 1 18 LEU 18 35  35  LEU LEU A . n 
A 1 19 LYS 19 36  36  LYS LYS A . n 
A 1 20 LEU 20 37  37  LEU LEU A . n 
A 1 21 LEU 21 38  38  LEU LEU A . n 
A 1 22 LYS 22 39  39  LYS LYS A . n 
A 1 23 SER 23 40  40  SER SER A . n 
A 1 24 VAL 24 41  41  VAL VAL A . n 
A 1 25 GLY 25 42  42  GLY GLY A . n 
A 1 26 ALA 26 43  43  ALA ALA A . n 
A 1 27 GLN 27 44  44  GLN GLN A . n 
A 1 28 LYS 28 45  45  LYS LYS A . n 
A 1 29 ASP 29 46  46  ASP ASP A . n 
A 1 30 THR 30 47  47  THR THR A . n 
A 1 31 TYR 31 48  48  TYR TYR A . n 
A 1 32 THR 32 49  49  THR THR A . n 
A 1 33 MET 33 50  50  MET MET A . n 
A 1 34 LYS 34 51  51  LYS LYS A . n 
A 1 35 GLU 35 52  52  GLU GLU A . n 
A 1 36 VAL 36 53  53  VAL VAL A . n 
A 1 37 LEU 37 54  54  LEU LEU A . n 
A 1 38 PHE 38 55  55  PHE PHE A . n 
A 1 39 TYR 39 56  56  TYR TYR A . n 
A 1 40 LEU 40 57  57  LEU LEU A . n 
A 1 41 GLY 41 58  58  GLY GLY A . n 
A 1 42 GLN 42 59  59  GLN GLN A . n 
A 1 43 TYR 43 60  60  TYR TYR A . n 
A 1 44 ILE 44 61  61  ILE ILE A . n 
A 1 45 MET 45 62  62  MET MET A . n 
A 1 46 THR 46 63  63  THR THR A . n 
A 1 47 LYS 47 64  64  LYS LYS A . n 
A 1 48 ARG 48 65  65  ARG ARG A . n 
A 1 49 LEU 49 66  66  LEU LEU A . n 
A 1 50 TYR 50 67  67  TYR TYR A . n 
A 1 51 ASP 51 68  68  ASP ASP A . n 
A 1 52 GLU 52 69  69  GLU GLU A . n 
A 1 53 LYS 53 70  70  LYS LYS A . n 
A 1 54 GLN 54 71  71  GLN GLN A . n 
A 1 55 GLN 55 72  72  GLN GLN A . n 
A 1 56 HIS 56 73  73  HIS HIS A . n 
A 1 57 ILE 57 74  74  ILE ILE A . n 
A 1 58 VAL 58 75  75  VAL VAL A . n 
A 1 59 TYR 59 76  76  TYR TYR A . n 
A 1 60 CYS 60 77  77  CYS CYS A . n 
A 1 61 SER 61 78  78  SER SER A . n 
A 1 62 ASN 62 79  79  ASN ASN A . n 
A 1 63 ASP 63 80  80  ASP ASP A . n 
A 1 64 LEU 64 81  81  LEU LEU A . n 
A 1 65 LEU 65 82  82  LEU LEU A . n 
A 1 66 GLY 66 83  83  GLY GLY A . n 
A 1 67 ASP 67 84  84  ASP ASP A . n 
A 1 68 LEU 68 85  85  LEU LEU A . n 
A 1 69 PHE 69 86  ?   ?   ?   A . n 
A 1 70 GLY 70 87  87  GLY GLY A . n 
A 1 71 VAL 71 88  88  VAL VAL A . n 
A 1 72 PRO 72 89  89  PRO PRO A . n 
A 1 73 SER 73 90  90  SER SER A . n 
A 1 74 PHE 74 91  91  PHE PHE A . n 
A 1 75 SER 75 92  92  SER SER A . n 
A 1 76 VAL 76 93  93  VAL VAL A . n 
A 1 77 LYS 77 94  94  LYS LYS A . n 
A 1 78 GLU 78 95  95  GLU GLU A . n 
A 1 79 HIS 79 96  96  HIS HIS A . n 
A 1 80 ARG 80 97  97  ARG ARG A . n 
A 1 81 LYS 81 98  98  LYS LYS A . n 
A 1 82 ILE 82 99  99  ILE ILE A . n 
A 1 83 TYR 83 100 100 TYR TYR A . n 
A 1 84 THR 84 101 101 THR THR A . n 
A 1 85 MET 85 102 102 MET MET A . n 
A 1 86 ILE 86 103 103 ILE ILE A . n 
A 1 87 TYR 87 104 104 TYR TYR A . n 
A 1 88 ARG 88 105 105 ARG ARG A . n 
A 1 89 ASN 89 106 106 ASN ASN A . n 
A 1 90 LEU 90 107 107 LEU LEU A . n 
A 1 91 VAL 91 108 108 VAL VAL A . n 
A 1 92 VAL 92 109 109 VAL VAL A . n 
A 1 93 VAL 93 110 110 VAL VAL A . n 
A 1 94 ASN 94 111 ?   ?   ?   A . n 
A 1 95 GLY 95 112 ?   ?   ?   A . n 
A 1 96 SER 96 113 ?   ?   ?   A . n 
# 
loop_
_pdbx_nonpoly_scheme.asym_id 
_pdbx_nonpoly_scheme.entity_id 
_pdbx_nonpoly_scheme.mon_id 
_pdbx_nonpoly_scheme.ndb_seq_num 
_pdbx_nonpoly_scheme.pdb_seq_num 
_pdbx_nonpoly_scheme.auth_seq_num 
_pdbx_nonpoly_scheme.pdb_mon_id 
_pdbx_nonpoly_scheme.auth_mon_id 
_pdbx_nonpoly_scheme.pdb_strand_id 
_pdbx_nonpoly_scheme.pdb_ins_code 
B 2 1MQ 1  201 1   1MQ INH A . 
C 3 HOH 1  301 3   HOH HOH A . 
C 3 HOH 2  302 10  HOH HOH A . 
C 3 HOH 3  303 14  HOH HOH A . 
C 3 HOH 4  304 16  HOH HOH A . 
C 3 HOH 5  305 21  HOH HOH A . 
C 3 HOH 6  306 25  HOH HOH A . 
C 3 HOH 7  307 26  HOH HOH A . 
C 3 HOH 8  308 30  HOH HOH A . 
C 3 HOH 9  309 34  HOH HOH A . 
C 3 HOH 10 310 38  HOH HOH A . 
C 3 HOH 11 311 40  HOH HOH A . 
C 3 HOH 12 312 44  HOH HOH A . 
C 3 HOH 13 313 46  HOH HOH A . 
C 3 HOH 14 314 48  HOH HOH A . 
C 3 HOH 15 315 52  HOH HOH A . 
C 3 HOH 16 316 53  HOH HOH A . 
C 3 HOH 17 317 57  HOH HOH A . 
C 3 HOH 18 318 59  HOH HOH A . 
C 3 HOH 19 319 60  HOH HOH A . 
C 3 HOH 20 320 63  HOH HOH A . 
C 3 HOH 21 321 64  HOH HOH A . 
C 3 HOH 22 322 65  HOH HOH A . 
C 3 HOH 23 323 66  HOH HOH A . 
C 3 HOH 24 324 67  HOH HOH A . 
C 3 HOH 25 325 68  HOH HOH A . 
C 3 HOH 26 326 69  HOH HOH A . 
C 3 HOH 27 327 74  HOH HOH A . 
C 3 HOH 28 328 75  HOH HOH A . 
C 3 HOH 29 329 76  HOH HOH A . 
C 3 HOH 30 330 78  HOH HOH A . 
C 3 HOH 31 331 79  HOH HOH A . 
C 3 HOH 32 332 80  HOH HOH A . 
C 3 HOH 33 333 85  HOH HOH A . 
C 3 HOH 34 334 86  HOH HOH A . 
C 3 HOH 35 335 88  HOH HOH A . 
C 3 HOH 36 336 89  HOH HOH A . 
C 3 HOH 37 337 90  HOH HOH A . 
C 3 HOH 38 338 96  HOH HOH A . 
C 3 HOH 39 339 97  HOH HOH A . 
C 3 HOH 40 340 100 HOH HOH A . 
# 
loop_
_software.name 
_software.classification 
_software.version 
_software.citation_id 
_software.pdbx_ordinal 
HKL-2000  'data collection' . ? 1 
AMoRE     phasing           . ? 2 
CNS       refinement        . ? 3 
DENZO     'data reduction'  . ? 4 
SCALEPACK 'data scaling'    . ? 5 
# 
_cell.entry_id           4JVE 
_cell.length_a           42.014 
_cell.length_b           42.014 
_cell.length_c           119.418 
_cell.angle_alpha        90 
_cell.angle_beta         90 
_cell.angle_gamma        90 
_cell.Z_PDB              8 
_cell.pdbx_unique_axis   ? 
_cell.length_a_esd       ? 
_cell.length_b_esd       ? 
_cell.length_c_esd       ? 
_cell.angle_alpha_esd    ? 
_cell.angle_beta_esd     ? 
_cell.angle_gamma_esd    ? 
# 
_symmetry.entry_id                         4JVE 
_symmetry.space_group_name_H-M             'P 41 21 2' 
_symmetry.pdbx_full_space_group_name_H-M   ? 
_symmetry.cell_setting                     ? 
_symmetry.Int_Tables_number                92 
_symmetry.space_group_name_Hall            ? 
# 
_exptl.entry_id          4JVE 
_exptl.method            'X-RAY DIFFRACTION' 
_exptl.crystals_number   1 
# 
_exptl_crystal.id                    1 
_exptl_crystal.density_meas          ? 
_exptl_crystal.density_Matthews      2.36 
_exptl_crystal.density_percent_sol   47.92 
_exptl_crystal.description           ? 
_exptl_crystal.F_000                 ? 
_exptl_crystal.preparation           ? 
# 
_exptl_crystal_grow.crystal_id      1 
_exptl_crystal_grow.method          'VAPOR DIFFUSION, HANGING DROP' 
_exptl_crystal_grow.temp            277 
_exptl_crystal_grow.temp_details    ? 
_exptl_crystal_grow.pH              9.0 
_exptl_crystal_grow.pdbx_details    
'100 mM Bicine, pH 9.0, 1.6 M ammonium sulfate, VAPOR DIFFUSION, HANGING DROP, temperature 277K' 
_exptl_crystal_grow.pdbx_pH_range   ? 
# 
_diffrn.id                     1 
_diffrn.ambient_temp           100 
_diffrn.ambient_temp_details   ? 
_diffrn.crystal_id             1 
# 
_diffrn_detector.diffrn_id              1 
_diffrn_detector.detector               CCD 
_diffrn_detector.type                   'MARMOSAIC 225 mm CCD' 
_diffrn_detector.pdbx_collection_date   ? 
_diffrn_detector.details                ? 
# 
_diffrn_radiation.diffrn_id                        1 
_diffrn_radiation.wavelength_id                    1 
_diffrn_radiation.pdbx_monochromatic_or_laue_m_l   M 
_diffrn_radiation.monochromator                    'Diamond(111)' 
_diffrn_radiation.pdbx_diffrn_protocol             'SINGLE WAVELENGTH' 
_diffrn_radiation.pdbx_scattering_type             x-ray 
# 
_diffrn_radiation_wavelength.id           1 
_diffrn_radiation_wavelength.wavelength   . 
_diffrn_radiation_wavelength.wt           1.0 
# 
_diffrn_source.diffrn_id                   1 
_diffrn_source.source                      SYNCHROTRON 
_diffrn_source.type                        'APS BEAMLINE 21-ID-F' 
_diffrn_source.pdbx_synchrotron_site       APS 
_diffrn_source.pdbx_synchrotron_beamline   21-ID-F 
_diffrn_source.pdbx_wavelength             ? 
_diffrn_source.pdbx_wavelength_list        ? 
# 
_reflns.entry_id                     4JVE 
_reflns.observed_criterion_sigma_I   -3.0 
_reflns.observed_criterion_sigma_F   ? 
_reflns.d_resolution_low             30.0 
_reflns.d_resolution_high            2.30 
_reflns.number_obs                   5254 
_reflns.number_all                   ? 
_reflns.percent_possible_obs         99.7 
_reflns.pdbx_Rmerge_I_obs            0.078 
_reflns.pdbx_Rsym_value              ? 
_reflns.pdbx_netI_over_sigmaI        ? 
_reflns.B_iso_Wilson_estimate        ? 
_reflns.pdbx_redundancy              ? 
_reflns.R_free_details               ? 
_reflns.limit_h_max                  ? 
_reflns.limit_h_min                  ? 
_reflns.limit_k_max                  ? 
_reflns.limit_k_min                  ? 
_reflns.limit_l_max                  ? 
_reflns.limit_l_min                  ? 
_reflns.observed_criterion_F_max     ? 
_reflns.observed_criterion_F_min     ? 
_reflns.pdbx_chi_squared             ? 
_reflns.pdbx_scaling_rejects         ? 
_reflns.pdbx_ordinal                 1 
_reflns.pdbx_diffrn_id               1 
# 
_reflns_shell.d_res_high             2.30 
_reflns_shell.d_res_low              2.38 
_reflns_shell.percent_possible_all   100 
_reflns_shell.Rmerge_I_obs           0.424 
_reflns_shell.pdbx_Rsym_value        ? 
_reflns_shell.meanI_over_sigI_obs    ? 
_reflns_shell.pdbx_redundancy        ? 
_reflns_shell.percent_possible_obs   ? 
_reflns_shell.number_unique_all      ? 
_reflns_shell.number_measured_all    ? 
_reflns_shell.number_measured_obs    ? 
_reflns_shell.number_unique_obs      ? 
_reflns_shell.pdbx_chi_squared       ? 
_reflns_shell.pdbx_ordinal           1 
_reflns_shell.pdbx_diffrn_id         1 
# 
_refine.entry_id                                 4JVE 
_refine.pdbx_refine_id                           'X-RAY DIFFRACTION' 
_refine.ls_d_res_high                            2.3000 
_refine.ls_d_res_low                             30.0 
_refine.pdbx_ls_sigma_F                          0.0 
_refine.pdbx_data_cutoff_high_absF               ? 
_refine.pdbx_data_cutoff_low_absF                ? 
_refine.ls_percent_reflns_obs                    98.8 
_refine.ls_number_reflns_obs                     5147 
_refine.ls_number_reflns_all                     ? 
_refine.pdbx_ls_cross_valid_method               ? 
_refine.ls_matrix_type                           ? 
_refine.pdbx_R_Free_selection_details            RANDOM 
_refine.details                                  ? 
_refine.ls_R_factor_all                          ? 
_refine.ls_R_factor_obs                          ? 
_refine.ls_R_factor_R_work                       0.268 
_refine.ls_wR_factor_R_work                      ? 
_refine.ls_R_factor_R_free                       0.298 
_refine.ls_wR_factor_R_free                      ? 
_refine.ls_percent_reflns_R_free                 4.6 
_refine.ls_number_reflns_R_free                  238 
_refine.ls_number_reflns_R_work                  4909 
_refine.ls_R_factor_R_free_error                 ? 
_refine.B_iso_mean                               28.9861 
_refine.solvent_model_param_bsol                 ? 
_refine.solvent_model_param_ksol                 ? 
_refine.pdbx_isotropic_thermal_model             ? 
_refine.aniso_B[1][1]                            0.9260 
_refine.aniso_B[2][2]                            0.9260 
_refine.aniso_B[3][3]                            -1.8520 
_refine.aniso_B[1][2]                            0.0000 
_refine.aniso_B[1][3]                            0.0000 
_refine.aniso_B[2][3]                            0.0000 
_refine.correlation_coeff_Fo_to_Fc               ? 
_refine.correlation_coeff_Fo_to_Fc_free          ? 
_refine.overall_SU_R_Cruickshank_DPI             ? 
_refine.pdbx_overall_SU_R_free_Cruickshank_DPI   ? 
_refine.pdbx_overall_SU_R_Blow_DPI               ? 
_refine.pdbx_overall_SU_R_free_Blow_DPI          ? 
_refine.overall_SU_R_free                        ? 
_refine.pdbx_overall_ESU_R                       ? 
_refine.pdbx_overall_ESU_R_Free                  ? 
_refine.overall_SU_ML                            ? 
_refine.overall_SU_B                             ? 
_refine.solvent_model_details                    ? 
_refine.pdbx_solvent_vdw_probe_radii             ? 
_refine.pdbx_solvent_ion_probe_radii             ? 
_refine.pdbx_solvent_shrinkage_radii             ? 
_refine.ls_number_parameters                     ? 
_refine.ls_number_restraints                     ? 
_refine.pdbx_starting_model                      ? 
_refine.pdbx_method_to_determine_struct          'MOLECULAR REPLACEMENT' 
_refine.pdbx_stereochemistry_target_values       'Engh & Huber' 
_refine.pdbx_stereochem_target_val_spec_case     ? 
_refine.overall_FOM_work_R_set                   ? 
_refine.B_iso_max                                71.390 
_refine.B_iso_min                                8.410 
_refine.pdbx_overall_phase_error                 ? 
_refine.occupancy_max                            1.000 
_refine.occupancy_min                            1.000 
_refine.pdbx_ls_sigma_I                          ? 
_refine.ls_redundancy_reflns_obs                 ? 
_refine.ls_R_factor_R_free_error_details         ? 
_refine.pdbx_data_cutoff_high_rms_absF           ? 
_refine.overall_FOM_free_R_set                   ? 
_refine.pdbx_diffrn_id                           1 
_refine.pdbx_TLS_residual_ADP_flag               ? 
# 
_refine_hist.pdbx_refine_id                   'X-RAY DIFFRACTION' 
_refine_hist.cycle_id                         LAST 
_refine_hist.pdbx_number_atoms_protein        754 
_refine_hist.pdbx_number_atoms_nucleic_acid   0 
_refine_hist.pdbx_number_atoms_ligand         36 
_refine_hist.number_atoms_solvent             40 
_refine_hist.number_atoms_total               830 
_refine_hist.d_res_high                       2.3000 
_refine_hist.d_res_low                        30.0 
# 
loop_
_refine_ls_restr.pdbx_refine_id 
_refine_ls_restr.type 
_refine_ls_restr.number 
_refine_ls_restr.dev_ideal 
_refine_ls_restr.dev_ideal_target 
_refine_ls_restr.weight 
_refine_ls_restr.pdbx_restraint_function 
'X-RAY DIFFRACTION' c_mcbond_it  ? 1.511 1.500 ? ? 
'X-RAY DIFFRACTION' c_scbond_it  ? 2.234 2.000 ? ? 
'X-RAY DIFFRACTION' c_mcangle_it ? 2.358 2.000 ? ? 
'X-RAY DIFFRACTION' c_scangle_it ? 3.318 2.500 ? ? 
# 
loop_
_pdbx_xplor_file.pdbx_refine_id 
_pdbx_xplor_file.serial_no 
_pdbx_xplor_file.param_file 
_pdbx_xplor_file.topol_file 
'X-RAY DIFFRACTION' 1 mdm2.param                     ? 
'X-RAY DIFFRACTION' 2 2206089.xprm                   ? 
'X-RAY DIFFRACTION' 3 MSI_CNX_TOPPAR:water_rep.param ? 
# 
_struct.entry_id                  4JVE 
_struct.title                     
;Co-crystal structure of MDM2 with inhibitor (2R,3E)-2-[(2S,3R,6S)-2,3-bis(4-chlorophenyl)-6-(4-fluorobenzyl)-5-oxomorpholin-4-yl]pent-3-enoic acid
;
_struct.pdbx_model_details        ? 
_struct.pdbx_CASP_flag            ? 
_struct.pdbx_model_type_details   ? 
# 
_struct_keywords.entry_id        4JVE 
_struct_keywords.pdbx_keywords   'LIGASE/LIGASE INHIBITOR' 
_struct_keywords.text            'p53, protein-protein interaction, LIGASE-LIGASE INHIBITOR complex' 
# 
loop_
_struct_asym.id 
_struct_asym.pdbx_blank_PDB_chainid_flag 
_struct_asym.pdbx_modified 
_struct_asym.entity_id 
_struct_asym.details 
A N N 1 ? 
B N N 2 ? 
C N N 3 ? 
# 
_struct_ref.id                         1 
_struct_ref.db_name                    UNP 
_struct_ref.db_code                    MDM2_HUMAN 
_struct_ref.pdbx_db_accession          Q00987 
_struct_ref.entity_id                  1 
_struct_ref.pdbx_seq_one_letter_code   
;QIPASEQETLVRPKPLLLKLLKSVGAQKDTYTMKEVLFYLGQYIMTKRLYDEKQQHIVYCSNDLLGDLFGVPSFSVKEHR
KIYTMIYRNLVVVN
;
_struct_ref.pdbx_align_begin           18 
_struct_ref.pdbx_db_isoform            ? 
# 
_struct_ref_seq.align_id                      1 
_struct_ref_seq.ref_id                        1 
_struct_ref_seq.pdbx_PDB_id_code              4JVE 
_struct_ref_seq.pdbx_strand_id                A 
_struct_ref_seq.seq_align_beg                 1 
_struct_ref_seq.pdbx_seq_align_beg_ins_code   ? 
_struct_ref_seq.seq_align_end                 94 
_struct_ref_seq.pdbx_seq_align_end_ins_code   ? 
_struct_ref_seq.pdbx_db_accession             Q00987 
_struct_ref_seq.db_align_beg                  18 
_struct_ref_seq.pdbx_db_align_beg_ins_code    ? 
_struct_ref_seq.db_align_end                  111 
_struct_ref_seq.pdbx_db_align_end_ins_code    ? 
_struct_ref_seq.pdbx_auth_seq_align_beg       18 
_struct_ref_seq.pdbx_auth_seq_align_end       111 
# 
loop_
_struct_ref_seq_dif.align_id 
_struct_ref_seq_dif.pdbx_pdb_id_code 
_struct_ref_seq_dif.mon_id 
_struct_ref_seq_dif.pdbx_pdb_strand_id 
_struct_ref_seq_dif.seq_num 
_struct_ref_seq_dif.pdbx_pdb_ins_code 
_struct_ref_seq_dif.pdbx_seq_db_name 
_struct_ref_seq_dif.pdbx_seq_db_accession_code 
_struct_ref_seq_dif.db_mon_id 
_struct_ref_seq_dif.pdbx_seq_db_seq_num 
_struct_ref_seq_dif.details 
_struct_ref_seq_dif.pdbx_auth_seq_num 
_struct_ref_seq_dif.pdbx_ordinal 
1 4JVE GLY A 95 ? UNP Q00987 ? ? 'expression tag' 112 1 
1 4JVE SER A 96 ? UNP Q00987 ? ? 'expression tag' 113 2 
# 
_pdbx_struct_assembly.id                   1 
_pdbx_struct_assembly.details              author_defined_assembly 
_pdbx_struct_assembly.method_details       ? 
_pdbx_struct_assembly.oligomeric_details   monomeric 
_pdbx_struct_assembly.oligomeric_count     1 
# 
_pdbx_struct_assembly_gen.assembly_id       1 
_pdbx_struct_assembly_gen.oper_expression   1 
_pdbx_struct_assembly_gen.asym_id_list      A,B,C 
# 
_pdbx_struct_oper_list.id                   1 
_pdbx_struct_oper_list.type                 'identity operation' 
_pdbx_struct_oper_list.name                 1_555 
_pdbx_struct_oper_list.symmetry_operation   x,y,z 
_pdbx_struct_oper_list.matrix[1][1]         1.0000000000 
_pdbx_struct_oper_list.matrix[1][2]         0.0000000000 
_pdbx_struct_oper_list.matrix[1][3]         0.0000000000 
_pdbx_struct_oper_list.vector[1]            0.0000000000 
_pdbx_struct_oper_list.matrix[2][1]         0.0000000000 
_pdbx_struct_oper_list.matrix[2][2]         1.0000000000 
_pdbx_struct_oper_list.matrix[2][3]         0.0000000000 
_pdbx_struct_oper_list.vector[2]            0.0000000000 
_pdbx_struct_oper_list.matrix[3][1]         0.0000000000 
_pdbx_struct_oper_list.matrix[3][2]         0.0000000000 
_pdbx_struct_oper_list.matrix[3][3]         1.0000000000 
_pdbx_struct_oper_list.vector[3]            0.0000000000 
# 
_struct_biol.id        1 
_struct_biol.details   ? 
# 
loop_
_struct_conf.conf_type_id 
_struct_conf.id 
_struct_conf.pdbx_PDB_helix_id 
_struct_conf.beg_label_comp_id 
_struct_conf.beg_label_asym_id 
_struct_conf.beg_label_seq_id 
_struct_conf.pdbx_beg_PDB_ins_code 
_struct_conf.end_label_comp_id 
_struct_conf.end_label_asym_id 
_struct_conf.end_label_seq_id 
_struct_conf.pdbx_end_PDB_ins_code 
_struct_conf.beg_auth_comp_id 
_struct_conf.beg_auth_asym_id 
_struct_conf.beg_auth_seq_id 
_struct_conf.end_auth_comp_id 
_struct_conf.end_auth_asym_id 
_struct_conf.end_auth_seq_id 
_struct_conf.pdbx_PDB_helix_class 
_struct_conf.details 
_struct_conf.pdbx_PDB_helix_length 
HELX_P HELX_P1 1 PRO A 3  ? THR A 9  ? PRO A 20 THR A 26  1 ? 7  
HELX_P HELX_P2 2 LYS A 14 ? VAL A 24 ? LYS A 31 VAL A 41  1 ? 11 
HELX_P HELX_P3 3 MET A 33 ? LYS A 47 ? MET A 50 LYS A 64  1 ? 15 
HELX_P HELX_P4 4 ASP A 63 ? LEU A 68 ? ASP A 80 LEU A 85  1 ? 6  
HELX_P HELX_P5 5 GLU A 78 ? ASN A 89 ? GLU A 95 ASN A 106 1 ? 12 
# 
_struct_conf_type.id          HELX_P 
_struct_conf_type.criteria    ? 
_struct_conf_type.reference   ? 
# 
_struct_conn.id                            disulf1 
_struct_conn.conn_type_id                  disulf 
_struct_conn.pdbx_leaving_atom_flag        ? 
_struct_conn.pdbx_PDB_id                   ? 
_struct_conn.ptnr1_label_asym_id           A 
_struct_conn.ptnr1_label_comp_id           CYS 
_struct_conn.ptnr1_label_seq_id            60 
_struct_conn.ptnr1_label_atom_id           SG 
_struct_conn.pdbx_ptnr1_label_alt_id       ? 
_struct_conn.pdbx_ptnr1_PDB_ins_code       ? 
_struct_conn.pdbx_ptnr1_standard_comp_id   ? 
_struct_conn.ptnr1_symmetry                1_555 
_struct_conn.ptnr2_label_asym_id           A 
_struct_conn.ptnr2_label_comp_id           CYS 
_struct_conn.ptnr2_label_seq_id            60 
_struct_conn.ptnr2_label_atom_id           SG 
_struct_conn.pdbx_ptnr2_label_alt_id       ? 
_struct_conn.pdbx_ptnr2_PDB_ins_code       ? 
_struct_conn.ptnr1_auth_asym_id            A 
_struct_conn.ptnr1_auth_comp_id            CYS 
_struct_conn.ptnr1_auth_seq_id             77 
_struct_conn.ptnr2_auth_asym_id            A 
_struct_conn.ptnr2_auth_comp_id            CYS 
_struct_conn.ptnr2_auth_seq_id             77 
_struct_conn.ptnr2_symmetry                7_646 
_struct_conn.pdbx_ptnr3_label_atom_id      ? 
_struct_conn.pdbx_ptnr3_label_seq_id       ? 
_struct_conn.pdbx_ptnr3_label_comp_id      ? 
_struct_conn.pdbx_ptnr3_label_asym_id      ? 
_struct_conn.pdbx_ptnr3_label_alt_id       ? 
_struct_conn.pdbx_ptnr3_PDB_ins_code       ? 
_struct_conn.details                       ? 
_struct_conn.pdbx_dist_value               2.684 
_struct_conn.pdbx_value_order              ? 
_struct_conn.pdbx_role                     ? 
# 
_struct_conn_type.id          disulf 
_struct_conn_type.criteria    ? 
_struct_conn_type.reference   ? 
# 
_pdbx_modification_feature.ordinal                            1 
_pdbx_modification_feature.label_comp_id                      CYS 
_pdbx_modification_feature.label_asym_id                      A 
_pdbx_modification_feature.label_seq_id                       60 
_pdbx_modification_feature.label_alt_id                       ? 
_pdbx_modification_feature.modified_residue_label_comp_id     CYS 
_pdbx_modification_feature.modified_residue_label_asym_id     A 
_pdbx_modification_feature.modified_residue_label_seq_id      60 
_pdbx_modification_feature.modified_residue_label_alt_id      ? 
_pdbx_modification_feature.auth_comp_id                       CYS 
_pdbx_modification_feature.auth_asym_id                       A 
_pdbx_modification_feature.auth_seq_id                        77 
_pdbx_modification_feature.PDB_ins_code                       ? 
_pdbx_modification_feature.symmetry                           1_555 
_pdbx_modification_feature.modified_residue_auth_comp_id      CYS 
_pdbx_modification_feature.modified_residue_auth_asym_id      A 
_pdbx_modification_feature.modified_residue_auth_seq_id       77 
_pdbx_modification_feature.modified_residue_PDB_ins_code      ? 
_pdbx_modification_feature.modified_residue_symmetry          7_646 
_pdbx_modification_feature.comp_id_linking_atom               SG 
_pdbx_modification_feature.modified_residue_id_linking_atom   SG 
_pdbx_modification_feature.modified_residue_id                . 
_pdbx_modification_feature.ref_pcm_id                         . 
_pdbx_modification_feature.ref_comp_id                        . 
_pdbx_modification_feature.type                               None 
_pdbx_modification_feature.category                           'Disulfide bridge' 
# 
loop_
_struct_sheet.id 
_struct_sheet.type 
_struct_sheet.number_strands 
_struct_sheet.details 
A ? 3 ? 
B ? 2 ? 
# 
loop_
_struct_sheet_order.sheet_id 
_struct_sheet_order.range_id_1 
_struct_sheet_order.range_id_2 
_struct_sheet_order.offset 
_struct_sheet_order.sense 
A 1 2 ? anti-parallel 
A 2 3 ? anti-parallel 
B 1 2 ? anti-parallel 
# 
loop_
_struct_sheet_range.sheet_id 
_struct_sheet_range.id 
_struct_sheet_range.beg_label_comp_id 
_struct_sheet_range.beg_label_asym_id 
_struct_sheet_range.beg_label_seq_id 
_struct_sheet_range.pdbx_beg_PDB_ins_code 
_struct_sheet_range.end_label_comp_id 
_struct_sheet_range.end_label_asym_id 
_struct_sheet_range.end_label_seq_id 
_struct_sheet_range.pdbx_end_PDB_ins_code 
_struct_sheet_range.beg_auth_comp_id 
_struct_sheet_range.beg_auth_asym_id 
_struct_sheet_range.beg_auth_seq_id 
_struct_sheet_range.end_auth_comp_id 
_struct_sheet_range.end_auth_asym_id 
_struct_sheet_range.end_auth_seq_id 
A 1 TYR A 31 ? THR A 32 ? TYR A 48  THR A 49  
A 2 LEU A 10 ? PRO A 13 ? LEU A 27  PRO A 30  
A 3 LEU A 90 ? VAL A 92 ? LEU A 107 VAL A 109 
B 1 HIS A 56 ? ILE A 57 ? HIS A 73  ILE A 74  
B 2 PHE A 74 ? SER A 75 ? PHE A 91  SER A 92  
# 
loop_
_pdbx_struct_sheet_hbond.sheet_id 
_pdbx_struct_sheet_hbond.range_id_1 
_pdbx_struct_sheet_hbond.range_id_2 
_pdbx_struct_sheet_hbond.range_1_label_atom_id 
_pdbx_struct_sheet_hbond.range_1_label_comp_id 
_pdbx_struct_sheet_hbond.range_1_label_asym_id 
_pdbx_struct_sheet_hbond.range_1_label_seq_id 
_pdbx_struct_sheet_hbond.range_1_PDB_ins_code 
_pdbx_struct_sheet_hbond.range_1_auth_atom_id 
_pdbx_struct_sheet_hbond.range_1_auth_comp_id 
_pdbx_struct_sheet_hbond.range_1_auth_asym_id 
_pdbx_struct_sheet_hbond.range_1_auth_seq_id 
_pdbx_struct_sheet_hbond.range_2_label_atom_id 
_pdbx_struct_sheet_hbond.range_2_label_comp_id 
_pdbx_struct_sheet_hbond.range_2_label_asym_id 
_pdbx_struct_sheet_hbond.range_2_label_seq_id 
_pdbx_struct_sheet_hbond.range_2_PDB_ins_code 
_pdbx_struct_sheet_hbond.range_2_auth_atom_id 
_pdbx_struct_sheet_hbond.range_2_auth_comp_id 
_pdbx_struct_sheet_hbond.range_2_auth_asym_id 
_pdbx_struct_sheet_hbond.range_2_auth_seq_id 
A 1 2 O TYR A 31 ? O TYR A 48 N VAL A 11 ? N VAL A 28  
A 2 3 N ARG A 12 ? N ARG A 29 O VAL A 91 ? O VAL A 108 
B 1 2 N ILE A 57 ? N ILE A 74 O PHE A 74 ? O PHE A 91  
# 
_struct_site.id                   AC1 
_struct_site.pdbx_evidence_code   Software 
_struct_site.pdbx_auth_asym_id    A 
_struct_site.pdbx_auth_comp_id    1MQ 
_struct_site.pdbx_auth_seq_id     201 
_struct_site.pdbx_auth_ins_code   ? 
_struct_site.pdbx_num_residues    10 
_struct_site.details              'BINDING SITE FOR RESIDUE 1MQ A 201' 
# 
loop_
_struct_site_gen.id 
_struct_site_gen.site_id 
_struct_site_gen.pdbx_num_res 
_struct_site_gen.label_comp_id 
_struct_site_gen.label_asym_id 
_struct_site_gen.label_seq_id 
_struct_site_gen.pdbx_auth_ins_code 
_struct_site_gen.auth_comp_id 
_struct_site_gen.auth_asym_id 
_struct_site_gen.auth_seq_id 
_struct_site_gen.label_atom_id 
_struct_site_gen.label_alt_id 
_struct_site_gen.symmetry 
_struct_site_gen.details 
1  AC1 10 ARG A 12 ? ARG A 29  . ? 6_445 ? 
2  AC1 10 LEU A 37 ? LEU A 54  . ? 1_555 ? 
3  AC1 10 PHE A 38 ? PHE A 55  . ? 1_555 ? 
4  AC1 10 LEU A 40 ? LEU A 57  . ? 1_555 ? 
5  AC1 10 GLY A 41 ? GLY A 58  . ? 1_555 ? 
6  AC1 10 GLN A 42 ? GLN A 59  . ? 1_555 ? 
7  AC1 10 MET A 45 ? MET A 62  . ? 1_555 ? 
8  AC1 10 ILE A 82 ? ILE A 99  . ? 1_555 ? 
9  AC1 10 HOH C .  ? HOH A 314 . ? 1_555 ? 
10 AC1 10 HOH C .  ? HOH A 336 . ? 1_555 ? 
# 
_pdbx_entry_details.entry_id                   4JVE 
_pdbx_entry_details.compound_details           ? 
_pdbx_entry_details.source_details             ? 
_pdbx_entry_details.nonpolymer_details         ? 
_pdbx_entry_details.sequence_details           ? 
_pdbx_entry_details.has_ligand_of_interest     ? 
_pdbx_entry_details.has_protein_modification   Y 
# 
_pdbx_validate_torsion.id              1 
_pdbx_validate_torsion.PDB_model_num   1 
_pdbx_validate_torsion.auth_comp_id    THR 
_pdbx_validate_torsion.auth_asym_id    A 
_pdbx_validate_torsion.auth_seq_id     26 
_pdbx_validate_torsion.PDB_ins_code    ? 
_pdbx_validate_torsion.label_alt_id    ? 
_pdbx_validate_torsion.phi             -37.12 
_pdbx_validate_torsion.psi             120.02 
# 
loop_
_pdbx_unobs_or_zero_occ_residues.id 
_pdbx_unobs_or_zero_occ_residues.PDB_model_num 
_pdbx_unobs_or_zero_occ_residues.polymer_flag 
_pdbx_unobs_or_zero_occ_residues.occupancy_flag 
_pdbx_unobs_or_zero_occ_residues.auth_asym_id 
_pdbx_unobs_or_zero_occ_residues.auth_comp_id 
_pdbx_unobs_or_zero_occ_residues.auth_seq_id 
_pdbx_unobs_or_zero_occ_residues.PDB_ins_code 
_pdbx_unobs_or_zero_occ_residues.label_asym_id 
_pdbx_unobs_or_zero_occ_residues.label_comp_id 
_pdbx_unobs_or_zero_occ_residues.label_seq_id 
1 1 Y 1 A PHE 86  ? A PHE 69 
2 1 Y 1 A ASN 111 ? A ASN 94 
3 1 Y 1 A GLY 112 ? A GLY 95 
4 1 Y 1 A SER 113 ? A SER 96 
# 
loop_
_chem_comp_atom.comp_id 
_chem_comp_atom.atom_id 
_chem_comp_atom.type_symbol 
_chem_comp_atom.pdbx_aromatic_flag 
_chem_comp_atom.pdbx_stereo_config 
_chem_comp_atom.pdbx_ordinal 
1MQ C3   C  Y N 1   
1MQ C2   C  Y N 2   
1MQ C1   C  Y N 3   
1MQ CL1  CL N N 4   
1MQ C4   C  Y N 5   
1MQ C5   C  Y N 6   
1MQ C6   C  Y N 7   
1MQ C7   C  N R 8   
1MQ N1   N  N N 9   
1MQ C8   C  N R 10  
1MQ C9   C  N N 11  
1MQ O1   O  N N 12  
1MQ C10  C  N S 13  
1MQ C11  C  N N 14  
1MQ C12  C  Y N 15  
1MQ C13  C  Y N 16  
1MQ C14  C  Y N 17  
1MQ C15  C  Y N 18  
1MQ C16  C  Y N 19  
1MQ C17  C  Y N 20  
1MQ O2   O  N N 21  
1MQ C18  C  N S 22  
1MQ C19  C  Y N 23  
1MQ C20  C  Y N 24  
1MQ C21  C  Y N 25  
1MQ C22  C  Y N 26  
1MQ CL2  CL N N 27  
1MQ C23  C  Y N 28  
1MQ C24  C  Y N 29  
1MQ C25  C  N N 30  
1MQ C26  C  N N 31  
1MQ O3   O  N N 32  
1MQ O4   O  N N 33  
1MQ C27  C  N N 34  
1MQ C28  C  N N 35  
1MQ F1   F  N N 36  
1MQ H1   H  N N 37  
1MQ H2   H  N N 38  
1MQ H3   H  N N 39  
1MQ H4   H  N N 40  
1MQ H5   H  N N 41  
1MQ H6   H  N N 42  
1MQ H7   H  N N 43  
1MQ H8   H  N N 44  
1MQ H9   H  N N 45  
1MQ H10  H  N N 46  
1MQ H11  H  N N 47  
1MQ H12  H  N N 48  
1MQ H13  H  N N 49  
1MQ H14  H  N N 50  
1MQ H15  H  N N 51  
1MQ H16  H  N N 52  
1MQ H17  H  N N 53  
1MQ H18  H  N N 54  
1MQ H19  H  N N 55  
1MQ H20  H  N N 56  
1MQ H21  H  N N 57  
1MQ H22  H  N N 58  
1MQ H23  H  N N 59  
1MQ H24  H  N N 60  
ALA N    N  N N 61  
ALA CA   C  N S 62  
ALA C    C  N N 63  
ALA O    O  N N 64  
ALA CB   C  N N 65  
ALA OXT  O  N N 66  
ALA H    H  N N 67  
ALA H2   H  N N 68  
ALA HA   H  N N 69  
ALA HB1  H  N N 70  
ALA HB2  H  N N 71  
ALA HB3  H  N N 72  
ALA HXT  H  N N 73  
ARG N    N  N N 74  
ARG CA   C  N S 75  
ARG C    C  N N 76  
ARG O    O  N N 77  
ARG CB   C  N N 78  
ARG CG   C  N N 79  
ARG CD   C  N N 80  
ARG NE   N  N N 81  
ARG CZ   C  N N 82  
ARG NH1  N  N N 83  
ARG NH2  N  N N 84  
ARG OXT  O  N N 85  
ARG H    H  N N 86  
ARG H2   H  N N 87  
ARG HA   H  N N 88  
ARG HB2  H  N N 89  
ARG HB3  H  N N 90  
ARG HG2  H  N N 91  
ARG HG3  H  N N 92  
ARG HD2  H  N N 93  
ARG HD3  H  N N 94  
ARG HE   H  N N 95  
ARG HH11 H  N N 96  
ARG HH12 H  N N 97  
ARG HH21 H  N N 98  
ARG HH22 H  N N 99  
ARG HXT  H  N N 100 
ASN N    N  N N 101 
ASN CA   C  N S 102 
ASN C    C  N N 103 
ASN O    O  N N 104 
ASN CB   C  N N 105 
ASN CG   C  N N 106 
ASN OD1  O  N N 107 
ASN ND2  N  N N 108 
ASN OXT  O  N N 109 
ASN H    H  N N 110 
ASN H2   H  N N 111 
ASN HA   H  N N 112 
ASN HB2  H  N N 113 
ASN HB3  H  N N 114 
ASN HD21 H  N N 115 
ASN HD22 H  N N 116 
ASN HXT  H  N N 117 
ASP N    N  N N 118 
ASP CA   C  N S 119 
ASP C    C  N N 120 
ASP O    O  N N 121 
ASP CB   C  N N 122 
ASP CG   C  N N 123 
ASP OD1  O  N N 124 
ASP OD2  O  N N 125 
ASP OXT  O  N N 126 
ASP H    H  N N 127 
ASP H2   H  N N 128 
ASP HA   H  N N 129 
ASP HB2  H  N N 130 
ASP HB3  H  N N 131 
ASP HD2  H  N N 132 
ASP HXT  H  N N 133 
CYS N    N  N N 134 
CYS CA   C  N R 135 
CYS C    C  N N 136 
CYS O    O  N N 137 
CYS CB   C  N N 138 
CYS SG   S  N N 139 
CYS OXT  O  N N 140 
CYS H    H  N N 141 
CYS H2   H  N N 142 
CYS HA   H  N N 143 
CYS HB2  H  N N 144 
CYS HB3  H  N N 145 
CYS HG   H  N N 146 
CYS HXT  H  N N 147 
GLN N    N  N N 148 
GLN CA   C  N S 149 
GLN C    C  N N 150 
GLN O    O  N N 151 
GLN CB   C  N N 152 
GLN CG   C  N N 153 
GLN CD   C  N N 154 
GLN OE1  O  N N 155 
GLN NE2  N  N N 156 
GLN OXT  O  N N 157 
GLN H    H  N N 158 
GLN H2   H  N N 159 
GLN HA   H  N N 160 
GLN HB2  H  N N 161 
GLN HB3  H  N N 162 
GLN HG2  H  N N 163 
GLN HG3  H  N N 164 
GLN HE21 H  N N 165 
GLN HE22 H  N N 166 
GLN HXT  H  N N 167 
GLU N    N  N N 168 
GLU CA   C  N S 169 
GLU C    C  N N 170 
GLU O    O  N N 171 
GLU CB   C  N N 172 
GLU CG   C  N N 173 
GLU CD   C  N N 174 
GLU OE1  O  N N 175 
GLU OE2  O  N N 176 
GLU OXT  O  N N 177 
GLU H    H  N N 178 
GLU H2   H  N N 179 
GLU HA   H  N N 180 
GLU HB2  H  N N 181 
GLU HB3  H  N N 182 
GLU HG2  H  N N 183 
GLU HG3  H  N N 184 
GLU HE2  H  N N 185 
GLU HXT  H  N N 186 
GLY N    N  N N 187 
GLY CA   C  N N 188 
GLY C    C  N N 189 
GLY O    O  N N 190 
GLY OXT  O  N N 191 
GLY H    H  N N 192 
GLY H2   H  N N 193 
GLY HA2  H  N N 194 
GLY HA3  H  N N 195 
GLY HXT  H  N N 196 
HIS N    N  N N 197 
HIS CA   C  N S 198 
HIS C    C  N N 199 
HIS O    O  N N 200 
HIS CB   C  N N 201 
HIS CG   C  Y N 202 
HIS ND1  N  Y N 203 
HIS CD2  C  Y N 204 
HIS CE1  C  Y N 205 
HIS NE2  N  Y N 206 
HIS OXT  O  N N 207 
HIS H    H  N N 208 
HIS H2   H  N N 209 
HIS HA   H  N N 210 
HIS HB2  H  N N 211 
HIS HB3  H  N N 212 
HIS HD1  H  N N 213 
HIS HD2  H  N N 214 
HIS HE1  H  N N 215 
HIS HE2  H  N N 216 
HIS HXT  H  N N 217 
HOH O    O  N N 218 
HOH H1   H  N N 219 
HOH H2   H  N N 220 
ILE N    N  N N 221 
ILE CA   C  N S 222 
ILE C    C  N N 223 
ILE O    O  N N 224 
ILE CB   C  N S 225 
ILE CG1  C  N N 226 
ILE CG2  C  N N 227 
ILE CD1  C  N N 228 
ILE OXT  O  N N 229 
ILE H    H  N N 230 
ILE H2   H  N N 231 
ILE HA   H  N N 232 
ILE HB   H  N N 233 
ILE HG12 H  N N 234 
ILE HG13 H  N N 235 
ILE HG21 H  N N 236 
ILE HG22 H  N N 237 
ILE HG23 H  N N 238 
ILE HD11 H  N N 239 
ILE HD12 H  N N 240 
ILE HD13 H  N N 241 
ILE HXT  H  N N 242 
LEU N    N  N N 243 
LEU CA   C  N S 244 
LEU C    C  N N 245 
LEU O    O  N N 246 
LEU CB   C  N N 247 
LEU CG   C  N N 248 
LEU CD1  C  N N 249 
LEU CD2  C  N N 250 
LEU OXT  O  N N 251 
LEU H    H  N N 252 
LEU H2   H  N N 253 
LEU HA   H  N N 254 
LEU HB2  H  N N 255 
LEU HB3  H  N N 256 
LEU HG   H  N N 257 
LEU HD11 H  N N 258 
LEU HD12 H  N N 259 
LEU HD13 H  N N 260 
LEU HD21 H  N N 261 
LEU HD22 H  N N 262 
LEU HD23 H  N N 263 
LEU HXT  H  N N 264 
LYS N    N  N N 265 
LYS CA   C  N S 266 
LYS C    C  N N 267 
LYS O    O  N N 268 
LYS CB   C  N N 269 
LYS CG   C  N N 270 
LYS CD   C  N N 271 
LYS CE   C  N N 272 
LYS NZ   N  N N 273 
LYS OXT  O  N N 274 
LYS H    H  N N 275 
LYS H2   H  N N 276 
LYS HA   H  N N 277 
LYS HB2  H  N N 278 
LYS HB3  H  N N 279 
LYS HG2  H  N N 280 
LYS HG3  H  N N 281 
LYS HD2  H  N N 282 
LYS HD3  H  N N 283 
LYS HE2  H  N N 284 
LYS HE3  H  N N 285 
LYS HZ1  H  N N 286 
LYS HZ2  H  N N 287 
LYS HZ3  H  N N 288 
LYS HXT  H  N N 289 
MET N    N  N N 290 
MET CA   C  N S 291 
MET C    C  N N 292 
MET O    O  N N 293 
MET CB   C  N N 294 
MET CG   C  N N 295 
MET SD   S  N N 296 
MET CE   C  N N 297 
MET OXT  O  N N 298 
MET H    H  N N 299 
MET H2   H  N N 300 
MET HA   H  N N 301 
MET HB2  H  N N 302 
MET HB3  H  N N 303 
MET HG2  H  N N 304 
MET HG3  H  N N 305 
MET HE1  H  N N 306 
MET HE2  H  N N 307 
MET HE3  H  N N 308 
MET HXT  H  N N 309 
PHE N    N  N N 310 
PHE CA   C  N S 311 
PHE C    C  N N 312 
PHE O    O  N N 313 
PHE CB   C  N N 314 
PHE CG   C  Y N 315 
PHE CD1  C  Y N 316 
PHE CD2  C  Y N 317 
PHE CE1  C  Y N 318 
PHE CE2  C  Y N 319 
PHE CZ   C  Y N 320 
PHE OXT  O  N N 321 
PHE H    H  N N 322 
PHE H2   H  N N 323 
PHE HA   H  N N 324 
PHE HB2  H  N N 325 
PHE HB3  H  N N 326 
PHE HD1  H  N N 327 
PHE HD2  H  N N 328 
PHE HE1  H  N N 329 
PHE HE2  H  N N 330 
PHE HZ   H  N N 331 
PHE HXT  H  N N 332 
PRO N    N  N N 333 
PRO CA   C  N S 334 
PRO C    C  N N 335 
PRO O    O  N N 336 
PRO CB   C  N N 337 
PRO CG   C  N N 338 
PRO CD   C  N N 339 
PRO OXT  O  N N 340 
PRO H    H  N N 341 
PRO HA   H  N N 342 
PRO HB2  H  N N 343 
PRO HB3  H  N N 344 
PRO HG2  H  N N 345 
PRO HG3  H  N N 346 
PRO HD2  H  N N 347 
PRO HD3  H  N N 348 
PRO HXT  H  N N 349 
SER N    N  N N 350 
SER CA   C  N S 351 
SER C    C  N N 352 
SER O    O  N N 353 
SER CB   C  N N 354 
SER OG   O  N N 355 
SER OXT  O  N N 356 
SER H    H  N N 357 
SER H2   H  N N 358 
SER HA   H  N N 359 
SER HB2  H  N N 360 
SER HB3  H  N N 361 
SER HG   H  N N 362 
SER HXT  H  N N 363 
THR N    N  N N 364 
THR CA   C  N S 365 
THR C    C  N N 366 
THR O    O  N N 367 
THR CB   C  N R 368 
THR OG1  O  N N 369 
THR CG2  C  N N 370 
THR OXT  O  N N 371 
THR H    H  N N 372 
THR H2   H  N N 373 
THR HA   H  N N 374 
THR HB   H  N N 375 
THR HG1  H  N N 376 
THR HG21 H  N N 377 
THR HG22 H  N N 378 
THR HG23 H  N N 379 
THR HXT  H  N N 380 
TYR N    N  N N 381 
TYR CA   C  N S 382 
TYR C    C  N N 383 
TYR O    O  N N 384 
TYR CB   C  N N 385 
TYR CG   C  Y N 386 
TYR CD1  C  Y N 387 
TYR CD2  C  Y N 388 
TYR CE1  C  Y N 389 
TYR CE2  C  Y N 390 
TYR CZ   C  Y N 391 
TYR OH   O  N N 392 
TYR OXT  O  N N 393 
TYR H    H  N N 394 
TYR H2   H  N N 395 
TYR HA   H  N N 396 
TYR HB2  H  N N 397 
TYR HB3  H  N N 398 
TYR HD1  H  N N 399 
TYR HD2  H  N N 400 
TYR HE1  H  N N 401 
TYR HE2  H  N N 402 
TYR HH   H  N N 403 
TYR HXT  H  N N 404 
VAL N    N  N N 405 
VAL CA   C  N S 406 
VAL C    C  N N 407 
VAL O    O  N N 408 
VAL CB   C  N N 409 
VAL CG1  C  N N 410 
VAL CG2  C  N N 411 
VAL OXT  O  N N 412 
VAL H    H  N N 413 
VAL H2   H  N N 414 
VAL HA   H  N N 415 
VAL HB   H  N N 416 
VAL HG11 H  N N 417 
VAL HG12 H  N N 418 
VAL HG13 H  N N 419 
VAL HG21 H  N N 420 
VAL HG22 H  N N 421 
VAL HG23 H  N N 422 
VAL HXT  H  N N 423 
# 
loop_
_chem_comp_bond.comp_id 
_chem_comp_bond.atom_id_1 
_chem_comp_bond.atom_id_2 
_chem_comp_bond.value_order 
_chem_comp_bond.pdbx_aromatic_flag 
_chem_comp_bond.pdbx_stereo_config 
_chem_comp_bond.pdbx_ordinal 
1MQ C16 C17  doub Y N 1   
1MQ C16 C15  sing Y N 2   
1MQ C17 C12  sing Y N 3   
1MQ F1  C15  sing N N 4   
1MQ C15 C14  doub Y N 5   
1MQ C12 C11  sing N N 6   
1MQ C12 C13  doub Y N 7   
1MQ C11 C10  sing N N 8   
1MQ C14 C13  sing Y N 9   
1MQ O1  C9   doub N N 10  
1MQ C10 C9   sing N N 11  
1MQ C10 O2   sing N N 12  
1MQ C9  N1   sing N N 13  
1MQ O2  C18  sing N N 14  
1MQ C5  C4   doub Y N 15  
1MQ C5  C6   sing Y N 16  
1MQ N1  C8   sing N N 17  
1MQ N1  C7   sing N N 18  
1MQ C4  C1   sing Y N 19  
1MQ C18 C7   sing N N 20  
1MQ C18 C19  sing N N 21  
1MQ C8  C26  sing N N 22  
1MQ C8  C25  sing N N 23  
1MQ O3  C26  doub N N 24  
1MQ C24 C19  doub Y N 25  
1MQ C24 C23  sing Y N 26  
1MQ C7  C6   sing N N 27  
1MQ C6  C3   doub Y N 28  
1MQ C27 C25  doub N E 29  
1MQ C27 C28  sing N N 30  
1MQ C26 O4   sing N N 31  
1MQ C19 C20  sing Y N 32  
1MQ C1  CL1  sing N N 33  
1MQ C1  C2   doub Y N 34  
1MQ C23 C22  doub Y N 35  
1MQ C3  C2   sing Y N 36  
1MQ C20 C21  doub Y N 37  
1MQ C22 C21  sing Y N 38  
1MQ C22 CL2  sing N N 39  
1MQ C3  H1   sing N N 40  
1MQ C2  H2   sing N N 41  
1MQ C4  H3   sing N N 42  
1MQ C5  H4   sing N N 43  
1MQ C7  H5   sing N N 44  
1MQ C8  H6   sing N N 45  
1MQ C10 H7   sing N N 46  
1MQ C11 H8   sing N N 47  
1MQ C11 H9   sing N N 48  
1MQ C13 H10  sing N N 49  
1MQ C14 H11  sing N N 50  
1MQ C16 H12  sing N N 51  
1MQ C17 H13  sing N N 52  
1MQ C18 H14  sing N N 53  
1MQ C20 H15  sing N N 54  
1MQ C21 H16  sing N N 55  
1MQ C23 H17  sing N N 56  
1MQ C24 H18  sing N N 57  
1MQ C25 H19  sing N N 58  
1MQ O4  H20  sing N N 59  
1MQ C27 H21  sing N N 60  
1MQ C28 H22  sing N N 61  
1MQ C28 H23  sing N N 62  
1MQ C28 H24  sing N N 63  
ALA N   CA   sing N N 64  
ALA N   H    sing N N 65  
ALA N   H2   sing N N 66  
ALA CA  C    sing N N 67  
ALA CA  CB   sing N N 68  
ALA CA  HA   sing N N 69  
ALA C   O    doub N N 70  
ALA C   OXT  sing N N 71  
ALA CB  HB1  sing N N 72  
ALA CB  HB2  sing N N 73  
ALA CB  HB3  sing N N 74  
ALA OXT HXT  sing N N 75  
ARG N   CA   sing N N 76  
ARG N   H    sing N N 77  
ARG N   H2   sing N N 78  
ARG CA  C    sing N N 79  
ARG CA  CB   sing N N 80  
ARG CA  HA   sing N N 81  
ARG C   O    doub N N 82  
ARG C   OXT  sing N N 83  
ARG CB  CG   sing N N 84  
ARG CB  HB2  sing N N 85  
ARG CB  HB3  sing N N 86  
ARG CG  CD   sing N N 87  
ARG CG  HG2  sing N N 88  
ARG CG  HG3  sing N N 89  
ARG CD  NE   sing N N 90  
ARG CD  HD2  sing N N 91  
ARG CD  HD3  sing N N 92  
ARG NE  CZ   sing N N 93  
ARG NE  HE   sing N N 94  
ARG CZ  NH1  sing N N 95  
ARG CZ  NH2  doub N N 96  
ARG NH1 HH11 sing N N 97  
ARG NH1 HH12 sing N N 98  
ARG NH2 HH21 sing N N 99  
ARG NH2 HH22 sing N N 100 
ARG OXT HXT  sing N N 101 
ASN N   CA   sing N N 102 
ASN N   H    sing N N 103 
ASN N   H2   sing N N 104 
ASN CA  C    sing N N 105 
ASN CA  CB   sing N N 106 
ASN CA  HA   sing N N 107 
ASN C   O    doub N N 108 
ASN C   OXT  sing N N 109 
ASN CB  CG   sing N N 110 
ASN CB  HB2  sing N N 111 
ASN CB  HB3  sing N N 112 
ASN CG  OD1  doub N N 113 
ASN CG  ND2  sing N N 114 
ASN ND2 HD21 sing N N 115 
ASN ND2 HD22 sing N N 116 
ASN OXT HXT  sing N N 117 
ASP N   CA   sing N N 118 
ASP N   H    sing N N 119 
ASP N   H2   sing N N 120 
ASP CA  C    sing N N 121 
ASP CA  CB   sing N N 122 
ASP CA  HA   sing N N 123 
ASP C   O    doub N N 124 
ASP C   OXT  sing N N 125 
ASP CB  CG   sing N N 126 
ASP CB  HB2  sing N N 127 
ASP CB  HB3  sing N N 128 
ASP CG  OD1  doub N N 129 
ASP CG  OD2  sing N N 130 
ASP OD2 HD2  sing N N 131 
ASP OXT HXT  sing N N 132 
CYS N   CA   sing N N 133 
CYS N   H    sing N N 134 
CYS N   H2   sing N N 135 
CYS CA  C    sing N N 136 
CYS CA  CB   sing N N 137 
CYS CA  HA   sing N N 138 
CYS C   O    doub N N 139 
CYS C   OXT  sing N N 140 
CYS CB  SG   sing N N 141 
CYS CB  HB2  sing N N 142 
CYS CB  HB3  sing N N 143 
CYS SG  HG   sing N N 144 
CYS OXT HXT  sing N N 145 
GLN N   CA   sing N N 146 
GLN N   H    sing N N 147 
GLN N   H2   sing N N 148 
GLN CA  C    sing N N 149 
GLN CA  CB   sing N N 150 
GLN CA  HA   sing N N 151 
GLN C   O    doub N N 152 
GLN C   OXT  sing N N 153 
GLN CB  CG   sing N N 154 
GLN CB  HB2  sing N N 155 
GLN CB  HB3  sing N N 156 
GLN CG  CD   sing N N 157 
GLN CG  HG2  sing N N 158 
GLN CG  HG3  sing N N 159 
GLN CD  OE1  doub N N 160 
GLN CD  NE2  sing N N 161 
GLN NE2 HE21 sing N N 162 
GLN NE2 HE22 sing N N 163 
GLN OXT HXT  sing N N 164 
GLU N   CA   sing N N 165 
GLU N   H    sing N N 166 
GLU N   H2   sing N N 167 
GLU CA  C    sing N N 168 
GLU CA  CB   sing N N 169 
GLU CA  HA   sing N N 170 
GLU C   O    doub N N 171 
GLU C   OXT  sing N N 172 
GLU CB  CG   sing N N 173 
GLU CB  HB2  sing N N 174 
GLU CB  HB3  sing N N 175 
GLU CG  CD   sing N N 176 
GLU CG  HG2  sing N N 177 
GLU CG  HG3  sing N N 178 
GLU CD  OE1  doub N N 179 
GLU CD  OE2  sing N N 180 
GLU OE2 HE2  sing N N 181 
GLU OXT HXT  sing N N 182 
GLY N   CA   sing N N 183 
GLY N   H    sing N N 184 
GLY N   H2   sing N N 185 
GLY CA  C    sing N N 186 
GLY CA  HA2  sing N N 187 
GLY CA  HA3  sing N N 188 
GLY C   O    doub N N 189 
GLY C   OXT  sing N N 190 
GLY OXT HXT  sing N N 191 
HIS N   CA   sing N N 192 
HIS N   H    sing N N 193 
HIS N   H2   sing N N 194 
HIS CA  C    sing N N 195 
HIS CA  CB   sing N N 196 
HIS CA  HA   sing N N 197 
HIS C   O    doub N N 198 
HIS C   OXT  sing N N 199 
HIS CB  CG   sing N N 200 
HIS CB  HB2  sing N N 201 
HIS CB  HB3  sing N N 202 
HIS CG  ND1  sing Y N 203 
HIS CG  CD2  doub Y N 204 
HIS ND1 CE1  doub Y N 205 
HIS ND1 HD1  sing N N 206 
HIS CD2 NE2  sing Y N 207 
HIS CD2 HD2  sing N N 208 
HIS CE1 NE2  sing Y N 209 
HIS CE1 HE1  sing N N 210 
HIS NE2 HE2  sing N N 211 
HIS OXT HXT  sing N N 212 
HOH O   H1   sing N N 213 
HOH O   H2   sing N N 214 
ILE N   CA   sing N N 215 
ILE N   H    sing N N 216 
ILE N   H2   sing N N 217 
ILE CA  C    sing N N 218 
ILE CA  CB   sing N N 219 
ILE CA  HA   sing N N 220 
ILE C   O    doub N N 221 
ILE C   OXT  sing N N 222 
ILE CB  CG1  sing N N 223 
ILE CB  CG2  sing N N 224 
ILE CB  HB   sing N N 225 
ILE CG1 CD1  sing N N 226 
ILE CG1 HG12 sing N N 227 
ILE CG1 HG13 sing N N 228 
ILE CG2 HG21 sing N N 229 
ILE CG2 HG22 sing N N 230 
ILE CG2 HG23 sing N N 231 
ILE CD1 HD11 sing N N 232 
ILE CD1 HD12 sing N N 233 
ILE CD1 HD13 sing N N 234 
ILE OXT HXT  sing N N 235 
LEU N   CA   sing N N 236 
LEU N   H    sing N N 237 
LEU N   H2   sing N N 238 
LEU CA  C    sing N N 239 
LEU CA  CB   sing N N 240 
LEU CA  HA   sing N N 241 
LEU C   O    doub N N 242 
LEU C   OXT  sing N N 243 
LEU CB  CG   sing N N 244 
LEU CB  HB2  sing N N 245 
LEU CB  HB3  sing N N 246 
LEU CG  CD1  sing N N 247 
LEU CG  CD2  sing N N 248 
LEU CG  HG   sing N N 249 
LEU CD1 HD11 sing N N 250 
LEU CD1 HD12 sing N N 251 
LEU CD1 HD13 sing N N 252 
LEU CD2 HD21 sing N N 253 
LEU CD2 HD22 sing N N 254 
LEU CD2 HD23 sing N N 255 
LEU OXT HXT  sing N N 256 
LYS N   CA   sing N N 257 
LYS N   H    sing N N 258 
LYS N   H2   sing N N 259 
LYS CA  C    sing N N 260 
LYS CA  CB   sing N N 261 
LYS CA  HA   sing N N 262 
LYS C   O    doub N N 263 
LYS C   OXT  sing N N 264 
LYS CB  CG   sing N N 265 
LYS CB  HB2  sing N N 266 
LYS CB  HB3  sing N N 267 
LYS CG  CD   sing N N 268 
LYS CG  HG2  sing N N 269 
LYS CG  HG3  sing N N 270 
LYS CD  CE   sing N N 271 
LYS CD  HD2  sing N N 272 
LYS CD  HD3  sing N N 273 
LYS CE  NZ   sing N N 274 
LYS CE  HE2  sing N N 275 
LYS CE  HE3  sing N N 276 
LYS NZ  HZ1  sing N N 277 
LYS NZ  HZ2  sing N N 278 
LYS NZ  HZ3  sing N N 279 
LYS OXT HXT  sing N N 280 
MET N   CA   sing N N 281 
MET N   H    sing N N 282 
MET N   H2   sing N N 283 
MET CA  C    sing N N 284 
MET CA  CB   sing N N 285 
MET CA  HA   sing N N 286 
MET C   O    doub N N 287 
MET C   OXT  sing N N 288 
MET CB  CG   sing N N 289 
MET CB  HB2  sing N N 290 
MET CB  HB3  sing N N 291 
MET CG  SD   sing N N 292 
MET CG  HG2  sing N N 293 
MET CG  HG3  sing N N 294 
MET SD  CE   sing N N 295 
MET CE  HE1  sing N N 296 
MET CE  HE2  sing N N 297 
MET CE  HE3  sing N N 298 
MET OXT HXT  sing N N 299 
PHE N   CA   sing N N 300 
PHE N   H    sing N N 301 
PHE N   H2   sing N N 302 
PHE CA  C    sing N N 303 
PHE CA  CB   sing N N 304 
PHE CA  HA   sing N N 305 
PHE C   O    doub N N 306 
PHE C   OXT  sing N N 307 
PHE CB  CG   sing N N 308 
PHE CB  HB2  sing N N 309 
PHE CB  HB3  sing N N 310 
PHE CG  CD1  doub Y N 311 
PHE CG  CD2  sing Y N 312 
PHE CD1 CE1  sing Y N 313 
PHE CD1 HD1  sing N N 314 
PHE CD2 CE2  doub Y N 315 
PHE CD2 HD2  sing N N 316 
PHE CE1 CZ   doub Y N 317 
PHE CE1 HE1  sing N N 318 
PHE CE2 CZ   sing Y N 319 
PHE CE2 HE2  sing N N 320 
PHE CZ  HZ   sing N N 321 
PHE OXT HXT  sing N N 322 
PRO N   CA   sing N N 323 
PRO N   CD   sing N N 324 
PRO N   H    sing N N 325 
PRO CA  C    sing N N 326 
PRO CA  CB   sing N N 327 
PRO CA  HA   sing N N 328 
PRO C   O    doub N N 329 
PRO C   OXT  sing N N 330 
PRO CB  CG   sing N N 331 
PRO CB  HB2  sing N N 332 
PRO CB  HB3  sing N N 333 
PRO CG  CD   sing N N 334 
PRO CG  HG2  sing N N 335 
PRO CG  HG3  sing N N 336 
PRO CD  HD2  sing N N 337 
PRO CD  HD3  sing N N 338 
PRO OXT HXT  sing N N 339 
SER N   CA   sing N N 340 
SER N   H    sing N N 341 
SER N   H2   sing N N 342 
SER CA  C    sing N N 343 
SER CA  CB   sing N N 344 
SER CA  HA   sing N N 345 
SER C   O    doub N N 346 
SER C   OXT  sing N N 347 
SER CB  OG   sing N N 348 
SER CB  HB2  sing N N 349 
SER CB  HB3  sing N N 350 
SER OG  HG   sing N N 351 
SER OXT HXT  sing N N 352 
THR N   CA   sing N N 353 
THR N   H    sing N N 354 
THR N   H2   sing N N 355 
THR CA  C    sing N N 356 
THR CA  CB   sing N N 357 
THR CA  HA   sing N N 358 
THR C   O    doub N N 359 
THR C   OXT  sing N N 360 
THR CB  OG1  sing N N 361 
THR CB  CG2  sing N N 362 
THR CB  HB   sing N N 363 
THR OG1 HG1  sing N N 364 
THR CG2 HG21 sing N N 365 
THR CG2 HG22 sing N N 366 
THR CG2 HG23 sing N N 367 
THR OXT HXT  sing N N 368 
TYR N   CA   sing N N 369 
TYR N   H    sing N N 370 
TYR N   H2   sing N N 371 
TYR CA  C    sing N N 372 
TYR CA  CB   sing N N 373 
TYR CA  HA   sing N N 374 
TYR C   O    doub N N 375 
TYR C   OXT  sing N N 376 
TYR CB  CG   sing N N 377 
TYR CB  HB2  sing N N 378 
TYR CB  HB3  sing N N 379 
TYR CG  CD1  doub Y N 380 
TYR CG  CD2  sing Y N 381 
TYR CD1 CE1  sing Y N 382 
TYR CD1 HD1  sing N N 383 
TYR CD2 CE2  doub Y N 384 
TYR CD2 HD2  sing N N 385 
TYR CE1 CZ   doub Y N 386 
TYR CE1 HE1  sing N N 387 
TYR CE2 CZ   sing Y N 388 
TYR CE2 HE2  sing N N 389 
TYR CZ  OH   sing N N 390 
TYR OH  HH   sing N N 391 
TYR OXT HXT  sing N N 392 
VAL N   CA   sing N N 393 
VAL N   H    sing N N 394 
VAL N   H2   sing N N 395 
VAL CA  C    sing N N 396 
VAL CA  CB   sing N N 397 
VAL CA  HA   sing N N 398 
VAL C   O    doub N N 399 
VAL C   OXT  sing N N 400 
VAL CB  CG1  sing N N 401 
VAL CB  CG2  sing N N 402 
VAL CB  HB   sing N N 403 
VAL CG1 HG11 sing N N 404 
VAL CG1 HG12 sing N N 405 
VAL CG1 HG13 sing N N 406 
VAL CG2 HG21 sing N N 407 
VAL CG2 HG22 sing N N 408 
VAL CG2 HG23 sing N N 409 
VAL OXT HXT  sing N N 410 
# 
_atom_sites.entry_id                    4JVE 
_atom_sites.fract_transf_matrix[1][1]   0.00751068 
_atom_sites.fract_transf_matrix[1][2]   0.00968657 
_atom_sites.fract_transf_matrix[1][3]   -0.02040331 
_atom_sites.fract_transf_matrix[2][1]   0.01409113 
_atom_sites.fract_transf_matrix[2][2]   -0.01881362 
_atom_sites.fract_transf_matrix[2][3]   -0.00374475 
_atom_sites.fract_transf_matrix[3][1]   -0.00621003 
_atom_sites.fract_transf_matrix[3][2]   -0.00383392 
_atom_sites.fract_transf_matrix[3][3]   -0.00410615 
_atom_sites.fract_transf_vector[1]      0.257884 
_atom_sites.fract_transf_vector[2]      -0.310532 
_atom_sites.fract_transf_vector[3]      0.438546 
# 
loop_
_atom_type.symbol 
C  
CL 
F  
N  
O  
S  
# 
loop_
_atom_site.group_PDB 
_atom_site.id 
_atom_site.type_symbol 
_atom_site.label_atom_id 
_atom_site.label_alt_id 
_atom_site.label_comp_id 
_atom_site.label_asym_id 
_atom_site.label_entity_id 
_atom_site.label_seq_id 
_atom_site.pdbx_PDB_ins_code 
_atom_site.Cartn_x 
_atom_site.Cartn_y 
_atom_site.Cartn_z 
_atom_site.occupancy 
_atom_site.B_iso_or_equiv 
_atom_site.pdbx_formal_charge 
_atom_site.auth_seq_id 
_atom_site.auth_comp_id 
_atom_site.auth_asym_id 
_atom_site.auth_atom_id 
_atom_site.pdbx_PDB_model_num 
ATOM   1   N  N   . GLN A 1 1  ? -2.695  -15.241 1.391   1.00 50.67 ? 18  GLN A N   1 
ATOM   2   C  CA  . GLN A 1 1  ? -2.356  -15.946 0.112   1.00 49.96 ? 18  GLN A CA  1 
ATOM   3   C  C   . GLN A 1 1  ? -1.003  -15.588 -0.522  1.00 49.67 ? 18  GLN A C   1 
ATOM   4   O  O   . GLN A 1 1  ? -0.687  -16.010 -1.653  1.00 48.76 ? 18  GLN A O   1 
ATOM   5   C  CB  . GLN A 1 1  ? -3.473  -15.728 -0.916  1.00 50.17 ? 18  GLN A CB  1 
ATOM   6   C  CG  . GLN A 1 1  ? -4.278  -14.452 -0.750  1.00 51.76 ? 18  GLN A CG  1 
ATOM   7   C  CD  . GLN A 1 1  ? -5.583  -14.513 -1.516  1.00 52.55 ? 18  GLN A CD  1 
ATOM   8   O  OE1 . GLN A 1 1  ? -5.583  -14.503 -2.746  1.00 53.43 ? 18  GLN A OE1 1 
ATOM   9   N  NE2 . GLN A 1 1  ? -6.707  -14.577 -0.790  1.00 52.13 ? 18  GLN A NE2 1 
ATOM   10  N  N   . ILE A 1 2  ? -0.201  -14.802 0.183   1.00 48.80 ? 19  ILE A N   1 
ATOM   11  C  CA  . ILE A 1 2  ? 1.120   -14.448 -0.329  1.00 48.13 ? 19  ILE A CA  1 
ATOM   12  C  C   . ILE A 1 2  ? 2.176   -15.106 0.531   1.00 47.96 ? 19  ILE A C   1 
ATOM   13  O  O   . ILE A 1 2  ? 2.205   -14.875 1.737   1.00 49.91 ? 19  ILE A O   1 
ATOM   14  C  CB  . ILE A 1 2  ? 1.341   -12.935 -0.328  1.00 47.21 ? 19  ILE A CB  1 
ATOM   15  C  CG1 . ILE A 1 2  ? 0.653   -12.349 -1.553  1.00 45.97 ? 19  ILE A CG1 1 
ATOM   16  C  CG2 . ILE A 1 2  ? 2.848   -12.597 -0.305  1.00 45.91 ? 19  ILE A CG2 1 
ATOM   17  C  CD1 . ILE A 1 2  ? 0.665   -10.897 -1.544  1.00 45.41 ? 19  ILE A CD1 1 
ATOM   18  N  N   . PRO A 1 3  ? 3.087   -15.897 -0.082  1.00 48.63 ? 20  PRO A N   1 
ATOM   19  C  CA  . PRO A 1 3  ? 4.140   -16.586 0.682   1.00 48.11 ? 20  PRO A CA  1 
ATOM   20  C  C   . PRO A 1 3  ? 4.822   -15.706 1.729   1.00 47.15 ? 20  PRO A C   1 
ATOM   21  O  O   . PRO A 1 3  ? 4.943   -14.489 1.547   1.00 45.74 ? 20  PRO A O   1 
ATOM   22  C  CB  . PRO A 1 3  ? 5.138   -17.026 -0.399  1.00 48.60 ? 20  PRO A CB  1 
ATOM   23  C  CG  . PRO A 1 3  ? 4.323   -17.092 -1.650  1.00 48.06 ? 20  PRO A CG  1 
ATOM   24  C  CD  . PRO A 1 3  ? 3.436   -15.868 -1.515  1.00 47.57 ? 20  PRO A CD  1 
ATOM   25  N  N   . ALA A 1 4  ? 5.286   -16.330 2.813   1.00 46.91 ? 21  ALA A N   1 
ATOM   26  C  CA  . ALA A 1 4  ? 5.962   -15.595 3.877   1.00 46.72 ? 21  ALA A CA  1 
ATOM   27  C  C   . ALA A 1 4  ? 7.315   -15.131 3.355   1.00 46.83 ? 21  ALA A C   1 
ATOM   28  O  O   . ALA A 1 4  ? 7.799   -14.048 3.709   1.00 47.08 ? 21  ALA A O   1 
ATOM   29  C  CB  . ALA A 1 4  ? 6.150   -16.485 5.110   1.00 46.93 ? 21  ALA A CB  1 
ATOM   30  N  N   . SER A 1 5  ? 7.942   -15.959 2.524   1.00 46.07 ? 22  SER A N   1 
ATOM   31  C  CA  . SER A 1 5  ? 9.243   -15.591 1.970   1.00 46.13 ? 22  SER A CA  1 
ATOM   32  C  C   . SER A 1 5  ? 9.104   -14.261 1.222   1.00 44.69 ? 22  SER A C   1 
ATOM   33  O  O   . SER A 1 5  ? 9.999   -13.413 1.247   1.00 44.70 ? 22  SER A O   1 
ATOM   34  C  CB  . SER A 1 5  ? 9.724   -16.665 0.995   1.00 46.42 ? 22  SER A CB  1 
ATOM   35  O  OG  . SER A 1 5  ? 9.180   -17.925 1.340   1.00 46.77 ? 22  SER A OG  1 
ATOM   36  N  N   . GLU A 1 6  ? 7.960   -14.090 0.574   1.00 42.88 ? 23  GLU A N   1 
ATOM   37  C  CA  . GLU A 1 6  ? 7.681   -12.892 -0.193  1.00 42.55 ? 23  GLU A CA  1 
ATOM   38  C  C   . GLU A 1 6  ? 7.182   -11.732 0.663   1.00 41.20 ? 23  GLU A C   1 
ATOM   39  O  O   . GLU A 1 6  ? 7.231   -10.585 0.245   1.00 42.10 ? 23  GLU A O   1 
ATOM   40  C  CB  . GLU A 1 6  ? 6.664   -13.215 -1.283  1.00 42.74 ? 23  GLU A CB  1 
ATOM   41  C  CG  . GLU A 1 6  ? 6.229   -11.994 -2.054  1.00 44.69 ? 23  GLU A CG  1 
ATOM   42  C  CD  . GLU A 1 6  ? 5.615   -12.335 -3.377  1.00 45.49 ? 23  GLU A CD  1 
ATOM   43  O  OE1 . GLU A 1 6  ? 5.363   -13.528 -3.602  1.00 46.16 ? 23  GLU A OE1 1 
ATOM   44  O  OE2 . GLU A 1 6  ? 5.376   -11.415 -4.192  1.00 48.16 ? 23  GLU A OE2 1 
ATOM   45  N  N   . GLN A 1 7  ? 6.684   -12.028 1.854   1.00 39.98 ? 24  GLN A N   1 
ATOM   46  C  CA  . GLN A 1 7  ? 6.203   -10.976 2.727   1.00 37.92 ? 24  GLN A CA  1 
ATOM   47  C  C   . GLN A 1 7  ? 7.411   -10.420 3.464   1.00 36.79 ? 24  GLN A C   1 
ATOM   48  O  O   . GLN A 1 7  ? 7.374   -9.313  4.002   1.00 37.05 ? 24  GLN A O   1 
ATOM   49  C  CB  . GLN A 1 7  ? 5.186   -11.532 3.724   1.00 38.43 ? 24  GLN A CB  1 
ATOM   50  C  CG  . GLN A 1 7  ? 3.887   -12.031 3.109   1.00 39.14 ? 24  GLN A CG  1 
ATOM   51  C  CD  . GLN A 1 7  ? 2.870   -12.431 4.165   1.00 41.19 ? 24  GLN A CD  1 
ATOM   52  O  OE1 . GLN A 1 7  ? 3.194   -12.524 5.350   1.00 41.95 ? 24  GLN A OE1 1 
ATOM   53  N  NE2 . GLN A 1 7  ? 1.638   -12.674 3.740   1.00 41.27 ? 24  GLN A NE2 1 
ATOM   54  N  N   . GLU A 1 8  ? 8.496   -11.189 3.452   1.00 35.98 ? 25  GLU A N   1 
ATOM   55  C  CA  . GLU A 1 8  ? 9.746   -10.811 4.114   1.00 34.95 ? 25  GLU A CA  1 
ATOM   56  C  C   . GLU A 1 8  ? 10.625  -9.923  3.243   1.00 33.07 ? 25  GLU A C   1 
ATOM   57  O  O   . GLU A 1 8  ? 11.365  -9.098  3.755   1.00 33.49 ? 25  GLU A O   1 
ATOM   58  C  CB  . GLU A 1 8  ? 10.532  -12.076 4.491   1.00 37.43 ? 25  GLU A CB  1 
ATOM   59  C  CG  . GLU A 1 8  ? 11.804  -11.841 5.318   1.00 40.39 ? 25  GLU A CG  1 
ATOM   60  C  CD  . GLU A 1 8  ? 12.916  -11.107 4.567   1.00 43.60 ? 25  GLU A CD  1 
ATOM   61  O  OE1 . GLU A 1 8  ? 13.127  -9.907  4.854   1.00 42.75 ? 25  GLU A OE1 1 
ATOM   62  O  OE2 . GLU A 1 8  ? 13.583  -11.731 3.702   1.00 44.41 ? 25  GLU A OE2 1 
ATOM   63  N  N   . THR A 1 9  ? 10.549  -10.106 1.930   1.00 31.09 ? 26  THR A N   1 
ATOM   64  C  CA  . THR A 1 9  ? 11.358  -9.327  0.992   1.00 30.31 ? 26  THR A CA  1 
ATOM   65  C  C   . THR A 1 9  ? 11.545  -7.874  1.407   1.00 29.49 ? 26  THR A C   1 
ATOM   66  O  O   . THR A 1 9  ? 10.571  -7.129  1.549   1.00 29.66 ? 26  THR A O   1 
ATOM   67  C  CB  . THR A 1 9  ? 10.744  -9.324  -0.418  1.00 29.51 ? 26  THR A CB  1 
ATOM   68  O  OG1 . THR A 1 9  ? 10.567  -10.670 -0.865  1.00 30.38 ? 26  THR A OG1 1 
ATOM   69  C  CG2 . THR A 1 9  ? 11.657  -8.579  -1.395  1.00 32.53 ? 26  THR A CG2 1 
ATOM   70  N  N   . LEU A 1 10 ? 12.801  -7.479  1.599   1.00 26.29 ? 27  LEU A N   1 
ATOM   71  C  CA  . LEU A 1 10 ? 13.123  -6.113  1.995   1.00 25.61 ? 27  LEU A CA  1 
ATOM   72  C  C   . LEU A 1 10 ? 13.114  -5.239  0.735   1.00 24.20 ? 27  LEU A C   1 
ATOM   73  O  O   . LEU A 1 10 ? 13.752  -5.564  -0.268  1.00 22.76 ? 27  LEU A O   1 
ATOM   74  C  CB  . LEU A 1 10 ? 14.493  -6.060  2.663   1.00 26.58 ? 27  LEU A CB  1 
ATOM   75  C  CG  . LEU A 1 10 ? 14.844  -4.789  3.444   1.00 28.98 ? 27  LEU A CG  1 
ATOM   76  C  CD1 . LEU A 1 10 ? 13.914  -4.646  4.647   1.00 29.51 ? 27  LEU A CD1 1 
ATOM   77  C  CD2 . LEU A 1 10 ? 16.305  -4.856  3.918   1.00 28.49 ? 27  LEU A CD2 1 
ATOM   78  N  N   . VAL A 1 11 ? 12.404  -4.119  0.806   1.00 21.06 ? 28  VAL A N   1 
ATOM   79  C  CA  . VAL A 1 11 ? 12.239  -3.229  -0.331  1.00 18.96 ? 28  VAL A CA  1 
ATOM   80  C  C   . VAL A 1 11 ? 12.467  -1.761  0.013   1.00 19.08 ? 28  VAL A C   1 
ATOM   81  O  O   . VAL A 1 11 ? 12.461  -1.388  1.184   1.00 19.40 ? 28  VAL A O   1 
ATOM   82  C  CB  . VAL A 1 11 ? 10.810  -3.379  -0.886  1.00 15.86 ? 28  VAL A CB  1 
ATOM   83  C  CG1 . VAL A 1 11 ? 10.529  -4.833  -1.211  1.00 16.10 ? 28  VAL A CG1 1 
ATOM   84  C  CG2 . VAL A 1 11 ? 9.799   -2.882  0.148   1.00 14.83 ? 28  VAL A CG2 1 
ATOM   85  N  N   . ARG A 1 12 ? 12.652  -0.944  -1.027  1.00 18.19 ? 29  ARG A N   1 
ATOM   86  C  CA  . ARG A 1 12 ? 12.863  0.495   -0.901  1.00 18.34 ? 29  ARG A CA  1 
ATOM   87  C  C   . ARG A 1 12 ? 11.786  1.229   -1.723  1.00 18.62 ? 29  ARG A C   1 
ATOM   88  O  O   . ARG A 1 12 ? 11.776  1.174   -2.949  1.00 18.94 ? 29  ARG A O   1 
ATOM   89  C  CB  . ARG A 1 12 ? 14.264  0.890   -1.407  1.00 19.13 ? 29  ARG A CB  1 
ATOM   90  C  CG  . ARG A 1 12 ? 14.642  2.338   -1.084  1.00 21.04 ? 29  ARG A CG  1 
ATOM   91  C  CD  . ARG A 1 12 ? 15.997  2.782   -1.662  1.00 25.77 ? 29  ARG A CD  1 
ATOM   92  N  NE  . ARG A 1 12 ? 17.104  2.725   -0.698  1.00 25.65 ? 29  ARG A NE  1 
ATOM   93  C  CZ  . ARG A 1 12 ? 17.856  1.652   -0.486  1.00 25.63 ? 29  ARG A CZ  1 
ATOM   94  N  NH1 . ARG A 1 12 ? 17.628  0.536   -1.166  1.00 27.23 ? 29  ARG A NH1 1 
ATOM   95  N  NH2 . ARG A 1 12 ? 18.846  1.701   0.395   1.00 26.85 ? 29  ARG A NH2 1 
ATOM   96  N  N   . PRO A 1 13 ? 10.865  1.926   -1.049  1.00 18.43 ? 30  PRO A N   1 
ATOM   97  C  CA  . PRO A 1 13 ? 9.784   2.665   -1.711  1.00 18.58 ? 30  PRO A CA  1 
ATOM   98  C  C   . PRO A 1 13 ? 10.187  3.899   -2.514  1.00 18.61 ? 30  PRO A C   1 
ATOM   99  O  O   . PRO A 1 13 ? 11.027  4.685   -2.087  1.00 20.25 ? 30  PRO A O   1 
ATOM   100 C  CB  . PRO A 1 13 ? 8.863   3.045   -0.550  1.00 17.24 ? 30  PRO A CB  1 
ATOM   101 C  CG  . PRO A 1 13 ? 9.118   1.988   0.459   1.00 16.88 ? 30  PRO A CG  1 
ATOM   102 C  CD  . PRO A 1 13 ? 10.612  1.834   0.397   1.00 17.84 ? 30  PRO A CD  1 
ATOM   103 N  N   . LYS A 1 14 ? 9.566   4.067   -3.673  1.00 17.36 ? 31  LYS A N   1 
ATOM   104 C  CA  . LYS A 1 14 ? 9.822   5.225   -4.506  1.00 17.29 ? 31  LYS A CA  1 
ATOM   105 C  C   . LYS A 1 14 ? 9.176   6.421   -3.805  1.00 17.63 ? 31  LYS A C   1 
ATOM   106 O  O   . LYS A 1 14 ? 8.345   6.252   -2.918  1.00 16.63 ? 31  LYS A O   1 
ATOM   107 C  CB  . LYS A 1 14 ? 9.240   5.005   -5.904  1.00 16.66 ? 31  LYS A CB  1 
ATOM   108 C  CG  . LYS A 1 14 ? 9.950   3.866   -6.638  1.00 20.06 ? 31  LYS A CG  1 
ATOM   109 C  CD  . LYS A 1 14 ? 9.410   3.620   -8.027  1.00 20.87 ? 31  LYS A CD  1 
ATOM   110 C  CE  . LYS A 1 14 ? 10.076  2.397   -8.632  1.00 25.31 ? 31  LYS A CE  1 
ATOM   111 N  NZ  . LYS A 1 14 ? 9.712   2.198   -10.069 1.00 24.32 ? 31  LYS A NZ  1 
ATOM   112 N  N   . PRO A 1 15 ? 9.555   7.644   -4.193  1.00 17.53 ? 32  PRO A N   1 
ATOM   113 C  CA  . PRO A 1 15 ? 9.039   8.887   -3.611  1.00 19.96 ? 32  PRO A CA  1 
ATOM   114 C  C   . PRO A 1 15 ? 7.535   8.968   -3.294  1.00 20.47 ? 32  PRO A C   1 
ATOM   115 O  O   . PRO A 1 15 ? 7.165   9.351   -2.194  1.00 19.13 ? 32  PRO A O   1 
ATOM   116 C  CB  . PRO A 1 15 ? 9.479   9.941   -4.622  1.00 21.68 ? 32  PRO A CB  1 
ATOM   117 C  CG  . PRO A 1 15 ? 10.790  9.383   -5.116  1.00 19.98 ? 32  PRO A CG  1 
ATOM   118 C  CD  . PRO A 1 15 ? 10.439  7.934   -5.335  1.00 18.72 ? 32  PRO A CD  1 
ATOM   119 N  N   . LEU A 1 16 ? 6.676   8.620   -4.244  1.00 19.65 ? 33  LEU A N   1 
ATOM   120 C  CA  . LEU A 1 16 ? 5.234   8.696   -4.006  1.00 20.50 ? 33  LEU A CA  1 
ATOM   121 C  C   . LEU A 1 16 ? 4.772   7.781   -2.872  1.00 18.63 ? 33  LEU A C   1 
ATOM   122 O  O   . LEU A 1 16 ? 4.039   8.206   -1.989  1.00 16.90 ? 33  LEU A O   1 
ATOM   123 C  CB  . LEU A 1 16 ? 4.469   8.390   -5.296  1.00 20.89 ? 33  LEU A CB  1 
ATOM   124 C  CG  . LEU A 1 16 ? 4.368   9.580   -6.266  1.00 24.16 ? 33  LEU A CG  1 
ATOM   125 C  CD1 . LEU A 1 16 ? 4.291   9.096   -7.691  1.00 27.72 ? 33  LEU A CD1 1 
ATOM   126 C  CD2 . LEU A 1 16 ? 3.147   10.433  -5.931  1.00 27.61 ? 33  LEU A CD2 1 
ATOM   127 N  N   . LEU A 1 17 ? 5.221   6.534   -2.888  1.00 17.38 ? 34  LEU A N   1 
ATOM   128 C  CA  . LEU A 1 17 ? 4.846   5.593   -1.850  1.00 14.80 ? 34  LEU A CA  1 
ATOM   129 C  C   . LEU A 1 17 ? 5.453   5.990   -0.505  1.00 17.38 ? 34  LEU A C   1 
ATOM   130 O  O   . LEU A 1 17 ? 4.765   6.011   0.513   1.00 15.91 ? 34  LEU A O   1 
ATOM   131 C  CB  . LEU A 1 17 ? 5.282   4.177   -2.238  1.00 12.39 ? 34  LEU A CB  1 
ATOM   132 C  CG  . LEU A 1 17 ? 5.112   3.080   -1.181  1.00 11.14 ? 34  LEU A CG  1 
ATOM   133 C  CD1 . LEU A 1 17 ? 3.741   3.171   -0.536  1.00 9.98  ? 34  LEU A CD1 1 
ATOM   134 C  CD2 . LEU A 1 17 ? 5.312   1.724   -1.826  1.00 8.41  ? 34  LEU A CD2 1 
ATOM   135 N  N   . LEU A 1 18 ? 6.740   6.316   -0.508  1.00 18.01 ? 35  LEU A N   1 
ATOM   136 C  CA  . LEU A 1 18 ? 7.420   6.702   0.720   1.00 22.36 ? 35  LEU A CA  1 
ATOM   137 C  C   . LEU A 1 18 ? 6.684   7.836   1.416   1.00 22.39 ? 35  LEU A C   1 
ATOM   138 O  O   . LEU A 1 18 ? 6.549   7.832   2.639   1.00 21.97 ? 35  LEU A O   1 
ATOM   139 C  CB  . LEU A 1 18 ? 8.848   7.167   0.436   1.00 23.79 ? 35  LEU A CB  1 
ATOM   140 C  CG  . LEU A 1 18 ? 9.944   6.639   1.365   1.00 26.62 ? 35  LEU A CG  1 
ATOM   141 C  CD1 . LEU A 1 18 ? 11.218  7.473   1.192   1.00 26.25 ? 35  LEU A CD1 1 
ATOM   142 C  CD2 . LEU A 1 18 ? 9.475   6.684   2.809   1.00 26.05 ? 35  LEU A CD2 1 
ATOM   143 N  N   . LYS A 1 19 ? 6.216   8.802   0.629   1.00 23.14 ? 36  LYS A N   1 
ATOM   144 C  CA  . LYS A 1 19 ? 5.511   9.959   1.171   1.00 24.14 ? 36  LYS A CA  1 
ATOM   145 C  C   . LYS A 1 19 ? 4.194   9.583   1.835   1.00 23.85 ? 36  LYS A C   1 
ATOM   146 O  O   . LYS A 1 19 ? 3.805   10.168  2.839   1.00 24.67 ? 36  LYS A O   1 
ATOM   147 C  CB  . LYS A 1 19 ? 5.274   11.001  0.070   1.00 25.78 ? 36  LYS A CB  1 
ATOM   148 C  CG  . LYS A 1 19 ? 4.482   12.215  0.545   1.00 29.37 ? 36  LYS A CG  1 
ATOM   149 C  CD  . LYS A 1 19 ? 4.750   13.447  -0.312  1.00 32.48 ? 36  LYS A CD  1 
ATOM   150 C  CE  . LYS A 1 19 ? 4.488   13.176  -1.787  1.00 33.58 ? 36  LYS A CE  1 
ATOM   151 N  NZ  . LYS A 1 19 ? 4.892   14.354  -2.617  1.00 37.74 ? 36  LYS A NZ  1 
ATOM   152 N  N   . LEU A 1 20 ? 3.500   8.610   1.267   1.00 21.77 ? 37  LEU A N   1 
ATOM   153 C  CA  . LEU A 1 20 ? 2.243   8.170   1.843   1.00 21.68 ? 37  LEU A CA  1 
ATOM   154 C  C   . LEU A 1 20 ? 2.579   7.524   3.189   1.00 20.54 ? 37  LEU A C   1 
ATOM   155 O  O   . LEU A 1 20 ? 1.989   7.856   4.213   1.00 19.20 ? 37  LEU A O   1 
ATOM   156 C  CB  . LEU A 1 20 ? 1.557   7.158   0.919   1.00 20.75 ? 37  LEU A CB  1 
ATOM   157 C  CG  . LEU A 1 20 ? 0.292   6.436   1.399   1.00 20.62 ? 37  LEU A CG  1 
ATOM   158 C  CD1 . LEU A 1 20 ? -0.439  5.826   0.198   1.00 19.54 ? 37  LEU A CD1 1 
ATOM   159 C  CD2 . LEU A 1 20 ? 0.667   5.366   2.405   1.00 22.43 ? 37  LEU A CD2 1 
ATOM   160 N  N   . LEU A 1 21 ? 3.553   6.622   3.183   1.00 19.81 ? 38  LEU A N   1 
ATOM   161 C  CA  . LEU A 1 21 ? 3.957   5.935   4.407   1.00 20.97 ? 38  LEU A CA  1 
ATOM   162 C  C   . LEU A 1 21 ? 4.358   6.901   5.512   1.00 21.13 ? 38  LEU A C   1 
ATOM   163 O  O   . LEU A 1 21 ? 3.916   6.784   6.654   1.00 21.98 ? 38  LEU A O   1 
ATOM   164 C  CB  . LEU A 1 21 ? 5.118   4.977   4.118   1.00 19.83 ? 38  LEU A CB  1 
ATOM   165 C  CG  . LEU A 1 21 ? 4.793   3.514   3.798   1.00 22.19 ? 38  LEU A CG  1 
ATOM   166 C  CD1 . LEU A 1 21 ? 3.707   3.427   2.762   1.00 20.87 ? 38  LEU A CD1 1 
ATOM   167 C  CD2 . LEU A 1 21 ? 6.054   2.815   3.319   1.00 23.95 ? 38  LEU A CD2 1 
ATOM   168 N  N   . LYS A 1 22 ? 5.196   7.869   5.180   1.00 20.81 ? 39  LYS A N   1 
ATOM   169 C  CA  . LYS A 1 22 ? 5.619   8.793   6.205   1.00 23.50 ? 39  LYS A CA  1 
ATOM   170 C  C   . LYS A 1 22 ? 4.428   9.573   6.734   1.00 24.26 ? 39  LYS A C   1 
ATOM   171 O  O   . LYS A 1 22 ? 4.340   9.819   7.939   1.00 23.48 ? 39  LYS A O   1 
ATOM   172 C  CB  . LYS A 1 22 ? 6.723   9.698   5.670   1.00 24.67 ? 39  LYS A CB  1 
ATOM   173 C  CG  . LYS A 1 22 ? 7.979   8.879   5.364   1.00 28.56 ? 39  LYS A CG  1 
ATOM   174 C  CD  . LYS A 1 22 ? 9.164   9.734   4.965   1.00 32.24 ? 39  LYS A CD  1 
ATOM   175 C  CE  . LYS A 1 22 ? 10.473  8.991   5.241   1.00 32.95 ? 39  LYS A CE  1 
ATOM   176 N  NZ  . LYS A 1 22 ? 11.655  9.775   4.817   1.00 36.25 ? 39  LYS A NZ  1 
ATOM   177 N  N   . SER A 1 23 ? 3.498   9.932   5.853   1.00 24.24 ? 40  SER A N   1 
ATOM   178 C  CA  . SER A 1 23 ? 2.316   10.667  6.286   1.00 23.40 ? 40  SER A CA  1 
ATOM   179 C  C   . SER A 1 23 ? 1.653   9.896   7.419   1.00 23.79 ? 40  SER A C   1 
ATOM   180 O  O   . SER A 1 23 ? 0.975   10.487  8.240   1.00 23.97 ? 40  SER A O   1 
ATOM   181 C  CB  . SER A 1 23 ? 1.311   10.832  5.147   1.00 24.94 ? 40  SER A CB  1 
ATOM   182 O  OG  . SER A 1 23 ? 0.579   9.633   4.932   1.00 23.96 ? 40  SER A OG  1 
ATOM   183 N  N   . VAL A 1 24 ? 1.852   8.580   7.475   1.00 24.87 ? 41  VAL A N   1 
ATOM   184 C  CA  . VAL A 1 24 ? 1.246   7.791   8.549   1.00 24.54 ? 41  VAL A CA  1 
ATOM   185 C  C   . VAL A 1 24 ? 2.181   7.359   9.672   1.00 25.20 ? 41  VAL A C   1 
ATOM   186 O  O   . VAL A 1 24 ? 1.834   6.498   10.469  1.00 24.99 ? 41  VAL A O   1 
ATOM   187 C  CB  . VAL A 1 24 ? 0.539   6.524   8.021   1.00 24.08 ? 41  VAL A CB  1 
ATOM   188 C  CG1 . VAL A 1 24 ? -0.698  6.905   7.226   1.00 24.26 ? 41  VAL A CG1 1 
ATOM   189 C  CG2 . VAL A 1 24 ? 1.493   5.703   7.201   1.00 20.96 ? 41  VAL A CG2 1 
ATOM   190 N  N   . GLY A 1 25 ? 3.364   7.952   9.742   1.00 27.48 ? 42  GLY A N   1 
ATOM   191 C  CA  . GLY A 1 25 ? 4.280   7.595   10.812  1.00 29.25 ? 42  GLY A CA  1 
ATOM   192 C  C   . GLY A 1 25 ? 5.582   6.906   10.437  1.00 31.21 ? 42  GLY A C   1 
ATOM   193 O  O   . GLY A 1 25 ? 6.572   7.047   11.151  1.00 32.79 ? 42  GLY A O   1 
ATOM   194 N  N   . ALA A 1 26 ? 5.592   6.159   9.336   1.00 30.61 ? 43  ALA A N   1 
ATOM   195 C  CA  . ALA A 1 26 ? 6.794   5.447   8.901   1.00 31.74 ? 43  ALA A CA  1 
ATOM   196 C  C   . ALA A 1 26 ? 8.028   6.346   8.968   1.00 31.84 ? 43  ALA A C   1 
ATOM   197 O  O   . ALA A 1 26 ? 7.965   7.521   8.643   1.00 33.03 ? 43  ALA A O   1 
ATOM   198 C  CB  . ALA A 1 26 ? 6.608   4.913   7.487   1.00 29.32 ? 43  ALA A CB  1 
ATOM   199 N  N   . GLN A 1 27 ? 9.154   5.775   9.362   1.00 34.24 ? 44  GLN A N   1 
ATOM   200 C  CA  . GLN A 1 27 ? 10.377  6.546   9.509   1.00 37.12 ? 44  GLN A CA  1 
ATOM   201 C  C   . GLN A 1 27 ? 11.573  6.068   8.666   1.00 36.67 ? 44  GLN A C   1 
ATOM   202 O  O   . GLN A 1 27 ? 12.478  6.843   8.370   1.00 38.24 ? 44  GLN A O   1 
ATOM   203 C  CB  . GLN A 1 27 ? 10.748  6.567   10.998  1.00 38.93 ? 44  GLN A CB  1 
ATOM   204 C  CG  . GLN A 1 27 ? 9.622   7.153   11.874  1.00 44.17 ? 44  GLN A CG  1 
ATOM   205 C  CD  . GLN A 1 27 ? 9.928   7.130   13.361  1.00 46.82 ? 44  GLN A CD  1 
ATOM   206 O  OE1 . GLN A 1 27 ? 9.898   6.075   13.997  1.00 50.28 ? 44  GLN A OE1 1 
ATOM   207 N  NE2 . GLN A 1 27 ? 10.231  8.302   13.923  1.00 47.65 ? 44  GLN A NE2 1 
ATOM   208 N  N   . LYS A 1 28 ? 11.563  4.805   8.257   1.00 35.18 ? 45  LYS A N   1 
ATOM   209 C  CA  . LYS A 1 28 ? 12.676  4.247   7.494   1.00 33.98 ? 45  LYS A CA  1 
ATOM   210 C  C   . LYS A 1 28 ? 12.685  4.512   5.992   1.00 32.04 ? 45  LYS A C   1 
ATOM   211 O  O   . LYS A 1 28 ? 11.754  5.084   5.445   1.00 31.19 ? 45  LYS A O   1 
ATOM   212 C  CB  . LYS A 1 28 ? 12.728  2.741   7.740   1.00 36.10 ? 45  LYS A CB  1 
ATOM   213 C  CG  . LYS A 1 28 ? 12.689  2.365   9.221   1.00 38.01 ? 45  LYS A CG  1 
ATOM   214 C  CD  . LYS A 1 28 ? 12.696  0.846   9.439   1.00 41.65 ? 45  LYS A CD  1 
ATOM   215 C  CE  . LYS A 1 28 ? 11.465  0.174   8.856   1.00 42.11 ? 45  LYS A CE  1 
ATOM   216 N  NZ  . LYS A 1 28 ? 11.561  -1.313  8.965   1.00 43.00 ? 45  LYS A NZ  1 
ATOM   217 N  N   . ASP A 1 29 ? 13.766  4.099   5.341   1.00 30.67 ? 46  ASP A N   1 
ATOM   218 C  CA  . ASP A 1 29 ? 13.924  4.260   3.899   1.00 29.78 ? 46  ASP A CA  1 
ATOM   219 C  C   . ASP A 1 29 ? 13.662  2.912   3.266   1.00 27.18 ? 46  ASP A C   1 
ATOM   220 O  O   . ASP A 1 29 ? 13.332  2.819   2.091   1.00 26.70 ? 46  ASP A O   1 
ATOM   221 C  CB  . ASP A 1 29 ? 15.343  4.714   3.552   1.00 32.77 ? 46  ASP A CB  1 
ATOM   222 C  CG  . ASP A 1 29 ? 15.440  6.208   3.335   1.00 37.25 ? 46  ASP A CG  1 
ATOM   223 O  OD1 . ASP A 1 29 ? 14.482  6.912   3.731   1.00 39.32 ? 46  ASP A OD1 1 
ATOM   224 O  OD2 . ASP A 1 29 ? 16.475  6.682   2.789   1.00 40.29 ? 46  ASP A OD2 1 
ATOM   225 N  N   . THR A 1 30 ? 13.797  1.861   4.064   1.00 25.18 ? 47  THR A N   1 
ATOM   226 C  CA  . THR A 1 30 ? 13.580  0.512   3.576   1.00 23.65 ? 47  THR A CA  1 
ATOM   227 C  C   . THR A 1 30 ? 12.667  -0.260  4.527   1.00 22.92 ? 47  THR A C   1 
ATOM   228 O  O   . THR A 1 30 ? 12.639  0.001   5.732   1.00 19.94 ? 47  THR A O   1 
ATOM   229 C  CB  . THR A 1 30 ? 14.915  -0.220  3.409   1.00 25.75 ? 47  THR A CB  1 
ATOM   230 O  OG1 . THR A 1 30 ? 15.318  -0.786  4.660   1.00 30.12 ? 47  THR A OG1 1 
ATOM   231 C  CG2 . THR A 1 30 ? 15.996  0.766   2.959   1.00 27.10 ? 47  THR A CG2 1 
ATOM   232 N  N   . TYR A 1 31 ? 11.920  -1.208  3.971   1.00 21.07 ? 48  TYR A N   1 
ATOM   233 C  CA  . TYR A 1 31 ? 10.962  -1.986  4.744   1.00 20.51 ? 48  TYR A CA  1 
ATOM   234 C  C   . TYR A 1 31 ? 10.738  -3.352  4.126   1.00 20.24 ? 48  TYR A C   1 
ATOM   235 O  O   . TYR A 1 31 ? 11.222  -3.635  3.035   1.00 21.44 ? 48  TYR A O   1 
ATOM   236 C  CB  . TYR A 1 31 ? 9.603   -1.279  4.756   1.00 19.53 ? 48  TYR A CB  1 
ATOM   237 C  CG  . TYR A 1 31 ? 9.612   0.176   5.167   1.00 20.16 ? 48  TYR A CG  1 
ATOM   238 C  CD1 . TYR A 1 31 ? 10.003  1.177   4.283   1.00 20.43 ? 48  TYR A CD1 1 
ATOM   239 C  CD2 . TYR A 1 31 ? 9.214   0.550   6.441   1.00 21.81 ? 48  TYR A CD2 1 
ATOM   240 C  CE1 . TYR A 1 31 ? 10.000  2.521   4.671   1.00 21.23 ? 48  TYR A CE1 1 
ATOM   241 C  CE2 . TYR A 1 31 ? 9.203   1.878   6.836   1.00 21.54 ? 48  TYR A CE2 1 
ATOM   242 C  CZ  . TYR A 1 31 ? 9.592   2.858   5.949   1.00 20.41 ? 48  TYR A CZ  1 
ATOM   243 O  OH  . TYR A 1 31 ? 9.554   4.172   6.343   1.00 22.26 ? 48  TYR A OH  1 
ATOM   244 N  N   . THR A 1 32 ? 9.977   -4.189  4.824   1.00 17.90 ? 49  THR A N   1 
ATOM   245 C  CA  . THR A 1 32 ? 9.620   -5.500  4.301   1.00 17.24 ? 49  THR A CA  1 
ATOM   246 C  C   . THR A 1 32 ? 8.308   -5.234  3.559   1.00 15.12 ? 49  THR A C   1 
ATOM   247 O  O   . THR A 1 32 ? 7.636   -4.244  3.829   1.00 16.59 ? 49  THR A O   1 
ATOM   248 C  CB  . THR A 1 32 ? 9.344   -6.525  5.437   1.00 19.08 ? 49  THR A CB  1 
ATOM   249 O  OG1 . THR A 1 32 ? 8.153   -6.155  6.145   1.00 19.07 ? 49  THR A OG1 1 
ATOM   250 C  CG2 . THR A 1 32 ? 10.516  -6.576  6.420   1.00 16.90 ? 49  THR A CG2 1 
ATOM   251 N  N   . MET A 1 33 ? 7.947   -6.091  2.615   1.00 16.53 ? 50  MET A N   1 
ATOM   252 C  CA  . MET A 1 33 ? 6.690   -5.911  1.904   1.00 16.79 ? 50  MET A CA  1 
ATOM   253 C  C   . MET A 1 33 ? 5.556   -5.831  2.929   1.00 18.80 ? 50  MET A C   1 
ATOM   254 O  O   . MET A 1 33 ? 4.631   -5.027  2.794   1.00 19.19 ? 50  MET A O   1 
ATOM   255 C  CB  . MET A 1 33 ? 6.438   -7.079  0.958   1.00 19.67 ? 50  MET A CB  1 
ATOM   256 C  CG  . MET A 1 33 ? 7.153   -6.974  -0.378  1.00 19.75 ? 50  MET A CG  1 
ATOM   257 S  SD  . MET A 1 33 ? 6.647   -5.497  -1.287  1.00 23.52 ? 50  MET A SD  1 
ATOM   258 C  CE  . MET A 1 33 ? 5.166   -6.088  -2.090  1.00 22.88 ? 50  MET A CE  1 
ATOM   259 N  N   . LYS A 1 34 ? 5.657   -6.667  3.959   1.00 17.56 ? 51  LYS A N   1 
ATOM   260 C  CA  . LYS A 1 34 ? 4.683   -6.742  5.039   1.00 19.48 ? 51  LYS A CA  1 
ATOM   261 C  C   . LYS A 1 34 ? 4.490   -5.390  5.727   1.00 17.88 ? 51  LYS A C   1 
ATOM   262 O  O   . LYS A 1 34 ? 3.365   -4.992  6.041   1.00 16.76 ? 51  LYS A O   1 
ATOM   263 C  CB  . LYS A 1 34 ? 5.141   -7.776  6.074   1.00 22.67 ? 51  LYS A CB  1 
ATOM   264 C  CG  . LYS A 1 34 ? 4.008   -8.575  6.680   1.00 27.90 ? 51  LYS A CG  1 
ATOM   265 C  CD  . LYS A 1 34 ? 4.504   -9.640  7.661   1.00 31.70 ? 51  LYS A CD  1 
ATOM   266 C  CE  . LYS A 1 34 ? 3.397   -10.632 8.014   1.00 34.24 ? 51  LYS A CE  1 
ATOM   267 N  NZ  . LYS A 1 34 ? 2.110   -9.902  8.292   1.00 38.28 ? 51  LYS A NZ  1 
ATOM   268 N  N   . GLU A 1 35 ? 5.593   -4.692  5.964   1.00 15.21 ? 52  GLU A N   1 
ATOM   269 C  CA  . GLU A 1 35 ? 5.551   -3.394  6.622   1.00 15.37 ? 52  GLU A CA  1 
ATOM   270 C  C   . GLU A 1 35 ? 4.921   -2.327  5.728   1.00 14.10 ? 52  GLU A C   1 
ATOM   271 O  O   . GLU A 1 35 ? 4.161   -1.487  6.201   1.00 13.60 ? 52  GLU A O   1 
ATOM   272 C  CB  . GLU A 1 35 ? 6.966   -2.974  7.009   1.00 18.54 ? 52  GLU A CB  1 
ATOM   273 C  CG  . GLU A 1 35 ? 7.651   -4.009  7.869   1.00 27.38 ? 52  GLU A CG  1 
ATOM   274 C  CD  . GLU A 1 35 ? 9.110   -3.704  8.131   1.00 30.61 ? 52  GLU A CD  1 
ATOM   275 O  OE1 . GLU A 1 35 ? 9.897   -3.655  7.168   1.00 32.68 ? 52  GLU A OE1 1 
ATOM   276 O  OE2 . GLU A 1 35 ? 9.468   -3.518  9.313   1.00 35.39 ? 52  GLU A OE2 1 
ATOM   277 N  N   . VAL A 1 36 ? 5.271   -2.361  4.446   1.00 11.53 ? 53  VAL A N   1 
ATOM   278 C  CA  . VAL A 1 36 ? 4.750   -1.421  3.463   1.00 13.05 ? 53  VAL A CA  1 
ATOM   279 C  C   . VAL A 1 36 ? 3.223   -1.515  3.423   1.00 12.29 ? 53  VAL A C   1 
ATOM   280 O  O   . VAL A 1 36 ? 2.536   -0.507  3.566   1.00 10.80 ? 53  VAL A O   1 
ATOM   281 C  CB  . VAL A 1 36 ? 5.337   -1.714  2.038   1.00 12.52 ? 53  VAL A CB  1 
ATOM   282 C  CG1 . VAL A 1 36 ? 4.567   -0.952  0.984   1.00 12.03 ? 53  VAL A CG1 1 
ATOM   283 C  CG2 . VAL A 1 36 ? 6.829   -1.320  1.986   1.00 13.84 ? 53  VAL A CG2 1 
ATOM   284 N  N   . LEU A 1 37 ? 2.705   -2.729  3.238   1.00 13.15 ? 54  LEU A N   1 
ATOM   285 C  CA  . LEU A 1 37 ? 1.261   -2.934  3.184   1.00 15.98 ? 54  LEU A CA  1 
ATOM   286 C  C   . LEU A 1 37 ? 0.614   -2.538  4.507   1.00 14.47 ? 54  LEU A C   1 
ATOM   287 O  O   . LEU A 1 37 ? -0.473  -1.958  4.528   1.00 14.36 ? 54  LEU A O   1 
ATOM   288 C  CB  . LEU A 1 37 ? 0.937   -4.390  2.840   1.00 16.04 ? 54  LEU A CB  1 
ATOM   289 C  CG  . LEU A 1 37 ? 1.083   -4.762  1.354   1.00 16.54 ? 54  LEU A CG  1 
ATOM   290 C  CD1 . LEU A 1 37 ? 0.031   -4.038  0.532   1.00 15.14 ? 54  LEU A CD1 1 
ATOM   291 C  CD2 . LEU A 1 37 ? 2.468   -4.402  0.855   1.00 15.27 ? 54  LEU A CD2 1 
ATOM   292 N  N   . PHE A 1 38 ? 1.294   -2.832  5.610   1.00 14.45 ? 55  PHE A N   1 
ATOM   293 C  CA  . PHE A 1 38 ? 0.765   -2.469  6.916   1.00 14.54 ? 55  PHE A CA  1 
ATOM   294 C  C   . PHE A 1 38 ? 0.502   -0.971  7.010   1.00 13.79 ? 55  PHE A C   1 
ATOM   295 O  O   . PHE A 1 38 ? -0.531  -0.553  7.516   1.00 12.92 ? 55  PHE A O   1 
ATOM   296 C  CB  . PHE A 1 38 ? 1.726   -2.826  8.043   1.00 15.83 ? 55  PHE A CB  1 
ATOM   297 C  CG  . PHE A 1 38 ? 1.243   -2.373  9.395   1.00 17.95 ? 55  PHE A CG  1 
ATOM   298 C  CD1 . PHE A 1 38 ? 0.412   -3.183  10.160  1.00 16.73 ? 55  PHE A CD1 1 
ATOM   299 C  CD2 . PHE A 1 38 ? 1.547   -1.102  9.867   1.00 17.96 ? 55  PHE A CD2 1 
ATOM   300 C  CE1 . PHE A 1 38 ? -0.098  -2.739  11.382  1.00 18.99 ? 55  PHE A CE1 1 
ATOM   301 C  CE2 . PHE A 1 38 ? 1.039   -0.651  11.093  1.00 20.60 ? 55  PHE A CE2 1 
ATOM   302 C  CZ  . PHE A 1 38 ? 0.207   -1.477  11.844  1.00 18.00 ? 55  PHE A CZ  1 
ATOM   303 N  N   . TYR A 1 39 ? 1.455   -0.167  6.547   1.00 11.66 ? 56  TYR A N   1 
ATOM   304 C  CA  . TYR A 1 39 ? 1.300   1.282   6.602   1.00 13.62 ? 56  TYR A CA  1 
ATOM   305 C  C   . TYR A 1 39 ? 0.270   1.744   5.578   1.00 13.57 ? 56  TYR A C   1 
ATOM   306 O  O   . TYR A 1 39 ? -0.416  2.740   5.794   1.00 11.64 ? 56  TYR A O   1 
ATOM   307 C  CB  . TYR A 1 39 ? 2.634   1.994   6.349   1.00 13.72 ? 56  TYR A CB  1 
ATOM   308 C  CG  . TYR A 1 39 ? 3.622   1.959   7.505   1.00 16.29 ? 56  TYR A CG  1 
ATOM   309 C  CD1 . TYR A 1 39 ? 3.490   2.822   8.602   1.00 17.42 ? 56  TYR A CD1 1 
ATOM   310 C  CD2 . TYR A 1 39 ? 4.710   1.084   7.486   1.00 18.05 ? 56  TYR A CD2 1 
ATOM   311 C  CE1 . TYR A 1 39 ? 4.420   2.815   9.644   1.00 16.16 ? 56  TYR A CE1 1 
ATOM   312 C  CE2 . TYR A 1 39 ? 5.640   1.070   8.517   1.00 16.02 ? 56  TYR A CE2 1 
ATOM   313 C  CZ  . TYR A 1 39 ? 5.493   1.935   9.590   1.00 17.09 ? 56  TYR A CZ  1 
ATOM   314 O  OH  . TYR A 1 39 ? 6.440   1.928   10.586  1.00 17.57 ? 56  TYR A OH  1 
ATOM   315 N  N   . LEU A 1 40 ? 0.169   1.016   4.470   1.00 12.97 ? 57  LEU A N   1 
ATOM   316 C  CA  . LEU A 1 40 ? -0.789  1.354   3.431   1.00 14.29 ? 57  LEU A CA  1 
ATOM   317 C  C   . LEU A 1 40 ? -2.189  1.233   4.021   1.00 14.85 ? 57  LEU A C   1 
ATOM   318 O  O   . LEU A 1 40 ? -3.024  2.115   3.855   1.00 11.93 ? 57  LEU A O   1 
ATOM   319 C  CB  . LEU A 1 40 ? -0.643  0.407   2.233   1.00 15.71 ? 57  LEU A CB  1 
ATOM   320 C  CG  . LEU A 1 40 ? -1.446  0.805   1.001   1.00 16.48 ? 57  LEU A CG  1 
ATOM   321 C  CD1 . LEU A 1 40 ? -0.943  2.147   0.500   1.00 17.70 ? 57  LEU A CD1 1 
ATOM   322 C  CD2 . LEU A 1 40 ? -1.307  -0.258  -0.090  1.00 18.60 ? 57  LEU A CD2 1 
ATOM   323 N  N   . GLY A 1 41 ? -2.425  0.137   4.732   1.00 14.58 ? 58  GLY A N   1 
ATOM   324 C  CA  . GLY A 1 41 ? -3.718  -0.073  5.352   1.00 17.14 ? 58  GLY A CA  1 
ATOM   325 C  C   . GLY A 1 41 ? -4.013  0.984   6.398   1.00 17.49 ? 58  GLY A C   1 
ATOM   326 O  O   . GLY A 1 41 ? -5.153  1.439   6.514   1.00 20.50 ? 58  GLY A O   1 
ATOM   327 N  N   . GLN A 1 42 ? -2.997  1.384   7.160   1.00 16.96 ? 59  GLN A N   1 
ATOM   328 C  CA  . GLN A 1 42 ? -3.187  2.398   8.196   1.00 18.00 ? 59  GLN A CA  1 
ATOM   329 C  C   . GLN A 1 42 ? -3.681  3.711   7.588   1.00 18.73 ? 59  GLN A C   1 
ATOM   330 O  O   . GLN A 1 42 ? -4.514  4.401   8.166   1.00 18.28 ? 59  GLN A O   1 
ATOM   331 C  CB  . GLN A 1 42 ? -1.884  2.630   8.959   1.00 17.61 ? 59  GLN A CB  1 
ATOM   332 C  CG  . GLN A 1 42 ? -1.924  3.753   9.996   1.00 19.65 ? 59  GLN A CG  1 
ATOM   333 C  CD  . GLN A 1 42 ? -2.792  3.441   11.213  1.00 20.90 ? 59  GLN A CD  1 
ATOM   334 O  OE1 . GLN A 1 42 ? -3.122  2.286   11.482  1.00 19.59 ? 59  GLN A OE1 1 
ATOM   335 N  NE2 . GLN A 1 42 ? -3.143  4.477   11.964  1.00 22.41 ? 59  GLN A NE2 1 
ATOM   336 N  N   . TYR A 1 43 ? -3.158  4.049   6.417   1.00 18.74 ? 60  TYR A N   1 
ATOM   337 C  CA  . TYR A 1 43 ? -3.564  5.257   5.711   1.00 18.55 ? 60  TYR A CA  1 
ATOM   338 C  C   . TYR A 1 43 ? -5.036  5.104   5.353   1.00 16.94 ? 60  TYR A C   1 
ATOM   339 O  O   . TYR A 1 43 ? -5.849  5.969   5.628   1.00 15.70 ? 60  TYR A O   1 
ATOM   340 C  CB  . TYR A 1 43 ? -2.752  5.407   4.422   1.00 18.35 ? 60  TYR A CB  1 
ATOM   341 C  CG  . TYR A 1 43 ? -3.123  6.617   3.601   1.00 19.85 ? 60  TYR A CG  1 
ATOM   342 C  CD1 . TYR A 1 43 ? -2.822  7.904   4.048   1.00 19.02 ? 60  TYR A CD1 1 
ATOM   343 C  CD2 . TYR A 1 43 ? -3.779  6.484   2.374   1.00 20.80 ? 60  TYR A CD2 1 
ATOM   344 C  CE1 . TYR A 1 43 ? -3.158  9.029   3.301   1.00 18.62 ? 60  TYR A CE1 1 
ATOM   345 C  CE2 . TYR A 1 43 ? -4.119  7.609   1.615   1.00 20.28 ? 60  TYR A CE2 1 
ATOM   346 C  CZ  . TYR A 1 43 ? -3.805  8.878   2.090   1.00 20.41 ? 60  TYR A CZ  1 
ATOM   347 O  OH  . TYR A 1 43 ? -4.141  10.001  1.363   1.00 23.78 ? 60  TYR A OH  1 
ATOM   348 N  N   . ILE A 1 44 ? -5.343  3.972   4.731   1.00 18.02 ? 61  ILE A N   1 
ATOM   349 C  CA  . ILE A 1 44 ? -6.685  3.619   4.300   1.00 19.22 ? 61  ILE A CA  1 
ATOM   350 C  C   . ILE A 1 44 ? -7.709  3.719   5.436   1.00 20.73 ? 61  ILE A C   1 
ATOM   351 O  O   . ILE A 1 44 ? -8.786  4.282   5.266   1.00 18.66 ? 61  ILE A O   1 
ATOM   352 C  CB  . ILE A 1 44 ? -6.699  2.180   3.742   1.00 20.43 ? 61  ILE A CB  1 
ATOM   353 C  CG1 . ILE A 1 44 ? -5.809  2.104   2.497   1.00 22.73 ? 61  ILE A CG1 1 
ATOM   354 C  CG2 . ILE A 1 44 ? -8.131  1.748   3.440   1.00 21.53 ? 61  ILE A CG2 1 
ATOM   355 C  CD1 . ILE A 1 44 ? -5.524  0.699   2.022   1.00 22.28 ? 61  ILE A CD1 1 
ATOM   356 N  N   . MET A 1 45 ? -7.370  3.157   6.586   1.00 21.71 ? 62  MET A N   1 
ATOM   357 C  CA  . MET A 1 45 ? -8.267  3.193   7.725   1.00 23.75 ? 62  MET A CA  1 
ATOM   358 C  C   . MET A 1 45 ? -8.404  4.598   8.268   1.00 24.64 ? 62  MET A C   1 
ATOM   359 O  O   . MET A 1 45 ? -9.510  5.050   8.567   1.00 24.53 ? 62  MET A O   1 
ATOM   360 C  CB  . MET A 1 45 ? -7.778  2.262   8.835   1.00 25.45 ? 62  MET A CB  1 
ATOM   361 C  CG  . MET A 1 45 ? -7.891  0.812   8.472   1.00 28.25 ? 62  MET A CG  1 
ATOM   362 S  SD  . MET A 1 45 ? -9.520  0.505   7.786   1.00 34.79 ? 62  MET A SD  1 
ATOM   363 C  CE  . MET A 1 45 ? -9.685  -1.133  8.047   1.00 35.01 ? 62  MET A CE  1 
ATOM   364 N  N   . THR A 1 46 ? -7.292  5.309   8.376   1.00 25.89 ? 63  THR A N   1 
ATOM   365 C  CA  . THR A 1 46 ? -7.372  6.650   8.921   1.00 28.46 ? 63  THR A CA  1 
ATOM   366 C  C   . THR A 1 46 ? -8.108  7.610   7.993   1.00 29.25 ? 63  THR A C   1 
ATOM   367 O  O   . THR A 1 46 ? -8.691  8.589   8.452   1.00 28.91 ? 63  THR A O   1 
ATOM   368 C  CB  . THR A 1 46 ? -5.975  7.220   9.265   1.00 30.02 ? 63  THR A CB  1 
ATOM   369 O  OG1 . THR A 1 46 ? -5.178  7.322   8.079   1.00 32.43 ? 63  THR A OG1 1 
ATOM   370 C  CG2 . THR A 1 46 ? -5.272  6.323   10.281  1.00 28.87 ? 63  THR A CG2 1 
ATOM   371 N  N   . LYS A 1 47 ? -8.093  7.333   6.694   1.00 28.92 ? 64  LYS A N   1 
ATOM   372 C  CA  . LYS A 1 47 ? -8.788  8.203   5.754   1.00 29.38 ? 64  LYS A CA  1 
ATOM   373 C  C   . LYS A 1 47 ? -10.115 7.580   5.347   1.00 28.80 ? 64  LYS A C   1 
ATOM   374 O  O   . LYS A 1 47 ? -10.839 8.115   4.509   1.00 29.77 ? 64  LYS A O   1 
ATOM   375 C  CB  . LYS A 1 47 ? -7.921  8.473   4.523   1.00 30.17 ? 64  LYS A CB  1 
ATOM   376 C  CG  . LYS A 1 47 ? -6.627  9.221   4.831   1.00 32.99 ? 64  LYS A CG  1 
ATOM   377 C  CD  . LYS A 1 47 ? -6.900  10.552  5.517   1.00 37.21 ? 64  LYS A CD  1 
ATOM   378 C  CE  . LYS A 1 47 ? -5.625  11.379  5.667   1.00 36.74 ? 64  LYS A CE  1 
ATOM   379 N  NZ  . LYS A 1 47 ? -5.904  12.714  6.270   1.00 39.08 ? 64  LYS A NZ  1 
ATOM   380 N  N   . ARG A 1 48 ? -10.439 6.447   5.959   1.00 27.65 ? 65  ARG A N   1 
ATOM   381 C  CA  . ARG A 1 48 ? -11.681 5.769   5.656   1.00 27.20 ? 65  ARG A CA  1 
ATOM   382 C  C   . ARG A 1 48 ? -11.847 5.573   4.145   1.00 26.05 ? 65  ARG A C   1 
ATOM   383 O  O   . ARG A 1 48 ? -12.942 5.757   3.619   1.00 25.75 ? 65  ARG A O   1 
ATOM   384 C  CB  . ARG A 1 48 ? -12.852 6.590   6.196   1.00 27.61 ? 65  ARG A CB  1 
ATOM   385 C  CG  . ARG A 1 48 ? -12.913 6.681   7.717   1.00 34.39 ? 65  ARG A CG  1 
ATOM   386 C  CD  . ARG A 1 48 ? -13.837 7.810   8.173   1.00 37.26 ? 65  ARG A CD  1 
ATOM   387 N  NE  . ARG A 1 48 ? -14.091 7.771   9.610   1.00 40.82 ? 65  ARG A NE  1 
ATOM   388 C  CZ  . ARG A 1 48 ? -14.532 8.805   10.325  1.00 44.24 ? 65  ARG A CZ  1 
ATOM   389 N  NH1 . ARG A 1 48 ? -14.765 9.977   9.735   1.00 46.23 ? 65  ARG A NH1 1 
ATOM   390 N  NH2 . ARG A 1 48 ? -14.765 8.665   11.627  1.00 44.93 ? 65  ARG A NH2 1 
ATOM   391 N  N   . LEU A 1 49 ? -10.771 5.220   3.445   1.00 22.72 ? 66  LEU A N   1 
ATOM   392 C  CA  . LEU A 1 49 ? -10.860 5.000   1.998   1.00 22.64 ? 66  LEU A CA  1 
ATOM   393 C  C   . LEU A 1 49 ? -11.386 3.590   1.744   1.00 21.82 ? 66  LEU A C   1 
ATOM   394 O  O   . LEU A 1 49 ? -10.653 2.696   1.304   1.00 22.70 ? 66  LEU A O   1 
ATOM   395 C  CB  . LEU A 1 49 ? -9.493  5.167   1.327   1.00 19.96 ? 66  LEU A CB  1 
ATOM   396 C  CG  . LEU A 1 49 ? -8.759  6.499   1.524   1.00 18.41 ? 66  LEU A CG  1 
ATOM   397 C  CD1 . LEU A 1 49 ? -7.490  6.498   0.694   1.00 17.65 ? 66  LEU A CD1 1 
ATOM   398 C  CD2 . LEU A 1 49 ? -9.666  7.662   1.125   1.00 17.83 ? 66  LEU A CD2 1 
ATOM   399 N  N   . TYR A 1 50 ? -12.668 3.393   2.023   1.00 21.86 ? 67  TYR A N   1 
ATOM   400 C  CA  . TYR A 1 50 ? -13.276 2.083   1.848   1.00 22.11 ? 67  TYR A CA  1 
ATOM   401 C  C   . TYR A 1 50 ? -14.804 2.111   1.711   1.00 23.12 ? 67  TYR A C   1 
ATOM   402 O  O   . TYR A 1 50 ? -15.450 3.111   2.039   1.00 19.22 ? 67  TYR A O   1 
ATOM   403 C  CB  . TYR A 1 50 ? -12.862 1.179   3.014   1.00 22.96 ? 67  TYR A CB  1 
ATOM   404 C  CG  . TYR A 1 50 ? -13.052 1.779   4.398   1.00 25.35 ? 67  TYR A CG  1 
ATOM   405 C  CD1 . TYR A 1 50 ? -14.324 2.124   4.870   1.00 24.98 ? 67  TYR A CD1 1 
ATOM   406 C  CD2 . TYR A 1 50 ? -11.959 1.967   5.250   1.00 24.85 ? 67  TYR A CD2 1 
ATOM   407 C  CE1 . TYR A 1 50 ? -14.498 2.639   6.158   1.00 25.54 ? 67  TYR A CE1 1 
ATOM   408 C  CE2 . TYR A 1 50 ? -12.123 2.479   6.536   1.00 25.27 ? 67  TYR A CE2 1 
ATOM   409 C  CZ  . TYR A 1 50 ? -13.393 2.813   6.983   1.00 26.65 ? 67  TYR A CZ  1 
ATOM   410 O  OH  . TYR A 1 50 ? -13.555 3.318   8.247   1.00 26.35 ? 67  TYR A OH  1 
ATOM   411 N  N   . ASP A 1 51 ? -15.365 1.012   1.207   1.00 22.08 ? 68  ASP A N   1 
ATOM   412 C  CA  . ASP A 1 51 ? -16.813 0.898   1.036   1.00 28.27 ? 68  ASP A CA  1 
ATOM   413 C  C   . ASP A 1 51 ? -17.462 0.611   2.389   1.00 29.10 ? 68  ASP A C   1 
ATOM   414 O  O   . ASP A 1 51 ? -16.769 0.285   3.345   1.00 28.71 ? 68  ASP A O   1 
ATOM   415 C  CB  . ASP A 1 51 ? -17.161 -0.194  0.012   1.00 28.15 ? 68  ASP A CB  1 
ATOM   416 C  CG  . ASP A 1 51 ? -16.761 -1.585  0.463   1.00 31.14 ? 68  ASP A CG  1 
ATOM   417 O  OD1 . ASP A 1 51 ? -15.945 -1.727  1.393   1.00 32.23 ? 68  ASP A OD1 1 
ATOM   418 O  OD2 . ASP A 1 51 ? -17.260 -2.553  -0.135  1.00 32.99 ? 68  ASP A OD2 1 
ATOM   419 N  N   . GLU A 1 52 ? -18.787 0.729   2.473   1.00 33.77 ? 69  GLU A N   1 
ATOM   420 C  CA  . GLU A 1 52 ? -19.489 0.532   3.749   1.00 35.01 ? 69  GLU A CA  1 
ATOM   421 C  C   . GLU A 1 52 ? -19.030 -0.655  4.566   1.00 35.78 ? 69  GLU A C   1 
ATOM   422 O  O   . GLU A 1 52 ? -18.669 -0.491  5.734   1.00 37.94 ? 69  GLU A O   1 
ATOM   423 C  CB  . GLU A 1 52 ? -21.006 0.429   3.551   1.00 37.58 ? 69  GLU A CB  1 
ATOM   424 C  CG  . GLU A 1 52 ? -21.617 1.635   2.851   1.00 40.43 ? 69  GLU A CG  1 
ATOM   425 C  CD  . GLU A 1 52 ? -21.371 1.598   1.371   1.00 42.40 ? 69  GLU A CD  1 
ATOM   426 O  OE1 . GLU A 1 52 ? -21.916 0.673   0.725   1.00 44.14 ? 69  GLU A OE1 1 
ATOM   427 O  OE2 . GLU A 1 52 ? -20.635 2.475   0.861   1.00 42.59 ? 69  GLU A OE2 1 
ATOM   428 N  N   . LYS A 1 53 ? -19.046 -1.849  3.975   1.00 35.33 ? 70  LYS A N   1 
ATOM   429 C  CA  . LYS A 1 53 ? -18.636 -3.051  4.703   1.00 34.97 ? 70  LYS A CA  1 
ATOM   430 C  C   . LYS A 1 53 ? -17.132 -3.329  4.687   1.00 33.44 ? 70  LYS A C   1 
ATOM   431 O  O   . LYS A 1 53 ? -16.708 -4.466  4.915   1.00 32.66 ? 70  LYS A O   1 
ATOM   432 C  CB  . LYS A 1 53 ? -19.362 -4.314  4.187   1.00 36.54 ? 70  LYS A CB  1 
ATOM   433 C  CG  . LYS A 1 53 ? -20.659 -4.677  4.928   1.00 37.81 ? 70  LYS A CG  1 
ATOM   434 C  CD  . LYS A 1 53 ? -21.244 -6.048  4.514   1.00 39.80 ? 70  LYS A CD  1 
ATOM   435 C  CE  . LYS A 1 53 ? -20.819 -7.201  5.426   1.00 40.68 ? 70  LYS A CE  1 
ATOM   436 N  NZ  . LYS A 1 53 ? -21.408 -8.507  4.962   1.00 44.24 ? 70  LYS A NZ  1 
ATOM   437 N  N   . GLN A 1 54 ? -16.330 -2.301  4.418   1.00 32.07 ? 71  GLN A N   1 
ATOM   438 C  CA  . GLN A 1 54 ? -14.876 -2.440  4.421   1.00 31.73 ? 71  GLN A CA  1 
ATOM   439 C  C   . GLN A 1 54 ? -14.413 -3.634  3.598   1.00 31.42 ? 71  GLN A C   1 
ATOM   440 O  O   . GLN A 1 54 ? -13.434 -4.286  3.941   1.00 30.80 ? 71  GLN A O   1 
ATOM   441 C  CB  . GLN A 1 54 ? -14.361 -2.592  5.861   1.00 30.49 ? 71  GLN A CB  1 
ATOM   442 C  CG  . GLN A 1 54 ? -14.791 -1.474  6.809   1.00 34.59 ? 71  GLN A CG  1 
ATOM   443 C  CD  . GLN A 1 54 ? -13.961 -1.406  8.098   1.00 36.53 ? 71  GLN A CD  1 
ATOM   444 O  OE1 . GLN A 1 54 ? -14.010 -0.407  8.835   1.00 38.02 ? 71  GLN A OE1 1 
ATOM   445 N  NE2 . GLN A 1 54 ? -13.199 -2.459  8.370   1.00 36.44 ? 71  GLN A NE2 1 
ATOM   446 N  N   . GLN A 1 55 ? -15.113 -3.893  2.498   1.00 32.68 ? 72  GLN A N   1 
ATOM   447 C  CA  . GLN A 1 55 ? -14.789 -4.998  1.607   1.00 32.77 ? 72  GLN A CA  1 
ATOM   448 C  C   . GLN A 1 55 ? -14.010 -4.536  0.381   1.00 32.62 ? 72  GLN A C   1 
ATOM   449 O  O   . GLN A 1 55 ? -13.360 -5.345  -0.303  1.00 32.27 ? 72  GLN A O   1 
ATOM   450 C  CB  . GLN A 1 55 ? -16.078 -5.682  1.155   1.00 36.41 ? 72  GLN A CB  1 
ATOM   451 C  CG  . GLN A 1 55 ? -16.825 -6.443  2.247   1.00 37.98 ? 72  GLN A CG  1 
ATOM   452 C  CD  . GLN A 1 55 ? -18.126 -7.080  1.751   1.00 40.59 ? 72  GLN A CD  1 
ATOM   453 O  OE1 . GLN A 1 55 ? -18.630 -8.032  2.361   1.00 41.32 ? 72  GLN A OE1 1 
ATOM   454 N  NE2 . GLN A 1 55 ? -18.689 -6.540  0.661   1.00 40.34 ? 72  GLN A NE2 1 
ATOM   455 N  N   . HIS A 1 56 ? -14.080 -3.236  0.107   1.00 30.42 ? 73  HIS A N   1 
ATOM   456 C  CA  . HIS A 1 56 ? -13.381 -2.668  -1.034  1.00 27.90 ? 73  HIS A CA  1 
ATOM   457 C  C   . HIS A 1 56 ? -12.723 -1.329  -0.725  1.00 24.69 ? 73  HIS A C   1 
ATOM   458 O  O   . HIS A 1 56 ? -13.273 -0.487  -0.022  1.00 25.26 ? 73  HIS A O   1 
ATOM   459 C  CB  . HIS A 1 56 ? -14.330 -2.471  -2.214  1.00 30.86 ? 73  HIS A CB  1 
ATOM   460 C  CG  . HIS A 1 56 ? -14.902 -3.745  -2.748  1.00 33.30 ? 73  HIS A CG  1 
ATOM   461 N  ND1 . HIS A 1 56 ? -16.094 -4.259  -2.307  1.00 34.55 ? 73  HIS A ND1 1 
ATOM   462 C  CD2 . HIS A 1 56 ? -14.401 -4.633  -3.642  1.00 34.42 ? 73  HIS A CD2 1 
ATOM   463 C  CE1 . HIS A 1 56 ? -16.311 -5.424  -2.906  1.00 34.92 ? 73  HIS A CE1 1 
ATOM   464 N  NE2 . HIS A 1 56 ? -15.300 -5.669  -3.714  1.00 35.16 ? 73  HIS A NE2 1 
ATOM   465 N  N   . ILE A 1 57 ? -11.533 -1.140  -1.263  1.00 22.40 ? 74  ILE A N   1 
ATOM   466 C  CA  . ILE A 1 57 ? -10.819 0.090   -1.058  1.00 18.72 ? 74  ILE A CA  1 
ATOM   467 C  C   . ILE A 1 57 ? -11.356 1.103   -2.063  1.00 18.53 ? 74  ILE A C   1 
ATOM   468 O  O   . ILE A 1 57 ? -11.417 0.822   -3.254  1.00 17.48 ? 74  ILE A O   1 
ATOM   469 C  CB  . ILE A 1 57 ? -9.291  -0.122  -1.253  1.00 19.78 ? 74  ILE A CB  1 
ATOM   470 C  CG1 . ILE A 1 57 ? -8.688  -0.711  0.021   1.00 21.42 ? 74  ILE A CG1 1 
ATOM   471 C  CG2 . ILE A 1 57 ? -8.602  1.197   -1.565  1.00 18.53 ? 74  ILE A CG2 1 
ATOM   472 C  CD1 . ILE A 1 57 ? -8.858  -2.178  0.167   1.00 25.88 ? 74  ILE A CD1 1 
ATOM   473 N  N   . VAL A 1 58 ? -11.750 2.278   -1.574  1.00 15.69 ? 75  VAL A N   1 
ATOM   474 C  CA  . VAL A 1 58 ? -12.261 3.355   -2.424  1.00 17.77 ? 75  VAL A CA  1 
ATOM   475 C  C   . VAL A 1 58 ? -11.524 4.649   -2.164  1.00 17.25 ? 75  VAL A C   1 
ATOM   476 O  O   . VAL A 1 58 ? -11.657 5.230   -1.105  1.00 17.47 ? 75  VAL A O   1 
ATOM   477 C  CB  . VAL A 1 58 ? -13.760 3.607   -2.181  1.00 19.42 ? 75  VAL A CB  1 
ATOM   478 C  CG1 . VAL A 1 58 ? -14.271 4.659   -3.167  1.00 20.90 ? 75  VAL A CG1 1 
ATOM   479 C  CG2 . VAL A 1 58 ? -14.559 2.325   -2.329  1.00 18.78 ? 75  VAL A CG2 1 
ATOM   480 N  N   . TYR A 1 59 ? -10.731 5.094   -3.126  1.00 17.44 ? 76  TYR A N   1 
ATOM   481 C  CA  . TYR A 1 59 ? -9.987  6.323   -2.919  1.00 19.64 ? 76  TYR A CA  1 
ATOM   482 C  C   . TYR A 1 59 ? -10.375 7.406   -3.924  1.00 22.95 ? 76  TYR A C   1 
ATOM   483 O  O   . TYR A 1 59 ? -11.064 7.132   -4.914  1.00 25.36 ? 76  TYR A O   1 
ATOM   484 C  CB  . TYR A 1 59 ? -8.486  6.072   -3.013  1.00 17.31 ? 76  TYR A CB  1 
ATOM   485 C  CG  . TYR A 1 59 ? -8.073  5.482   -4.328  1.00 13.26 ? 76  TYR A CG  1 
ATOM   486 C  CD1 . TYR A 1 59 ? -8.237  4.123   -4.588  1.00 15.19 ? 76  TYR A CD1 1 
ATOM   487 C  CD2 . TYR A 1 59 ? -7.522  6.283   -5.321  1.00 15.93 ? 76  TYR A CD2 1 
ATOM   488 C  CE1 . TYR A 1 59 ? -7.853  3.573   -5.812  1.00 16.76 ? 76  TYR A CE1 1 
ATOM   489 C  CE2 . TYR A 1 59 ? -7.135  5.744   -6.546  1.00 18.03 ? 76  TYR A CE2 1 
ATOM   490 C  CZ  . TYR A 1 59 ? -7.305  4.390   -6.780  1.00 18.08 ? 76  TYR A CZ  1 
ATOM   491 O  OH  . TYR A 1 59 ? -6.912  3.838   -7.969  1.00 21.68 ? 76  TYR A OH  1 
ATOM   492 N  N   . CYS A 1 60 ? -9.903  8.628   -3.677  1.00 23.32 ? 77  CYS A N   1 
ATOM   493 C  CA  . CYS A 1 60 ? -10.214 9.768   -4.537  1.00 26.47 ? 77  CYS A CA  1 
ATOM   494 C  C   . CYS A 1 60 ? -9.006  10.397  -5.220  1.00 25.31 ? 77  CYS A C   1 
ATOM   495 O  O   . CYS A 1 60 ? -7.861  10.125  -4.870  1.00 24.36 ? 77  CYS A O   1 
ATOM   496 C  CB  . CYS A 1 60 ? -10.932 10.836  -3.724  1.00 27.56 ? 77  CYS A CB  1 
ATOM   497 S  SG  . CYS A 1 60 ? -12.466 10.294  -3.013  1.00 38.67 ? 77  CYS A SG  1 
ATOM   498 N  N   . SER A 1 61 ? -9.287  11.250  -6.200  1.00 25.53 ? 78  SER A N   1 
ATOM   499 C  CA  . SER A 1 61 ? -8.247  11.938  -6.959  1.00 25.75 ? 78  SER A CA  1 
ATOM   500 C  C   . SER A 1 61 ? -7.498  12.908  -6.072  1.00 26.05 ? 78  SER A C   1 
ATOM   501 O  O   . SER A 1 61 ? -6.405  13.358  -6.410  1.00 26.87 ? 78  SER A O   1 
ATOM   502 C  CB  . SER A 1 61 ? -8.855  12.715  -8.141  1.00 24.23 ? 78  SER A CB  1 
ATOM   503 O  OG  . SER A 1 61 ? -9.654  13.794  -7.711  1.00 22.66 ? 78  SER A OG  1 
ATOM   504 N  N   . ASN A 1 62 ? -8.104  13.225  -4.934  1.00 27.36 ? 79  ASN A N   1 
ATOM   505 C  CA  . ASN A 1 62 ? -7.522  14.165  -3.992  1.00 30.46 ? 79  ASN A CA  1 
ATOM   506 C  C   . ASN A 1 62 ? -6.664  13.560  -2.893  1.00 30.44 ? 79  ASN A C   1 
ATOM   507 O  O   . ASN A 1 62 ? -5.982  14.293  -2.189  1.00 32.10 ? 79  ASN A O   1 
ATOM   508 C  CB  . ASN A 1 62 ? -8.613  15.023  -3.330  1.00 30.02 ? 79  ASN A CB  1 
ATOM   509 C  CG  . ASN A 1 62 ? -9.629  14.195  -2.558  1.00 32.12 ? 79  ASN A CG  1 
ATOM   510 O  OD1 . ASN A 1 62 ? -10.035 14.554  -1.455  1.00 35.70 ? 79  ASN A OD1 1 
ATOM   511 N  ND2 . ASN A 1 62 ? -10.064 13.101  -3.146  1.00 35.10 ? 79  ASN A ND2 1 
ATOM   512 N  N   . ASP A 1 63 ? -6.668  12.247  -2.707  1.00 30.20 ? 80  ASP A N   1 
ATOM   513 C  CA  . ASP A 1 63 ? -5.836  11.740  -1.621  1.00 29.41 ? 80  ASP A CA  1 
ATOM   514 C  C   . ASP A 1 63 ? -4.455  11.299  -2.060  1.00 29.16 ? 80  ASP A C   1 
ATOM   515 O  O   . ASP A 1 63 ? -4.104  11.428  -3.232  1.00 31.00 ? 80  ASP A O   1 
ATOM   516 C  CB  . ASP A 1 63 ? -6.540  10.619  -0.852  1.00 29.83 ? 80  ASP A CB  1 
ATOM   517 C  CG  . ASP A 1 63 ? -7.095  9.555   -1.748  1.00 30.32 ? 80  ASP A CG  1 
ATOM   518 O  OD1 . ASP A 1 63 ? -6.380  9.138   -2.683  1.00 28.50 ? 80  ASP A OD1 1 
ATOM   519 O  OD2 . ASP A 1 63 ? -8.253  9.139   -1.504  1.00 30.48 ? 80  ASP A OD2 1 
ATOM   520 N  N   . LEU A 1 64 ? -3.663  10.798  -1.118  1.00 26.33 ? 81  LEU A N   1 
ATOM   521 C  CA  . LEU A 1 64 ? -2.313  10.358  -1.445  1.00 25.31 ? 81  LEU A CA  1 
ATOM   522 C  C   . LEU A 1 64 ? -2.268  9.040   -2.185  1.00 24.15 ? 81  LEU A C   1 
ATOM   523 O  O   . LEU A 1 64 ? -1.298  8.757   -2.889  1.00 24.48 ? 81  LEU A O   1 
ATOM   524 C  CB  . LEU A 1 64 ? -1.452  10.292  -0.185  1.00 24.82 ? 81  LEU A CB  1 
ATOM   525 C  CG  . LEU A 1 64 ? -1.066  11.673  0.355   1.00 24.19 ? 81  LEU A CG  1 
ATOM   526 C  CD1 . LEU A 1 64 ? -0.122  11.544  1.550   1.00 25.59 ? 81  LEU A CD1 1 
ATOM   527 C  CD2 . LEU A 1 64 ? -0.396  12.453  -0.762  1.00 25.47 ? 81  LEU A CD2 1 
ATOM   528 N  N   . LEU A 1 65 ? -3.316  8.240   -2.032  1.00 23.11 ? 82  LEU A N   1 
ATOM   529 C  CA  . LEU A 1 65 ? -3.385  6.962   -2.723  1.00 22.90 ? 82  LEU A CA  1 
ATOM   530 C  C   . LEU A 1 65 ? -3.686  7.219   -4.199  1.00 23.14 ? 82  LEU A C   1 
ATOM   531 O  O   . LEU A 1 65 ? -3.134  6.574   -5.073  1.00 20.70 ? 82  LEU A O   1 
ATOM   532 C  CB  . LEU A 1 65 ? -4.493  6.095   -2.140  1.00 25.73 ? 82  LEU A CB  1 
ATOM   533 C  CG  . LEU A 1 65 ? -4.098  4.633   -1.913  1.00 28.92 ? 82  LEU A CG  1 
ATOM   534 C  CD1 . LEU A 1 65 ? -5.323  3.823   -1.498  1.00 28.64 ? 82  LEU A CD1 1 
ATOM   535 C  CD2 . LEU A 1 65 ? -3.490  4.062   -3.187  1.00 30.20 ? 82  LEU A CD2 1 
ATOM   536 N  N   . GLY A 1 66 ? -4.572  8.168   -4.470  1.00 22.74 ? 83  GLY A N   1 
ATOM   537 C  CA  . GLY A 1 66 ? -4.898  8.483   -5.846  1.00 24.32 ? 83  GLY A CA  1 
ATOM   538 C  C   . GLY A 1 66 ? -3.626  8.858   -6.574  1.00 24.39 ? 83  GLY A C   1 
ATOM   539 O  O   . GLY A 1 66 ? -3.402  8.452   -7.702  1.00 23.40 ? 83  GLY A O   1 
ATOM   540 N  N   . ASP A 1 67 ? -2.784  9.645   -5.917  1.00 25.18 ? 84  ASP A N   1 
ATOM   541 C  CA  . ASP A 1 67 ? -1.531  10.076  -6.516  1.00 28.36 ? 84  ASP A CA  1 
ATOM   542 C  C   . ASP A 1 67 ? -0.575  8.918   -6.752  1.00 27.44 ? 84  ASP A C   1 
ATOM   543 O  O   . ASP A 1 67 ? 0.168   8.915   -7.736  1.00 26.83 ? 84  ASP A O   1 
ATOM   544 C  CB  . ASP A 1 67 ? -0.811  11.092  -5.626  1.00 31.76 ? 84  ASP A CB  1 
ATOM   545 C  CG  . ASP A 1 67 ? -1.637  12.322  -5.369  1.00 36.08 ? 84  ASP A CG  1 
ATOM   546 O  OD1 . ASP A 1 67 ? -2.361  12.749  -6.294  1.00 38.40 ? 84  ASP A OD1 1 
ATOM   547 O  OD2 . ASP A 1 67 ? -1.575  12.871  -4.247  1.00 37.50 ? 84  ASP A OD2 1 
ATOM   548 N  N   . LEU A 1 68 ? -0.595  7.940   -5.851  1.00 28.97 ? 85  LEU A N   1 
ATOM   549 C  CA  . LEU A 1 68 ? 0.301   6.796   -5.946  1.00 30.85 ? 85  LEU A CA  1 
ATOM   550 C  C   . LEU A 1 68 ? 0.486   6.325   -7.380  1.00 31.93 ? 85  LEU A C   1 
ATOM   551 O  O   . LEU A 1 68 ? -0.469  5.946   -8.041  1.00 35.35 ? 85  LEU A O   1 
ATOM   552 C  CB  . LEU A 1 68 ? -0.228  5.655   -5.094  1.00 28.27 ? 85  LEU A CB  1 
ATOM   553 C  CG  . LEU A 1 68 ? 0.897   4.882   -4.430  1.00 29.12 ? 85  LEU A CG  1 
ATOM   554 C  CD1 . LEU A 1 68 ? 1.582   5.789   -3.414  1.00 28.74 ? 85  LEU A CD1 1 
ATOM   555 C  CD2 . LEU A 1 68 ? 0.342   3.643   -3.747  1.00 25.85 ? 85  LEU A CD2 1 
ATOM   556 N  N   . GLY A 1 70 ? -8.490  5.429   -16.348 1.00 39.15 ? 87  GLY A N   1 
ATOM   557 C  CA  . GLY A 1 70 ? -8.711  4.028   -16.016 1.00 37.44 ? 87  GLY A CA  1 
ATOM   558 C  C   . GLY A 1 70 ? -8.115  3.680   -14.665 1.00 37.97 ? 87  GLY A C   1 
ATOM   559 O  O   . GLY A 1 70 ? -7.214  2.851   -14.556 1.00 36.83 ? 87  GLY A O   1 
ATOM   560 N  N   . VAL A 1 71 ? -8.646  4.315   -13.627 1.00 37.31 ? 88  VAL A N   1 
ATOM   561 C  CA  . VAL A 1 71 ? -8.187  4.117   -12.255 1.00 37.27 ? 88  VAL A CA  1 
ATOM   562 C  C   . VAL A 1 71 ? -8.393  2.674   -11.763 1.00 36.96 ? 88  VAL A C   1 
ATOM   563 O  O   . VAL A 1 71 ? -9.373  2.022   -12.123 1.00 37.14 ? 88  VAL A O   1 
ATOM   564 C  CB  . VAL A 1 71 ? -8.896  5.108   -11.327 1.00 36.77 ? 88  VAL A CB  1 
ATOM   565 C  CG1 . VAL A 1 71 ? -8.807  6.506   -11.915 1.00 35.02 ? 88  VAL A CG1 1 
ATOM   566 C  CG2 . VAL A 1 71 ? -10.340 4.695   -11.132 1.00 36.12 ? 88  VAL A CG2 1 
ATOM   567 N  N   . PRO A 1 72 ? -7.446  2.144   -10.958 1.00 37.00 ? 89  PRO A N   1 
ATOM   568 C  CA  . PRO A 1 72 ? -7.595  0.767   -10.469 1.00 36.71 ? 89  PRO A CA  1 
ATOM   569 C  C   . PRO A 1 72 ? -8.421  0.627   -9.168  1.00 35.88 ? 89  PRO A C   1 
ATOM   570 O  O   . PRO A 1 72 ? -8.242  1.383   -8.203  1.00 36.39 ? 89  PRO A O   1 
ATOM   571 C  CB  . PRO A 1 72 ? -6.141  0.321   -10.295 1.00 36.64 ? 89  PRO A CB  1 
ATOM   572 C  CG  . PRO A 1 72 ? -5.512  1.609   -9.735  1.00 36.51 ? 89  PRO A CG  1 
ATOM   573 C  CD  . PRO A 1 72 ? -6.082  2.647   -10.685 1.00 37.11 ? 89  PRO A CD  1 
ATOM   574 N  N   . SER A 1 73 ? -9.345  -0.329  -9.175  1.00 35.66 ? 90  SER A N   1 
ATOM   575 C  CA  . SER A 1 73 ? -10.185 -0.609  -8.019  1.00 35.40 ? 90  SER A CA  1 
ATOM   576 C  C   . SER A 1 73 ? -9.703  -1.892  -7.349  1.00 34.59 ? 90  SER A C   1 
ATOM   577 O  O   . SER A 1 73 ? -9.491  -2.909  -8.026  1.00 36.86 ? 90  SER A O   1 
ATOM   578 C  CB  . SER A 1 73 ? -11.648 -0.725  -8.442  1.00 35.90 ? 90  SER A CB  1 
ATOM   579 O  OG  . SER A 1 73 ? -12.192 0.584   -8.580  1.00 37.69 ? 90  SER A OG  1 
ATOM   580 N  N   . PHE A 1 74 ? -9.490  -1.842  -6.037  1.00 31.39 ? 91  PHE A N   1 
ATOM   581 C  CA  . PHE A 1 74 ? -9.002  -3.009  -5.326  1.00 28.99 ? 91  PHE A CA  1 
ATOM   582 C  C   . PHE A 1 74 ? -9.993  -3.520  -4.306  1.00 27.89 ? 91  PHE A C   1 
ATOM   583 O  O   . PHE A 1 74 ? -10.738 -2.762  -3.672  1.00 28.36 ? 91  PHE A O   1 
ATOM   584 C  CB  . PHE A 1 74 ? -7.683  -2.720  -4.578  1.00 27.78 ? 91  PHE A CB  1 
ATOM   585 C  CG  . PHE A 1 74 ? -6.591  -2.180  -5.448  1.00 29.11 ? 91  PHE A CG  1 
ATOM   586 C  CD1 . PHE A 1 74 ? -6.491  -0.810  -5.682  1.00 30.40 ? 91  PHE A CD1 1 
ATOM   587 C  CD2 . PHE A 1 74 ? -5.658  -3.037  -6.038  1.00 29.42 ? 91  PHE A CD2 1 
ATOM   588 C  CE1 . PHE A 1 74 ? -5.498  -0.297  -6.510  1.00 29.50 ? 91  PHE A CE1 1 
ATOM   589 C  CE2 . PHE A 1 74 ? -4.659  -2.545  -6.868  1.00 29.05 ? 91  PHE A CE2 1 
ATOM   590 C  CZ  . PHE A 1 74 ? -4.566  -1.168  -7.102  1.00 32.46 ? 91  PHE A CZ  1 
ATOM   591 N  N   . SER A 1 75 ? -10.002 -4.832  -4.178  1.00 26.09 ? 92  SER A N   1 
ATOM   592 C  CA  . SER A 1 75 ? -10.828 -5.500  -3.194  1.00 26.15 ? 92  SER A CA  1 
ATOM   593 C  C   . SER A 1 75 ? -9.829  -5.803  -2.069  1.00 27.27 ? 92  SER A C   1 
ATOM   594 O  O   . SER A 1 75 ? -8.636  -5.894  -2.346  1.00 25.20 ? 92  SER A O   1 
ATOM   595 C  CB  . SER A 1 75 ? -11.416 -6.783  -3.796  1.00 29.13 ? 92  SER A CB  1 
ATOM   596 O  OG  . SER A 1 75 ? -11.588 -7.808  -2.817  1.00 28.57 ? 92  SER A OG  1 
ATOM   597 N  N   . VAL A 1 76 ? -10.285 -5.914  -0.819  1.00 27.94 ? 93  VAL A N   1 
ATOM   598 C  CA  . VAL A 1 76 ? -9.369  -6.151  0.294   1.00 30.66 ? 93  VAL A CA  1 
ATOM   599 C  C   . VAL A 1 76 ? -8.804  -7.552  0.354   1.00 31.28 ? 93  VAL A C   1 
ATOM   600 O  O   . VAL A 1 76 ? -7.859  -7.802  1.094   1.00 30.70 ? 93  VAL A O   1 
ATOM   601 C  CB  . VAL A 1 76 ? -10.041 -5.878  1.618   1.00 32.31 ? 93  VAL A CB  1 
ATOM   602 C  CG1 . VAL A 1 76 ? -10.542 -4.441  1.644   1.00 30.91 ? 93  VAL A CG1 1 
ATOM   603 C  CG2 . VAL A 1 76 ? -11.182 -6.876  1.820   1.00 31.14 ? 93  VAL A CG2 1 
ATOM   604 N  N   . LYS A 1 77 ? -9.352  -8.458  -0.449  1.00 34.00 ? 94  LYS A N   1 
ATOM   605 C  CA  . LYS A 1 77 ? -8.896  -9.844  -0.435  1.00 34.97 ? 94  LYS A CA  1 
ATOM   606 C  C   . LYS A 1 77 ? -8.011  -10.230 -1.608  1.00 36.16 ? 94  LYS A C   1 
ATOM   607 O  O   . LYS A 1 77 ? -7.430  -11.325 -1.623  1.00 37.60 ? 94  LYS A O   1 
ATOM   608 C  CB  . LYS A 1 77 ? -10.098 -10.789 -0.368  1.00 35.67 ? 94  LYS A CB  1 
ATOM   609 C  CG  . LYS A 1 77 ? -10.949 -10.646 0.892   1.00 35.26 ? 94  LYS A CG  1 
ATOM   610 C  CD  . LYS A 1 77 ? -11.927 -11.825 1.041   1.00 36.59 ? 94  LYS A CD  1 
ATOM   611 C  CE  . LYS A 1 77 ? -12.939 -11.597 2.167   1.00 36.84 ? 94  LYS A CE  1 
ATOM   612 N  NZ  . LYS A 1 77 ? -13.855 -12.756 2.420   1.00 38.82 ? 94  LYS A NZ  1 
ATOM   613 N  N   . GLU A 1 78 ? -7.896  -9.340  -2.586  1.00 36.64 ? 95  GLU A N   1 
ATOM   614 C  CA  . GLU A 1 78 ? -7.071  -9.616  -3.746  1.00 35.72 ? 95  GLU A CA  1 
ATOM   615 C  C   . GLU A 1 78 ? -5.628  -9.272  -3.429  1.00 35.08 ? 95  GLU A C   1 
ATOM   616 O  O   . GLU A 1 78 ? -5.053  -8.351  -4.019  1.00 33.83 ? 95  GLU A O   1 
ATOM   617 C  CB  . GLU A 1 78 ? -7.549  -8.784  -4.920  1.00 37.01 ? 95  GLU A CB  1 
ATOM   618 C  CG  . GLU A 1 78 ? -9.011  -8.938  -5.215  1.00 40.81 ? 95  GLU A CG  1 
ATOM   619 C  CD  . GLU A 1 78 ? -9.390  -8.298  -6.531  1.00 43.89 ? 95  GLU A CD  1 
ATOM   620 O  OE1 . GLU A 1 78 ? -9.110  -8.910  -7.591  1.00 44.74 ? 95  GLU A OE1 1 
ATOM   621 O  OE2 . GLU A 1 78 ? -9.962  -7.184  -6.507  1.00 44.34 ? 95  GLU A OE2 1 
ATOM   622 N  N   . HIS A 1 79 ? -5.050  -10.028 -2.504  1.00 32.93 ? 96  HIS A N   1 
ATOM   623 C  CA  . HIS A 1 79 ? -3.680  -9.803  -2.080  1.00 32.81 ? 96  HIS A CA  1 
ATOM   624 C  C   . HIS A 1 79 ? -2.701  -9.665  -3.220  1.00 32.54 ? 96  HIS A C   1 
ATOM   625 O  O   . HIS A 1 79 ? -2.032  -8.644  -3.343  1.00 32.73 ? 96  HIS A O   1 
ATOM   626 C  CB  . HIS A 1 79 ? -3.226  -10.926 -1.158  1.00 30.53 ? 96  HIS A CB  1 
ATOM   627 C  CG  . HIS A 1 79 ? -3.790  -10.831 0.215   1.00 29.55 ? 96  HIS A CG  1 
ATOM   628 N  ND1 . HIS A 1 79 ? -5.045  -10.303 0.467   1.00 29.69 ? 96  HIS A ND1 1 
ATOM   629 C  CD2 . HIS A 1 79 ? -3.306  -11.215 1.420   1.00 31.49 ? 96  HIS A CD2 1 
ATOM   630 C  CE1 . HIS A 1 79 ? -5.300  -10.374 1.757   1.00 30.48 ? 96  HIS A CE1 1 
ATOM   631 N  NE2 . HIS A 1 79 ? -4.259  -10.925 2.360   1.00 32.00 ? 96  HIS A NE2 1 
ATOM   632 N  N   . ARG A 1 80 ? -2.603  -10.705 -4.035  1.00 32.47 ? 97  ARG A N   1 
ATOM   633 C  CA  . ARG A 1 80 ? -1.679  -10.703 -5.149  1.00 31.64 ? 97  ARG A CA  1 
ATOM   634 C  C   . ARG A 1 80 ? -1.705  -9.383  -5.899  1.00 31.48 ? 97  ARG A C   1 
ATOM   635 O  O   . ARG A 1 80 ? -0.707  -8.675  -5.971  1.00 30.63 ? 97  ARG A O   1 
ATOM   636 C  CB  . ARG A 1 80 ? -2.000  -11.865 -6.103  1.00 31.21 ? 97  ARG A CB  1 
ATOM   637 C  CG  . ARG A 1 80 ? -1.155  -11.890 -7.368  1.00 31.72 ? 97  ARG A CG  1 
ATOM   638 C  CD  . ARG A 1 80 ? 0.312   -11.666 -7.057  1.00 31.65 ? 97  ARG A CD  1 
ATOM   639 N  NE  . ARG A 1 80 ? 0.876   -12.674 -6.158  1.00 31.82 ? 97  ARG A NE  1 
ATOM   640 C  CZ  . ARG A 1 80 ? 2.093   -12.586 -5.628  1.00 33.18 ? 97  ARG A CZ  1 
ATOM   641 N  NH1 . ARG A 1 80 ? 2.856   -11.541 -5.906  1.00 33.75 ? 97  ARG A NH1 1 
ATOM   642 N  NH2 . ARG A 1 80 ? 2.553   -13.531 -4.822  1.00 34.58 ? 97  ARG A NH2 1 
ATOM   643 N  N   . LYS A 1 81 ? -2.865  -9.062  -6.456  1.00 30.41 ? 98  LYS A N   1 
ATOM   644 C  CA  . LYS A 1 81 ? -3.052  -7.837  -7.223  1.00 31.03 ? 98  LYS A CA  1 
ATOM   645 C  C   . LYS A 1 81 ? -2.560  -6.581  -6.491  1.00 29.46 ? 98  LYS A C   1 
ATOM   646 O  O   . LYS A 1 81 ? -2.020  -5.668  -7.120  1.00 29.68 ? 98  LYS A O   1 
ATOM   647 C  CB  . LYS A 1 81 ? -4.531  -7.690  -7.595  1.00 32.63 ? 98  LYS A CB  1 
ATOM   648 C  CG  . LYS A 1 81 ? -4.995  -6.266  -7.805  1.00 35.38 ? 98  LYS A CG  1 
ATOM   649 C  CD  . LYS A 1 81 ? -6.393  -6.240  -8.389  1.00 38.38 ? 98  LYS A CD  1 
ATOM   650 C  CE  . LYS A 1 81 ? -6.950  -4.840  -8.486  1.00 40.01 ? 98  LYS A CE  1 
ATOM   651 N  NZ  . LYS A 1 81 ? -8.049  -4.801  -9.476  1.00 42.17 ? 98  LYS A NZ  1 
ATOM   652 N  N   . ILE A 1 82 ? -2.735  -6.523  -5.175  1.00 27.35 ? 99  ILE A N   1 
ATOM   653 C  CA  . ILE A 1 82 ? -2.263  -5.358  -4.437  1.00 25.99 ? 99  ILE A CA  1 
ATOM   654 C  C   . ILE A 1 82 ? -0.746  -5.363  -4.441  1.00 25.46 ? 99  ILE A C   1 
ATOM   655 O  O   . ILE A 1 82 ? -0.123  -4.333  -4.624  1.00 23.74 ? 99  ILE A O   1 
ATOM   656 C  CB  . ILE A 1 82 ? -2.738  -5.369  -2.990  1.00 24.24 ? 99  ILE A CB  1 
ATOM   657 C  CG1 . ILE A 1 82 ? -4.262  -5.464  -2.955  1.00 24.95 ? 99  ILE A CG1 1 
ATOM   658 C  CG2 . ILE A 1 82 ? -2.281  -4.086  -2.298  1.00 22.56 ? 99  ILE A CG2 1 
ATOM   659 C  CD1 . ILE A 1 82 ? -4.827  -5.745  -1.593  1.00 27.08 ? 99  ILE A CD1 1 
ATOM   660 N  N   . TYR A 1 83 ? -0.156  -6.540  -4.261  1.00 24.88 ? 100 TYR A N   1 
ATOM   661 C  CA  . TYR A 1 83 ? 1.295   -6.653  -4.243  1.00 25.11 ? 100 TYR A CA  1 
ATOM   662 C  C   . TYR A 1 83 ? 1.909   -6.210  -5.553  1.00 26.55 ? 100 TYR A C   1 
ATOM   663 O  O   . TYR A 1 83 ? 2.926   -5.523  -5.575  1.00 27.13 ? 100 TYR A O   1 
ATOM   664 C  CB  . TYR A 1 83 ? 1.708   -8.084  -3.964  1.00 22.85 ? 100 TYR A CB  1 
ATOM   665 C  CG  . TYR A 1 83 ? 2.114   -8.305  -2.544  1.00 23.84 ? 100 TYR A CG  1 
ATOM   666 C  CD1 . TYR A 1 83 ? 1.258   -7.976  -1.495  1.00 23.05 ? 100 TYR A CD1 1 
ATOM   667 C  CD2 . TYR A 1 83 ? 3.357   -8.839  -2.239  1.00 21.94 ? 100 TYR A CD2 1 
ATOM   668 C  CE1 . TYR A 1 83 ? 1.635   -8.183  -0.182  1.00 23.54 ? 100 TYR A CE1 1 
ATOM   669 C  CE2 . TYR A 1 83 ? 3.745   -9.044  -0.933  1.00 24.01 ? 100 TYR A CE2 1 
ATOM   670 C  CZ  . TYR A 1 83 ? 2.887   -8.718  0.091   1.00 24.37 ? 100 TYR A CZ  1 
ATOM   671 O  OH  . TYR A 1 83 ? 3.283   -8.929  1.388   1.00 27.25 ? 100 TYR A OH  1 
ATOM   672 N  N   . THR A 1 84 ? 1.285   -6.611  -6.649  1.00 26.67 ? 101 THR A N   1 
ATOM   673 C  CA  . THR A 1 84 ? 1.774   -6.251  -7.967  1.00 29.24 ? 101 THR A CA  1 
ATOM   674 C  C   . THR A 1 84 ? 1.827   -4.736  -8.141  1.00 29.14 ? 101 THR A C   1 
ATOM   675 O  O   . THR A 1 84 ? 2.838   -4.190  -8.562  1.00 29.21 ? 101 THR A O   1 
ATOM   676 C  CB  . THR A 1 84 ? 0.878   -6.870  -9.067  1.00 30.21 ? 101 THR A CB  1 
ATOM   677 O  OG1 . THR A 1 84 ? 0.947   -8.297  -8.977  1.00 31.54 ? 101 THR A OG1 1 
ATOM   678 C  CG2 . THR A 1 84 ? 1.330   -6.426  -10.456 1.00 31.10 ? 101 THR A CG2 1 
ATOM   679 N  N   . MET A 1 85 ? 0.739   -4.051  -7.814  1.00 28.88 ? 102 MET A N   1 
ATOM   680 C  CA  . MET A 1 85 ? 0.713   -2.602  -7.956  1.00 29.17 ? 102 MET A CA  1 
ATOM   681 C  C   . MET A 1 85 ? 1.850   -2.022  -7.097  1.00 28.41 ? 102 MET A C   1 
ATOM   682 O  O   . MET A 1 85 ? 2.616   -1.165  -7.550  1.00 29.12 ? 102 MET A O   1 
ATOM   683 C  CB  . MET A 1 85 ? -0.654  -2.061  -7.505  1.00 30.26 ? 102 MET A CB  1 
ATOM   684 C  CG  . MET A 1 85 ? -0.755  -1.663  -6.036  1.00 34.04 ? 102 MET A CG  1 
ATOM   685 S  SD  . MET A 1 85 ? 0.021   -0.053  -5.792  1.00 37.46 ? 102 MET A SD  1 
ATOM   686 C  CE  . MET A 1 85 ? -1.143  0.769   -4.704  1.00 38.11 ? 102 MET A CE  1 
ATOM   687 N  N   . ILE A 1 86 ? 1.948   -2.504  -5.862  1.00 25.94 ? 103 ILE A N   1 
ATOM   688 C  CA  . ILE A 1 86 ? 2.976   -2.058  -4.947  1.00 24.43 ? 103 ILE A CA  1 
ATOM   689 C  C   . ILE A 1 86 ? 4.365   -2.224  -5.575  1.00 24.82 ? 103 ILE A C   1 
ATOM   690 O  O   . ILE A 1 86 ? 5.183   -1.306  -5.546  1.00 22.88 ? 103 ILE A O   1 
ATOM   691 C  CB  . ILE A 1 86 ? 2.901   -2.867  -3.644  1.00 24.51 ? 103 ILE A CB  1 
ATOM   692 C  CG1 . ILE A 1 86 ? 1.738   -2.355  -2.779  1.00 27.09 ? 103 ILE A CG1 1 
ATOM   693 C  CG2 . ILE A 1 86 ? 4.214   -2.756  -2.883  1.00 26.26 ? 103 ILE A CG2 1 
ATOM   694 C  CD1 . ILE A 1 86 ? 2.107   -1.234  -1.812  1.00 26.94 ? 103 ILE A CD1 1 
ATOM   695 N  N   . TYR A 1 87 ? 4.620   -3.400  -6.144  1.00 24.43 ? 104 TYR A N   1 
ATOM   696 C  CA  . TYR A 1 87 ? 5.909   -3.686  -6.755  1.00 26.87 ? 104 TYR A CA  1 
ATOM   697 C  C   . TYR A 1 87 ? 6.335   -2.624  -7.761  1.00 26.57 ? 104 TYR A C   1 
ATOM   698 O  O   . TYR A 1 87 ? 7.528   -2.413  -7.994  1.00 26.60 ? 104 TYR A O   1 
ATOM   699 C  CB  . TYR A 1 87 ? 5.880   -5.068  -7.396  1.00 28.29 ? 104 TYR A CB  1 
ATOM   700 C  CG  . TYR A 1 87 ? 6.046   -6.189  -6.391  1.00 30.68 ? 104 TYR A CG  1 
ATOM   701 C  CD1 . TYR A 1 87 ? 7.101   -6.174  -5.475  1.00 31.69 ? 104 TYR A CD1 1 
ATOM   702 C  CD2 . TYR A 1 87 ? 5.177   -7.281  -6.377  1.00 32.88 ? 104 TYR A CD2 1 
ATOM   703 C  CE1 . TYR A 1 87 ? 7.294   -7.225  -4.572  1.00 34.41 ? 104 TYR A CE1 1 
ATOM   704 C  CE2 . TYR A 1 87 ? 5.360   -8.349  -5.475  1.00 35.19 ? 104 TYR A CE2 1 
ATOM   705 C  CZ  . TYR A 1 87 ? 6.421   -8.311  -4.576  1.00 36.51 ? 104 TYR A CZ  1 
ATOM   706 O  OH  . TYR A 1 87 ? 6.623   -9.351  -3.685  1.00 39.17 ? 104 TYR A OH  1 
ATOM   707 N  N   . ARG A 1 88 ? 5.360   -1.944  -8.357  1.00 26.88 ? 105 ARG A N   1 
ATOM   708 C  CA  . ARG A 1 88 ? 5.677   -0.860  -9.294  1.00 27.13 ? 105 ARG A CA  1 
ATOM   709 C  C   . ARG A 1 88 ? 6.214   0.378   -8.555  1.00 25.65 ? 105 ARG A C   1 
ATOM   710 O  O   . ARG A 1 88 ? 6.921   1.194   -9.148  1.00 25.81 ? 105 ARG A O   1 
ATOM   711 C  CB  . ARG A 1 88 ? 4.431   -0.387  -10.080 1.00 29.61 ? 105 ARG A CB  1 
ATOM   712 C  CG  . ARG A 1 88 ? 3.810   -1.364  -11.077 1.00 35.42 ? 105 ARG A CG  1 
ATOM   713 C  CD  . ARG A 1 88 ? 2.840   -0.638  -11.977 1.00 39.15 ? 105 ARG A CD  1 
ATOM   714 N  NE  . ARG A 1 88 ? 3.501   -0.263  -13.246 1.00 43.67 ? 105 ARG A NE  1 
ATOM   715 C  CZ  . ARG A 1 88 ? 3.046   0.644   -14.106 1.00 44.82 ? 105 ARG A CZ  1 
ATOM   716 N  NH1 . ARG A 1 88 ? 1.921   1.291   -13.821 1.00 47.60 ? 105 ARG A NH1 1 
ATOM   717 N  NH2 . ARG A 1 88 ? 3.685   0.856   -15.259 1.00 45.58 ? 105 ARG A NH2 1 
ATOM   718 N  N   . ASN A 1 89 ? 5.839   0.535   -7.285  1.00 21.57 ? 106 ASN A N   1 
ATOM   719 C  CA  . ASN A 1 89 ? 6.229   1.720   -6.513  1.00 19.41 ? 106 ASN A CA  1 
ATOM   720 C  C   . ASN A 1 89 ? 7.417   1.575   -5.582  1.00 18.84 ? 106 ASN A C   1 
ATOM   721 O  O   . ASN A 1 89 ? 7.561   2.302   -4.595  1.00 15.64 ? 106 ASN A O   1 
ATOM   722 C  CB  . ASN A 1 89 ? 5.018   2.243   -5.738  1.00 19.06 ? 106 ASN A CB  1 
ATOM   723 C  CG  . ASN A 1 89 ? 3.842   2.517   -6.646  1.00 21.84 ? 106 ASN A CG  1 
ATOM   724 O  OD1 . ASN A 1 89 ? 3.087   1.608   -6.998  1.00 24.23 ? 106 ASN A OD1 1 
ATOM   725 N  ND2 . ASN A 1 89 ? 3.699   3.763   -7.060  1.00 18.45 ? 106 ASN A ND2 1 
ATOM   726 N  N   . LEU A 1 90 ? 8.285   0.635   -5.912  1.00 18.87 ? 107 LEU A N   1 
ATOM   727 C  CA  . LEU A 1 90 ? 9.468   0.413   -5.106  1.00 19.43 ? 107 LEU A CA  1 
ATOM   728 C  C   . LEU A 1 90 ? 10.559  -0.320  -5.875  1.00 19.86 ? 107 LEU A C   1 
ATOM   729 O  O   . LEU A 1 90 ? 10.385  -0.700  -7.025  1.00 18.79 ? 107 LEU A O   1 
ATOM   730 C  CB  . LEU A 1 90 ? 9.087   -0.363  -3.839  1.00 20.41 ? 107 LEU A CB  1 
ATOM   731 C  CG  . LEU A 1 90 ? 8.447   -1.725  -4.110  1.00 22.67 ? 107 LEU A CG  1 
ATOM   732 C  CD1 . LEU A 1 90 ? 9.539   -2.739  -4.412  1.00 20.93 ? 107 LEU A CD1 1 
ATOM   733 C  CD2 . LEU A 1 90 ? 7.650   -2.180  -2.913  1.00 21.56 ? 107 LEU A CD2 1 
ATOM   734 N  N   . VAL A 1 91 ? 11.694  -0.497  -5.224  1.00 20.73 ? 108 VAL A N   1 
ATOM   735 C  CA  . VAL A 1 91 ? 12.812  -1.196  -5.810  1.00 25.74 ? 108 VAL A CA  1 
ATOM   736 C  C   . VAL A 1 91 ? 13.309  -2.123  -4.721  1.00 27.89 ? 108 VAL A C   1 
ATOM   737 O  O   . VAL A 1 91 ? 13.518  -1.696  -3.596  1.00 28.37 ? 108 VAL A O   1 
ATOM   738 C  CB  . VAL A 1 91 ? 13.937  -0.210  -6.231  1.00 26.02 ? 108 VAL A CB  1 
ATOM   739 C  CG1 . VAL A 1 91 ? 15.285  -0.871  -6.047  1.00 27.32 ? 108 VAL A CG1 1 
ATOM   740 C  CG2 . VAL A 1 91 ? 13.752  0.207   -7.689  1.00 23.89 ? 108 VAL A CG2 1 
ATOM   741 N  N   . VAL A 1 92 ? 13.493  -3.390  -5.054  1.00 31.93 ? 109 VAL A N   1 
ATOM   742 C  CA  . VAL A 1 92 ? 13.945  -4.366  -4.076  1.00 34.49 ? 109 VAL A CA  1 
ATOM   743 C  C   . VAL A 1 92 ? 15.355  -4.022  -3.607  1.00 36.34 ? 109 VAL A C   1 
ATOM   744 O  O   . VAL A 1 92 ? 16.080  -3.287  -4.278  1.00 37.70 ? 109 VAL A O   1 
ATOM   745 C  CB  . VAL A 1 92 ? 13.918  -5.766  -4.691  1.00 36.16 ? 109 VAL A CB  1 
ATOM   746 C  CG1 . VAL A 1 92 ? 14.198  -6.828  -3.635  1.00 36.31 ? 109 VAL A CG1 1 
ATOM   747 C  CG2 . VAL A 1 92 ? 12.549  -5.997  -5.333  1.00 36.29 ? 109 VAL A CG2 1 
ATOM   748 N  N   . VAL A 1 93 ? 15.717  -4.524  -2.431  1.00 38.04 ? 110 VAL A N   1 
ATOM   749 C  CA  . VAL A 1 93 ? 17.034  -4.319  -1.841  1.00 39.80 ? 110 VAL A CA  1 
ATOM   750 C  C   . VAL A 1 93 ? 17.697  -5.680  -1.710  1.00 40.97 ? 110 VAL A C   1 
ATOM   751 O  O   . VAL A 1 93 ? 17.561  -6.272  -0.620  1.00 42.57 ? 110 VAL A O   1 
ATOM   752 C  CB  . VAL A 1 93 ? 16.967  -3.689  -0.427  1.00 39.33 ? 110 VAL A CB  1 
ATOM   753 C  CG1 . VAL A 1 93 ? 18.376  -3.660  0.190   1.00 39.72 ? 110 VAL A CG1 1 
ATOM   754 C  CG2 . VAL A 1 93 ? 16.415  -2.285  -0.504  1.00 37.86 ? 110 VAL A CG2 1 
HETATM 755 C  C3  . 1MQ B 2 .  ? -5.251  -4.495  2.434   1.00 31.55 ? 201 1MQ A C3  1 
HETATM 756 C  C2  . 1MQ B 2 .  ? -5.138  -3.818  1.238   1.00 34.11 ? 201 1MQ A C2  1 
HETATM 757 C  C1  . 1MQ B 2 .  ? -4.176  -2.814  1.111   1.00 34.16 ? 201 1MQ A C1  1 
HETATM 758 CL CL1 . 1MQ B 2 .  ? -4.068  -2.063  -0.436  1.00 44.36 ? 201 1MQ A CL1 1 
HETATM 759 C  C4  . 1MQ B 2 .  ? -3.312  -2.446  2.149   1.00 31.76 ? 201 1MQ A C4  1 
HETATM 760 C  C5  . 1MQ B 2 .  ? -3.442  -3.142  3.343   1.00 29.05 ? 201 1MQ A C5  1 
HETATM 761 C  C6  . 1MQ B 2 .  ? -4.404  -4.166  3.494   1.00 30.72 ? 201 1MQ A C6  1 
HETATM 762 C  C7  . 1MQ B 2 .  ? -4.590  -4.979  4.748   1.00 29.80 ? 201 1MQ A C7  1 
HETATM 763 N  N1  . 1MQ B 2 .  ? -3.334  -5.579  5.149   1.00 32.45 ? 201 1MQ A N1  1 
HETATM 764 C  C8  . 1MQ B 2 .  ? -2.760  -6.763  4.463   1.00 35.58 ? 201 1MQ A C8  1 
HETATM 765 C  C9  . 1MQ B 2 .  ? -2.637  -5.038  6.206   1.00 29.40 ? 201 1MQ A C9  1 
HETATM 766 O  O1  . 1MQ B 2 .  ? -1.655  -5.623  6.663   1.00 29.29 ? 201 1MQ A O1  1 
HETATM 767 C  C10 . 1MQ B 2 .  ? -3.058  -3.695  6.852   1.00 26.86 ? 201 1MQ A C10 1 
HETATM 768 C  C11 . 1MQ B 2 .  ? -3.071  -3.901  8.407   1.00 23.46 ? 201 1MQ A C11 1 
HETATM 769 C  C12 . 1MQ B 2 .  ? -3.835  -2.848  9.159   1.00 22.51 ? 201 1MQ A C12 1 
HETATM 770 C  C13 . 1MQ B 2 .  ? -5.183  -3.028  9.492   1.00 20.60 ? 201 1MQ A C13 1 
HETATM 771 C  C14 . 1MQ B 2 .  ? -5.878  -2.026  10.189  1.00 20.09 ? 201 1MQ A C14 1 
HETATM 772 C  C15 . 1MQ B 2 .  ? -5.201  -0.844  10.546  1.00 19.49 ? 201 1MQ A C15 1 
HETATM 773 C  C16 . 1MQ B 2 .  ? -3.853  -0.670  10.208  1.00 21.33 ? 201 1MQ A C16 1 
HETATM 774 C  C17 . 1MQ B 2 .  ? -3.173  -1.670  9.519   1.00 21.02 ? 201 1MQ A C17 1 
HETATM 775 O  O2  . 1MQ B 2 .  ? -4.223  -3.144  6.312   1.00 27.76 ? 201 1MQ A O2  1 
HETATM 776 C  C18 . 1MQ B 2 .  ? -5.165  -4.131  5.929   1.00 30.33 ? 201 1MQ A C18 1 
HETATM 777 C  C19 . 1MQ B 2 .  ? -6.521  -3.571  5.620   1.00 32.11 ? 201 1MQ A C19 1 
HETATM 778 C  C20 . 1MQ B 2 .  ? -7.611  -4.450  5.517   1.00 33.85 ? 201 1MQ A C20 1 
HETATM 779 C  C21 . 1MQ B 2 .  ? -8.889  -3.971  5.164   1.00 37.24 ? 201 1MQ A C21 1 
HETATM 780 C  C22 . 1MQ B 2 .  ? -9.029  -2.582  4.921   1.00 38.55 ? 201 1MQ A C22 1 
HETATM 781 CL CL2 . 1MQ B 2 .  ? -10.544 -1.770  4.470   1.00 47.15 ? 201 1MQ A CL2 1 
HETATM 782 C  C23 . 1MQ B 2 .  ? -7.960  -1.697  5.024   1.00 37.05 ? 201 1MQ A C23 1 
HETATM 783 C  C24 . 1MQ B 2 .  ? -6.706  -2.198  5.377   1.00 34.66 ? 201 1MQ A C24 1 
HETATM 784 C  C25 . 1MQ B 2 .  ? -2.989  -6.957  2.924   1.00 33.92 ? 201 1MQ A C25 1 
HETATM 785 C  C26 . 1MQ B 2 .  ? -3.369  -7.938  5.194   1.00 38.12 ? 201 1MQ A C26 1 
HETATM 786 O  O3  . 1MQ B 2 .  ? -2.820  -8.628  6.020   1.00 41.75 ? 201 1MQ A O3  1 
HETATM 787 O  O4  . 1MQ B 2 .  ? -4.642  -8.156  4.810   1.00 42.58 ? 201 1MQ A O4  1 
HETATM 788 C  C27 . 1MQ B 2 .  ? -1.763  -7.001  1.972   1.00 35.00 ? 201 1MQ A C27 1 
HETATM 789 C  C28 . 1MQ B 2 .  ? -2.101  -7.167  0.468   1.00 33.22 ? 201 1MQ A C28 1 
HETATM 790 F  F1  . 1MQ B 2 .  ? -5.812  0.158   11.216  1.00 22.88 ? 201 1MQ A F1  1 
HETATM 791 O  O   . HOH C 3 .  ? -8.939  -3.530  8.651   1.00 24.37 ? 301 HOH A O   1 
HETATM 792 O  O   . HOH C 3 .  ? -3.964  3.190   -6.179  1.00 39.71 ? 302 HOH A O   1 
HETATM 793 O  O   . HOH C 3 .  ? -2.713  3.698   -8.182  1.00 27.13 ? 303 HOH A O   1 
HETATM 794 O  O   . HOH C 3 .  ? 0.453   -2.882  -11.881 1.00 71.39 ? 304 HOH A O   1 
HETATM 795 O  O   . HOH C 3 .  ? -13.600 6.856   -0.490  1.00 31.02 ? 305 HOH A O   1 
HETATM 796 O  O   . HOH C 3 .  ? -2.519  -1.708  -9.929  1.00 36.21 ? 306 HOH A O   1 
HETATM 797 O  O   . HOH C 3 .  ? -7.061  18.651  -5.911  1.00 60.11 ? 307 HOH A O   1 
HETATM 798 O  O   . HOH C 3 .  ? 12.542  4.769   0.195   1.00 26.26 ? 308 HOH A O   1 
HETATM 799 O  O   . HOH C 3 .  ? -13.628 -8.316  3.439   1.00 49.47 ? 309 HOH A O   1 
HETATM 800 O  O   . HOH C 3 .  ? 15.486  5.535   -0.196  1.00 52.68 ? 310 HOH A O   1 
HETATM 801 O  O   . HOH C 3 .  ? 14.460  -3.888  -8.430  1.00 30.69 ? 311 HOH A O   1 
HETATM 802 O  O   . HOH C 3 .  ? 7.374   -4.306  12.157  1.00 27.51 ? 312 HOH A O   1 
HETATM 803 O  O   . HOH C 3 .  ? 13.201  -8.694  7.164   1.00 51.38 ? 313 HOH A O   1 
HETATM 804 O  O   . HOH C 3 .  ? 1.129   -6.258  6.487   1.00 24.75 ? 314 HOH A O   1 
HETATM 805 O  O   . HOH C 3 .  ? 1.077   -8.012  4.281   1.00 30.28 ? 315 HOH A O   1 
HETATM 806 O  O   . HOH C 3 .  ? 6.267   6.080   -8.262  1.00 40.61 ? 316 HOH A O   1 
HETATM 807 O  O   . HOH C 3 .  ? 2.769   14.430  1.544   1.00 46.14 ? 317 HOH A O   1 
HETATM 808 O  O   . HOH C 3 .  ? 16.043  4.729   6.766   1.00 46.23 ? 318 HOH A O   1 
HETATM 809 O  O   . HOH C 3 .  ? 7.915   -0.694  10.687  1.00 34.80 ? 319 HOH A O   1 
HETATM 810 O  O   . HOH C 3 .  ? 16.760  2.307   6.354   1.00 62.54 ? 320 HOH A O   1 
HETATM 811 O  O   . HOH C 3 .  ? 21.152  6.704   1.774   1.00 48.01 ? 321 HOH A O   1 
HETATM 812 O  O   . HOH C 3 .  ? -12.408 -3.678  -5.791  1.00 49.20 ? 322 HOH A O   1 
HETATM 813 O  O   . HOH C 3 .  ? 4.184   -4.890  -10.661 1.00 36.90 ? 323 HOH A O   1 
HETATM 814 O  O   . HOH C 3 .  ? 18.828  7.546   0.978   1.00 67.84 ? 324 HOH A O   1 
HETATM 815 O  O   . HOH C 3 .  ? 19.110  3.873   3.989   1.00 31.61 ? 325 HOH A O   1 
HETATM 816 O  O   . HOH C 3 .  ? 19.815  -3.695  -2.965  1.00 48.81 ? 326 HOH A O   1 
HETATM 817 O  O   . HOH C 3 .  ? 9.017   2.754   10.468  1.00 34.21 ? 327 HOH A O   1 
HETATM 818 O  O   . HOH C 3 .  ? 2.929   -3.677  -13.068 1.00 41.99 ? 328 HOH A O   1 
HETATM 819 O  O   . HOH C 3 .  ? -15.344 -9.135  -1.998  1.00 48.81 ? 329 HOH A O   1 
HETATM 820 O  O   . HOH C 3 .  ? -1.816  -4.444  -9.774  1.00 31.26 ? 330 HOH A O   1 
HETATM 821 O  O   . HOH C 3 .  ? -8.440  -7.779  -11.820 1.00 42.90 ? 331 HOH A O   1 
HETATM 822 O  O   . HOH C 3 .  ? 4.369   -15.045 10.369  1.00 41.33 ? 332 HOH A O   1 
HETATM 823 O  O   . HOH C 3 .  ? -11.535 -15.421 0.659   1.00 40.96 ? 333 HOH A O   1 
HETATM 824 O  O   . HOH C 3 .  ? 7.231   -12.769 7.236   1.00 70.42 ? 334 HOH A O   1 
HETATM 825 O  O   . HOH C 3 .  ? 15.647  -10.224 1.297   1.00 45.54 ? 335 HOH A O   1 
HETATM 826 O  O   . HOH C 3 .  ? -0.747  -6.736  9.332   1.00 28.63 ? 336 HOH A O   1 
HETATM 827 O  O   . HOH C 3 .  ? -4.510  17.049  -6.237  1.00 43.41 ? 337 HOH A O   1 
HETATM 828 O  O   . HOH C 3 .  ? 1.452   9.467   -2.803  1.00 29.87 ? 338 HOH A O   1 
HETATM 829 O  O   . HOH C 3 .  ? 1.358   -8.245  11.069  1.00 26.22 ? 339 HOH A O   1 
HETATM 830 O  O   . HOH C 3 .  ? 6.056   7.966   13.752  1.00 29.52 ? 340 HOH A O   1 
# 
